data_3BP3
# 
_entry.id   3BP3 
# 
_audit_conform.dict_name       mmcif_pdbx.dic 
_audit_conform.dict_version    5.399 
_audit_conform.dict_location   http://mmcif.pdb.org/dictionaries/ascii/mmcif_pdbx.dic 
# 
loop_
_database_2.database_id 
_database_2.database_code 
_database_2.pdbx_database_accession 
_database_2.pdbx_DOI 
PDB   3BP3         pdb_00003bp3 10.2210/pdb3bp3/pdb 
RCSB  RCSB045790   ?            ?                   
WWPDB D_1000045790 ?            ?                   
# 
loop_
_pdbx_audit_revision_history.ordinal 
_pdbx_audit_revision_history.data_content_type 
_pdbx_audit_revision_history.major_revision 
_pdbx_audit_revision_history.minor_revision 
_pdbx_audit_revision_history.revision_date 
1 'Structure model' 1 0 2008-11-04 
2 'Structure model' 1 1 2011-07-13 
3 'Structure model' 1 2 2024-11-20 
# 
_pdbx_audit_revision_details.ordinal             1 
_pdbx_audit_revision_details.revision_ordinal    1 
_pdbx_audit_revision_details.data_content_type   'Structure model' 
_pdbx_audit_revision_details.provider            repository 
_pdbx_audit_revision_details.type                'Initial release' 
_pdbx_audit_revision_details.description         ? 
_pdbx_audit_revision_details.details             ? 
# 
loop_
_pdbx_audit_revision_group.ordinal 
_pdbx_audit_revision_group.revision_ordinal 
_pdbx_audit_revision_group.data_content_type 
_pdbx_audit_revision_group.group 
1 2 'Structure model' 'Version format compliance' 
2 3 'Structure model' 'Data collection'           
3 3 'Structure model' 'Database references'       
4 3 'Structure model' 'Derived calculations'      
5 3 'Structure model' 'Structure summary'         
# 
loop_
_pdbx_audit_revision_category.ordinal 
_pdbx_audit_revision_category.revision_ordinal 
_pdbx_audit_revision_category.data_content_type 
_pdbx_audit_revision_category.category 
1 3 'Structure model' chem_comp_atom            
2 3 'Structure model' chem_comp_bond            
3 3 'Structure model' database_2                
4 3 'Structure model' pdbx_entry_details        
5 3 'Structure model' pdbx_modification_feature 
6 3 'Structure model' struct_conn               
7 3 'Structure model' struct_site               
# 
loop_
_pdbx_audit_revision_item.ordinal 
_pdbx_audit_revision_item.revision_ordinal 
_pdbx_audit_revision_item.data_content_type 
_pdbx_audit_revision_item.item 
1 3 'Structure model' '_database_2.pdbx_DOI'                
2 3 'Structure model' '_database_2.pdbx_database_accession' 
3 3 'Structure model' '_struct_conn.pdbx_leaving_atom_flag' 
4 3 'Structure model' '_struct_site.pdbx_auth_asym_id'      
5 3 'Structure model' '_struct_site.pdbx_auth_comp_id'      
6 3 'Structure model' '_struct_site.pdbx_auth_seq_id'       
# 
_pdbx_database_status.status_code                     REL 
_pdbx_database_status.entry_id                        3BP3 
_pdbx_database_status.recvd_initial_deposition_date   2007-12-18 
_pdbx_database_status.deposit_site                    RCSB 
_pdbx_database_status.process_site                    PDBJ 
_pdbx_database_status.status_code_sf                  REL 
_pdbx_database_status.status_code_mr                  ? 
_pdbx_database_status.SG_entry                        ? 
_pdbx_database_status.pdb_format_compatible           Y 
_pdbx_database_status.status_code_cs                  ? 
_pdbx_database_status.status_code_nmr_data            ? 
_pdbx_database_status.methods_development_category    ? 
# 
loop_
_audit_author.name 
_audit_author.pdbx_ordinal 
'Cha, S.S.'  1 
'Jung, H.I.' 2 
'An, Y.J.'   3 
# 
_citation.id                        primary 
_citation.title                     
'Analyses of Mlc-IIBGlc interaction and a plausible molecular mechanism of Mlc inactivation by membrane sequestration.' 
_citation.journal_abbrev            Proc.Natl.Acad.Sci.Usa 
_citation.journal_volume            105 
_citation.page_first                3751 
_citation.page_last                 3756 
_citation.year                      2008 
_citation.journal_id_ASTM           PNASA6 
_citation.country                   US 
_citation.journal_id_ISSN           0027-8424 
_citation.journal_id_CSD            0040 
_citation.book_publisher            ? 
_citation.pdbx_database_id_PubMed   18319344 
_citation.pdbx_database_id_DOI      10.1073/pnas.0709295105 
# 
loop_
_citation_author.citation_id 
_citation_author.name 
_citation_author.ordinal 
_citation_author.identifier_ORCID 
primary 'Nam, T.W.'  1 ? 
primary 'Jung, H.I.' 2 ? 
primary 'An, Y.J.'   3 ? 
primary 'Park, Y.H.' 4 ? 
primary 'Lee, S.H.'  5 ? 
primary 'Seok, Y.J.' 6 ? 
primary 'Cha, S.S.'  7 ? 
# 
loop_
_entity.id 
_entity.type 
_entity.src_method 
_entity.pdbx_description 
_entity.formula_weight 
_entity.pdbx_number_of_molecules 
_entity.pdbx_ec 
_entity.pdbx_mutation 
_entity.pdbx_fragment 
_entity.details 
1 polymer     man 'Glucose-specific phosphotransferase enzyme IIB component' 8582.432 2   2.7.1.69 ? ? ? 
2 non-polymer syn 'SULFATE ION'                                              96.063   2   ?        ? ? ? 
3 water       nat water                                                      18.015   153 ?        ? ? ? 
# 
_entity_name_com.entity_id   1 
_entity_name_com.name        'EIIB, PTS system glucose-specific EIIB component' 
# 
_entity_poly.entity_id                      1 
_entity_poly.type                           'polypeptide(L)' 
_entity_poly.nstd_linkage                   no 
_entity_poly.nstd_monomer                   yes 
_entity_poly.pdbx_seq_one_letter_code       
;TGTSE(MSE)APALVAAFGGKENITNLDACITRLRVSVADVSKVDQAGLKKLGAAGVVVAGSGVQAIFGTKSDNLKTE
(MSE)DEYIRNH
;
_entity_poly.pdbx_seq_one_letter_code_can   
;TGTSEMAPALVAAFGGKENITNLDACITRLRVSVADVSKVDQAGLKKLGAAGVVVAGSGVQAIFGTKSDNLKTEMDEYIR
NH
;
_entity_poly.pdbx_strand_id                 A,B 
_entity_poly.pdbx_target_identifier         ? 
# 
loop_
_pdbx_entity_nonpoly.entity_id 
_pdbx_entity_nonpoly.name 
_pdbx_entity_nonpoly.comp_id 
2 'SULFATE ION' SO4 
3 water         HOH 
# 
loop_
_entity_poly_seq.entity_id 
_entity_poly_seq.num 
_entity_poly_seq.mon_id 
_entity_poly_seq.hetero 
1 1  THR n 
1 2  GLY n 
1 3  THR n 
1 4  SER n 
1 5  GLU n 
1 6  MSE n 
1 7  ALA n 
1 8  PRO n 
1 9  ALA n 
1 10 LEU n 
1 11 VAL n 
1 12 ALA n 
1 13 ALA n 
1 14 PHE n 
1 15 GLY n 
1 16 GLY n 
1 17 LYS n 
1 18 GLU n 
1 19 ASN n 
1 20 ILE n 
1 21 THR n 
1 22 ASN n 
1 23 LEU n 
1 24 ASP n 
1 25 ALA n 
1 26 CYS n 
1 27 ILE n 
1 28 THR n 
1 29 ARG n 
1 30 LEU n 
1 31 ARG n 
1 32 VAL n 
1 33 SER n 
1 34 VAL n 
1 35 ALA n 
1 36 ASP n 
1 37 VAL n 
1 38 SER n 
1 39 LYS n 
1 40 VAL n 
1 41 ASP n 
1 42 GLN n 
1 43 ALA n 
1 44 GLY n 
1 45 LEU n 
1 46 LYS n 
1 47 LYS n 
1 48 LEU n 
1 49 GLY n 
1 50 ALA n 
1 51 ALA n 
1 52 GLY n 
1 53 VAL n 
1 54 VAL n 
1 55 VAL n 
1 56 ALA n 
1 57 GLY n 
1 58 SER n 
1 59 GLY n 
1 60 VAL n 
1 61 GLN n 
1 62 ALA n 
1 63 ILE n 
1 64 PHE n 
1 65 GLY n 
1 66 THR n 
1 67 LYS n 
1 68 SER n 
1 69 ASP n 
1 70 ASN n 
1 71 LEU n 
1 72 LYS n 
1 73 THR n 
1 74 GLU n 
1 75 MSE n 
1 76 ASP n 
1 77 GLU n 
1 78 TYR n 
1 79 ILE n 
1 80 ARG n 
1 81 ASN n 
1 82 HIS n 
# 
_entity_src_gen.entity_id                          1 
_entity_src_gen.pdbx_src_id                        1 
_entity_src_gen.pdbx_alt_source_flag               sample 
_entity_src_gen.pdbx_seq_type                      ? 
_entity_src_gen.pdbx_beg_seq_num                   ? 
_entity_src_gen.pdbx_end_seq_num                   ? 
_entity_src_gen.gene_src_common_name               ? 
_entity_src_gen.gene_src_genus                     ? 
_entity_src_gen.pdbx_gene_src_gene                 'ptsG, glcA, umg' 
_entity_src_gen.gene_src_species                   ? 
_entity_src_gen.gene_src_strain                    ? 
_entity_src_gen.gene_src_tissue                    ? 
_entity_src_gen.gene_src_tissue_fraction           ? 
_entity_src_gen.gene_src_details                   ? 
_entity_src_gen.pdbx_gene_src_fragment             ? 
_entity_src_gen.pdbx_gene_src_scientific_name      'Escherichia coli' 
_entity_src_gen.pdbx_gene_src_ncbi_taxonomy_id     562 
_entity_src_gen.pdbx_gene_src_variant              ? 
_entity_src_gen.pdbx_gene_src_cell_line            ? 
_entity_src_gen.pdbx_gene_src_atcc                 ? 
_entity_src_gen.pdbx_gene_src_organ                ? 
_entity_src_gen.pdbx_gene_src_organelle            ? 
_entity_src_gen.pdbx_gene_src_cell                 ? 
_entity_src_gen.pdbx_gene_src_cellular_location    ? 
_entity_src_gen.host_org_common_name               ? 
_entity_src_gen.pdbx_host_org_scientific_name      'Escherichia Coli' 
_entity_src_gen.pdbx_host_org_ncbi_taxonomy_id     562 
_entity_src_gen.host_org_genus                     ? 
_entity_src_gen.pdbx_host_org_gene                 ? 
_entity_src_gen.pdbx_host_org_organ                ? 
_entity_src_gen.host_org_species                   ? 
_entity_src_gen.pdbx_host_org_tissue               ? 
_entity_src_gen.pdbx_host_org_tissue_fraction      ? 
_entity_src_gen.pdbx_host_org_strain               'B834(DE3)' 
_entity_src_gen.pdbx_host_org_variant              ? 
_entity_src_gen.pdbx_host_org_cell_line            ? 
_entity_src_gen.pdbx_host_org_atcc                 ? 
_entity_src_gen.pdbx_host_org_culture_collection   ? 
_entity_src_gen.pdbx_host_org_cell                 ? 
_entity_src_gen.pdbx_host_org_organelle            ? 
_entity_src_gen.pdbx_host_org_cellular_location    ? 
_entity_src_gen.pdbx_host_org_vector_type          plasmid 
_entity_src_gen.pdbx_host_org_vector               ? 
_entity_src_gen.host_org_details                   ? 
_entity_src_gen.expression_system_id               ? 
_entity_src_gen.plasmid_name                       pJHK 
_entity_src_gen.plasmid_details                    ? 
_entity_src_gen.pdbx_description                   ? 
# 
loop_
_chem_comp.id 
_chem_comp.type 
_chem_comp.mon_nstd_flag 
_chem_comp.name 
_chem_comp.pdbx_synonyms 
_chem_comp.formula 
_chem_comp.formula_weight 
ALA 'L-peptide linking' y ALANINE          ? 'C3 H7 N O2'     89.093  
ARG 'L-peptide linking' y ARGININE         ? 'C6 H15 N4 O2 1' 175.209 
ASN 'L-peptide linking' y ASPARAGINE       ? 'C4 H8 N2 O3'    132.118 
ASP 'L-peptide linking' y 'ASPARTIC ACID'  ? 'C4 H7 N O4'     133.103 
CYS 'L-peptide linking' y CYSTEINE         ? 'C3 H7 N O2 S'   121.158 
GLN 'L-peptide linking' y GLUTAMINE        ? 'C5 H10 N2 O3'   146.144 
GLU 'L-peptide linking' y 'GLUTAMIC ACID'  ? 'C5 H9 N O4'     147.129 
GLY 'peptide linking'   y GLYCINE          ? 'C2 H5 N O2'     75.067  
HIS 'L-peptide linking' y HISTIDINE        ? 'C6 H10 N3 O2 1' 156.162 
HOH non-polymer         . WATER            ? 'H2 O'           18.015  
ILE 'L-peptide linking' y ISOLEUCINE       ? 'C6 H13 N O2'    131.173 
LEU 'L-peptide linking' y LEUCINE          ? 'C6 H13 N O2'    131.173 
LYS 'L-peptide linking' y LYSINE           ? 'C6 H15 N2 O2 1' 147.195 
MSE 'L-peptide linking' n SELENOMETHIONINE ? 'C5 H11 N O2 Se' 196.106 
PHE 'L-peptide linking' y PHENYLALANINE    ? 'C9 H11 N O2'    165.189 
PRO 'L-peptide linking' y PROLINE          ? 'C5 H9 N O2'     115.130 
SER 'L-peptide linking' y SERINE           ? 'C3 H7 N O3'     105.093 
SO4 non-polymer         . 'SULFATE ION'    ? 'O4 S -2'        96.063  
THR 'L-peptide linking' y THREONINE        ? 'C4 H9 N O3'     119.119 
TYR 'L-peptide linking' y TYROSINE         ? 'C9 H11 N O3'    181.189 
VAL 'L-peptide linking' y VALINE           ? 'C5 H11 N O2'    117.146 
# 
loop_
_pdbx_poly_seq_scheme.asym_id 
_pdbx_poly_seq_scheme.entity_id 
_pdbx_poly_seq_scheme.seq_id 
_pdbx_poly_seq_scheme.mon_id 
_pdbx_poly_seq_scheme.ndb_seq_num 
_pdbx_poly_seq_scheme.pdb_seq_num 
_pdbx_poly_seq_scheme.auth_seq_num 
_pdbx_poly_seq_scheme.pdb_mon_id 
_pdbx_poly_seq_scheme.auth_mon_id 
_pdbx_poly_seq_scheme.pdb_strand_id 
_pdbx_poly_seq_scheme.pdb_ins_code 
_pdbx_poly_seq_scheme.hetero 
A 1 1  THR 1  8  8  THR ALA A . n 
A 1 2  GLY 2  9  9  GLY GLY A . n 
A 1 3  THR 3  10 10 THR THR A . n 
A 1 4  SER 4  11 11 SER SER A . n 
A 1 5  GLU 5  12 12 GLU GLU A . n 
A 1 6  MSE 6  13 13 MSE MSE A . n 
A 1 7  ALA 7  14 14 ALA ALA A . n 
A 1 8  PRO 8  15 15 PRO PRO A . n 
A 1 9  ALA 9  16 16 ALA ALA A . n 
A 1 10 LEU 10 17 17 LEU LEU A . n 
A 1 11 VAL 11 18 18 VAL VAL A . n 
A 1 12 ALA 12 19 19 ALA ALA A . n 
A 1 13 ALA 13 20 20 ALA ALA A . n 
A 1 14 PHE 14 21 21 PHE PHE A . n 
A 1 15 GLY 15 22 22 GLY GLY A . n 
A 1 16 GLY 16 23 23 GLY GLY A . n 
A 1 17 LYS 17 24 24 LYS LYS A . n 
A 1 18 GLU 18 25 25 GLU GLU A . n 
A 1 19 ASN 19 26 26 ASN ASN A . n 
A 1 20 ILE 20 27 27 ILE ILE A . n 
A 1 21 THR 21 28 28 THR THR A . n 
A 1 22 ASN 22 29 29 ASN ASN A . n 
A 1 23 LEU 23 30 30 LEU LEU A . n 
A 1 24 ASP 24 31 31 ASP ASP A . n 
A 1 25 ALA 25 32 32 ALA ALA A . n 
A 1 26 CYS 26 33 33 CYS CYS A . n 
A 1 27 ILE 27 34 34 ILE ILE A . n 
A 1 28 THR 28 35 35 THR THR A . n 
A 1 29 ARG 29 36 36 ARG ARG A . n 
A 1 30 LEU 30 37 37 LEU LEU A . n 
A 1 31 ARG 31 38 38 ARG ALA A . n 
A 1 32 VAL 32 39 39 VAL VAL A . n 
A 1 33 SER 33 40 40 SER SER A . n 
A 1 34 VAL 34 41 41 VAL VAL A . n 
A 1 35 ALA 35 42 42 ALA ALA A . n 
A 1 36 ASP 36 43 43 ASP ASP A . n 
A 1 37 VAL 37 44 44 VAL VAL A . n 
A 1 38 SER 38 45 45 SER SER A . n 
A 1 39 LYS 39 46 46 LYS LYS A . n 
A 1 40 VAL 40 47 47 VAL VAL A . n 
A 1 41 ASP 41 48 48 ASP ASP A . n 
A 1 42 GLN 42 49 49 GLN GLN A . n 
A 1 43 ALA 43 50 50 ALA ALA A . n 
A 1 44 GLY 44 51 51 GLY GLY A . n 
A 1 45 LEU 45 52 52 LEU LEU A . n 
A 1 46 LYS 46 53 53 LYS LYS A . n 
A 1 47 LYS 47 54 54 LYS LYS A . n 
A 1 48 LEU 48 55 55 LEU LEU A . n 
A 1 49 GLY 49 56 56 GLY GLY A . n 
A 1 50 ALA 50 57 57 ALA ALA A . n 
A 1 51 ALA 51 58 58 ALA ALA A . n 
A 1 52 GLY 52 59 59 GLY GLY A . n 
A 1 53 VAL 53 60 60 VAL VAL A . n 
A 1 54 VAL 54 61 61 VAL VAL A . n 
A 1 55 VAL 55 62 62 VAL VAL A . n 
A 1 56 ALA 56 63 63 ALA ALA A . n 
A 1 57 GLY 57 64 64 GLY GLY A . n 
A 1 58 SER 58 65 65 SER SER A . n 
A 1 59 GLY 59 66 66 GLY GLY A . n 
A 1 60 VAL 60 67 67 VAL VAL A . n 
A 1 61 GLN 61 68 68 GLN GLN A . n 
A 1 62 ALA 62 69 69 ALA ALA A . n 
A 1 63 ILE 63 70 70 ILE ILE A . n 
A 1 64 PHE 64 71 71 PHE PHE A . n 
A 1 65 GLY 65 72 72 GLY GLY A . n 
A 1 66 THR 66 73 73 THR THR A . n 
A 1 67 LYS 67 74 74 LYS LYS A . n 
A 1 68 SER 68 75 75 SER SER A . n 
A 1 69 ASP 69 76 76 ASP ASP A . n 
A 1 70 ASN 70 77 77 ASN ASN A . n 
A 1 71 LEU 71 78 78 LEU LEU A . n 
A 1 72 LYS 72 79 79 LYS LYS A . n 
A 1 73 THR 73 80 80 THR THR A . n 
A 1 74 GLU 74 81 81 GLU GLU A . n 
A 1 75 MSE 75 82 82 MSE MSE A . n 
A 1 76 ASP 76 83 83 ASP ASP A . n 
A 1 77 GLU 77 84 84 GLU ALA A . n 
A 1 78 TYR 78 85 85 TYR TYR A . n 
A 1 79 ILE 79 86 86 ILE ILE A . n 
A 1 80 ARG 80 87 87 ARG ARG A . n 
A 1 81 ASN 81 88 88 ASN ALA A . n 
A 1 82 HIS 82 89 ?  ?   ?   A . n 
B 1 1  THR 1  8  8  THR ALA B . n 
B 1 2  GLY 2  9  9  GLY GLY B . n 
B 1 3  THR 3  10 10 THR THR B . n 
B 1 4  SER 4  11 11 SER SER B . n 
B 1 5  GLU 5  12 12 GLU GLU B . n 
B 1 6  MSE 6  13 13 MSE MSE B . n 
B 1 7  ALA 7  14 14 ALA ALA B . n 
B 1 8  PRO 8  15 15 PRO PRO B . n 
B 1 9  ALA 9  16 16 ALA ALA B . n 
B 1 10 LEU 10 17 17 LEU LEU B . n 
B 1 11 VAL 11 18 18 VAL VAL B . n 
B 1 12 ALA 12 19 19 ALA ALA B . n 
B 1 13 ALA 13 20 20 ALA ALA B . n 
B 1 14 PHE 14 21 21 PHE PHE B . n 
B 1 15 GLY 15 22 22 GLY GLY B . n 
B 1 16 GLY 16 23 23 GLY GLY B . n 
B 1 17 LYS 17 24 24 LYS LYS B . n 
B 1 18 GLU 18 25 25 GLU GLU B . n 
B 1 19 ASN 19 26 26 ASN ASN B . n 
B 1 20 ILE 20 27 27 ILE ILE B . n 
B 1 21 THR 21 28 28 THR THR B . n 
B 1 22 ASN 22 29 29 ASN ASN B . n 
B 1 23 LEU 23 30 30 LEU LEU B . n 
B 1 24 ASP 24 31 31 ASP ASP B . n 
B 1 25 ALA 25 32 32 ALA ALA B . n 
B 1 26 CYS 26 33 33 CYS CYS B . n 
B 1 27 ILE 27 34 34 ILE ILE B . n 
B 1 28 THR 28 35 35 THR THR B . n 
B 1 29 ARG 29 36 36 ARG ARG B . n 
B 1 30 LEU 30 37 37 LEU LEU B . n 
B 1 31 ARG 31 38 38 ARG ALA B . n 
B 1 32 VAL 32 39 39 VAL VAL B . n 
B 1 33 SER 33 40 40 SER SER B . n 
B 1 34 VAL 34 41 41 VAL VAL B . n 
B 1 35 ALA 35 42 42 ALA ALA B . n 
B 1 36 ASP 36 43 43 ASP ASP B . n 
B 1 37 VAL 37 44 44 VAL VAL B . n 
B 1 38 SER 38 45 45 SER SER B . n 
B 1 39 LYS 39 46 46 LYS LYS B . n 
B 1 40 VAL 40 47 47 VAL VAL B . n 
B 1 41 ASP 41 48 48 ASP ASP B . n 
B 1 42 GLN 42 49 49 GLN GLN B . n 
B 1 43 ALA 43 50 50 ALA ALA B . n 
B 1 44 GLY 44 51 51 GLY GLY B . n 
B 1 45 LEU 45 52 52 LEU LEU B . n 
B 1 46 LYS 46 53 53 LYS LYS B . n 
B 1 47 LYS 47 54 54 LYS LYS B . n 
B 1 48 LEU 48 55 55 LEU LEU B . n 
B 1 49 GLY 49 56 56 GLY GLY B . n 
B 1 50 ALA 50 57 57 ALA ALA B . n 
B 1 51 ALA 51 58 58 ALA ALA B . n 
B 1 52 GLY 52 59 59 GLY GLY B . n 
B 1 53 VAL 53 60 60 VAL VAL B . n 
B 1 54 VAL 54 61 61 VAL VAL B . n 
B 1 55 VAL 55 62 62 VAL VAL B . n 
B 1 56 ALA 56 63 63 ALA ALA B . n 
B 1 57 GLY 57 64 64 GLY GLY B . n 
B 1 58 SER 58 65 65 SER SER B . n 
B 1 59 GLY 59 66 66 GLY GLY B . n 
B 1 60 VAL 60 67 67 VAL VAL B . n 
B 1 61 GLN 61 68 68 GLN GLN B . n 
B 1 62 ALA 62 69 69 ALA ALA B . n 
B 1 63 ILE 63 70 70 ILE ILE B . n 
B 1 64 PHE 64 71 71 PHE PHE B . n 
B 1 65 GLY 65 72 72 GLY GLY B . n 
B 1 66 THR 66 73 73 THR THR B . n 
B 1 67 LYS 67 74 74 LYS LYS B . n 
B 1 68 SER 68 75 75 SER SER B . n 
B 1 69 ASP 69 76 76 ASP ASP B . n 
B 1 70 ASN 70 77 77 ASN ASN B . n 
B 1 71 LEU 71 78 78 LEU LEU B . n 
B 1 72 LYS 72 79 79 LYS LYS B . n 
B 1 73 THR 73 80 80 THR THR B . n 
B 1 74 GLU 74 81 81 GLU GLU B . n 
B 1 75 MSE 75 82 82 MSE MSE B . n 
B 1 76 ASP 76 83 83 ASP ASP B . n 
B 1 77 GLU 77 84 84 GLU ALA B . n 
B 1 78 TYR 78 85 85 TYR TYR B . n 
B 1 79 ILE 79 86 86 ILE ILE B . n 
B 1 80 ARG 80 87 87 ARG ARG B . n 
B 1 81 ASN 81 88 88 ASN ALA B . n 
B 1 82 HIS 82 89 ?  ?   ?   B . n 
# 
loop_
_pdbx_nonpoly_scheme.asym_id 
_pdbx_nonpoly_scheme.entity_id 
_pdbx_nonpoly_scheme.mon_id 
_pdbx_nonpoly_scheme.ndb_seq_num 
_pdbx_nonpoly_scheme.pdb_seq_num 
_pdbx_nonpoly_scheme.auth_seq_num 
_pdbx_nonpoly_scheme.pdb_mon_id 
_pdbx_nonpoly_scheme.auth_mon_id 
_pdbx_nonpoly_scheme.pdb_strand_id 
_pdbx_nonpoly_scheme.pdb_ins_code 
C 2 SO4 1  1   1   SO4 SO4 A . 
D 2 SO4 1  2   2   SO4 SO4 B . 
E 3 HOH 1  90  1   HOH HOH A . 
E 3 HOH 2  91  2   HOH HOH A . 
E 3 HOH 3  92  3   HOH HOH A . 
E 3 HOH 4  93  4   HOH HOH A . 
E 3 HOH 5  94  5   HOH HOH A . 
E 3 HOH 6  95  7   HOH HOH A . 
E 3 HOH 7  96  8   HOH HOH A . 
E 3 HOH 8  97  9   HOH HOH A . 
E 3 HOH 9  98  10  HOH HOH A . 
E 3 HOH 10 99  14  HOH HOH A . 
E 3 HOH 11 100 16  HOH HOH A . 
E 3 HOH 12 101 17  HOH HOH A . 
E 3 HOH 13 102 26  HOH HOH A . 
E 3 HOH 14 103 28  HOH HOH A . 
E 3 HOH 15 104 29  HOH HOH A . 
E 3 HOH 16 105 30  HOH HOH A . 
E 3 HOH 17 106 31  HOH HOH A . 
E 3 HOH 18 107 32  HOH HOH A . 
E 3 HOH 19 108 34  HOH HOH A . 
E 3 HOH 20 109 35  HOH HOH A . 
E 3 HOH 21 110 36  HOH HOH A . 
E 3 HOH 22 111 43  HOH HOH A . 
E 3 HOH 23 112 44  HOH HOH A . 
E 3 HOH 24 113 45  HOH HOH A . 
E 3 HOH 25 114 48  HOH HOH A . 
E 3 HOH 26 115 49  HOH HOH A . 
E 3 HOH 27 116 50  HOH HOH A . 
E 3 HOH 28 117 57  HOH HOH A . 
E 3 HOH 29 118 58  HOH HOH A . 
E 3 HOH 30 119 59  HOH HOH A . 
E 3 HOH 31 120 60  HOH HOH A . 
E 3 HOH 32 121 62  HOH HOH A . 
E 3 HOH 33 122 66  HOH HOH A . 
E 3 HOH 34 123 67  HOH HOH A . 
E 3 HOH 35 124 69  HOH HOH A . 
E 3 HOH 36 125 70  HOH HOH A . 
E 3 HOH 37 126 72  HOH HOH A . 
E 3 HOH 38 127 80  HOH HOH A . 
E 3 HOH 39 128 81  HOH HOH A . 
E 3 HOH 40 129 82  HOH HOH A . 
E 3 HOH 41 130 86  HOH HOH A . 
E 3 HOH 42 131 89  HOH HOH A . 
E 3 HOH 43 132 90  HOH HOH A . 
E 3 HOH 44 133 94  HOH HOH A . 
E 3 HOH 45 134 95  HOH HOH A . 
E 3 HOH 46 135 96  HOH HOH A . 
E 3 HOH 47 136 104 HOH HOH A . 
E 3 HOH 48 137 105 HOH HOH A . 
E 3 HOH 49 138 106 HOH HOH A . 
E 3 HOH 50 139 110 HOH HOH A . 
E 3 HOH 51 140 132 HOH HOH A . 
E 3 HOH 52 141 139 HOH HOH A . 
E 3 HOH 53 142 142 HOH HOH A . 
E 3 HOH 54 143 144 HOH HOH A . 
E 3 HOH 55 144 146 HOH HOH A . 
E 3 HOH 56 145 147 HOH HOH A . 
E 3 HOH 57 146 148 HOH HOH A . 
E 3 HOH 58 147 150 HOH HOH A . 
E 3 HOH 59 148 152 HOH HOH A . 
E 3 HOH 60 149 153 HOH HOH A . 
E 3 HOH 61 150 154 HOH HOH A . 
E 3 HOH 62 151 157 HOH HOH A . 
E 3 HOH 63 152 158 HOH HOH A . 
E 3 HOH 64 153 159 HOH HOH A . 
E 3 HOH 65 154 162 HOH HOH A . 
E 3 HOH 66 155 163 HOH HOH A . 
E 3 HOH 67 156 167 HOH HOH A . 
E 3 HOH 68 157 168 HOH HOH A . 
E 3 HOH 69 158 170 HOH HOH A . 
E 3 HOH 70 159 171 HOH HOH A . 
E 3 HOH 71 160 176 HOH HOH A . 
E 3 HOH 72 161 177 HOH HOH A . 
E 3 HOH 73 162 178 HOH HOH A . 
E 3 HOH 74 163 179 HOH HOH A . 
E 3 HOH 75 164 182 HOH HOH A . 
E 3 HOH 76 165 183 HOH HOH A . 
E 3 HOH 77 166 185 HOH HOH A . 
E 3 HOH 78 167 186 HOH HOH A . 
E 3 HOH 79 168 187 HOH HOH A . 
E 3 HOH 80 169 196 HOH HOH A . 
E 3 HOH 81 170 197 HOH HOH A . 
E 3 HOH 82 171 198 HOH HOH A . 
E 3 HOH 83 172 201 HOH HOH A . 
E 3 HOH 84 173 202 HOH HOH A . 
E 3 HOH 85 174 15  HOH HOH A . 
F 3 HOH 1  91  18  HOH HOH B . 
F 3 HOH 2  92  19  HOH HOH B . 
F 3 HOH 3  93  20  HOH HOH B . 
F 3 HOH 4  94  21  HOH HOH B . 
F 3 HOH 5  95  22  HOH HOH B . 
F 3 HOH 6  96  23  HOH HOH B . 
F 3 HOH 7  97  24  HOH HOH B . 
F 3 HOH 8  98  25  HOH HOH B . 
F 3 HOH 9  99  27  HOH HOH B . 
F 3 HOH 10 100 37  HOH HOH B . 
F 3 HOH 11 101 38  HOH HOH B . 
F 3 HOH 12 102 39  HOH HOH B . 
F 3 HOH 13 103 40  HOH HOH B . 
F 3 HOH 14 104 42  HOH HOH B . 
F 3 HOH 15 105 46  HOH HOH B . 
F 3 HOH 16 106 47  HOH HOH B . 
F 3 HOH 17 107 52  HOH HOH B . 
F 3 HOH 18 108 53  HOH HOH B . 
F 3 HOH 19 109 55  HOH HOH B . 
F 3 HOH 20 110 63  HOH HOH B . 
F 3 HOH 21 111 64  HOH HOH B . 
F 3 HOH 22 112 65  HOH HOH B . 
F 3 HOH 23 113 78  HOH HOH B . 
F 3 HOH 24 114 85  HOH HOH B . 
F 3 HOH 25 115 87  HOH HOH B . 
F 3 HOH 26 116 111 HOH HOH B . 
F 3 HOH 27 117 113 HOH HOH B . 
F 3 HOH 28 118 114 HOH HOH B . 
F 3 HOH 29 119 115 HOH HOH B . 
F 3 HOH 30 120 116 HOH HOH B . 
F 3 HOH 31 121 118 HOH HOH B . 
F 3 HOH 32 122 119 HOH HOH B . 
F 3 HOH 33 123 120 HOH HOH B . 
F 3 HOH 34 124 124 HOH HOH B . 
F 3 HOH 35 125 126 HOH HOH B . 
F 3 HOH 36 126 127 HOH HOH B . 
F 3 HOH 37 127 128 HOH HOH B . 
F 3 HOH 38 128 133 HOH HOH B . 
F 3 HOH 39 129 134 HOH HOH B . 
F 3 HOH 40 130 135 HOH HOH B . 
F 3 HOH 41 131 136 HOH HOH B . 
F 3 HOH 42 132 137 HOH HOH B . 
F 3 HOH 43 133 138 HOH HOH B . 
F 3 HOH 44 134 140 HOH HOH B . 
F 3 HOH 45 135 141 HOH HOH B . 
F 3 HOH 46 136 143 HOH HOH B . 
F 3 HOH 47 137 145 HOH HOH B . 
F 3 HOH 48 138 149 HOH HOH B . 
F 3 HOH 49 139 151 HOH HOH B . 
F 3 HOH 50 140 165 HOH HOH B . 
F 3 HOH 51 141 166 HOH HOH B . 
F 3 HOH 52 142 169 HOH HOH B . 
F 3 HOH 53 143 172 HOH HOH B . 
F 3 HOH 54 144 173 HOH HOH B . 
F 3 HOH 55 145 174 HOH HOH B . 
F 3 HOH 56 146 175 HOH HOH B . 
F 3 HOH 57 147 181 HOH HOH B . 
F 3 HOH 58 148 188 HOH HOH B . 
F 3 HOH 59 149 189 HOH HOH B . 
F 3 HOH 60 150 191 HOH HOH B . 
F 3 HOH 61 151 192 HOH HOH B . 
F 3 HOH 62 152 194 HOH HOH B . 
F 3 HOH 63 153 195 HOH HOH B . 
F 3 HOH 64 154 199 HOH HOH B . 
F 3 HOH 65 155 203 HOH HOH B . 
F 3 HOH 66 169 193 HOH HOH B . 
F 3 HOH 67 173 200 HOH HOH B . 
F 3 HOH 68 176 204 HOH HOH B . 
# 
loop_
_pdbx_unobs_or_zero_occ_atoms.id 
_pdbx_unobs_or_zero_occ_atoms.PDB_model_num 
_pdbx_unobs_or_zero_occ_atoms.polymer_flag 
_pdbx_unobs_or_zero_occ_atoms.occupancy_flag 
_pdbx_unobs_or_zero_occ_atoms.auth_asym_id 
_pdbx_unobs_or_zero_occ_atoms.auth_comp_id 
_pdbx_unobs_or_zero_occ_atoms.auth_seq_id 
_pdbx_unobs_or_zero_occ_atoms.PDB_ins_code 
_pdbx_unobs_or_zero_occ_atoms.auth_atom_id 
_pdbx_unobs_or_zero_occ_atoms.label_alt_id 
_pdbx_unobs_or_zero_occ_atoms.label_asym_id 
_pdbx_unobs_or_zero_occ_atoms.label_comp_id 
_pdbx_unobs_or_zero_occ_atoms.label_seq_id 
_pdbx_unobs_or_zero_occ_atoms.label_atom_id 
1  1 Y 1 A THR 8  ? OG1 ? A THR 1  OG1 
2  1 Y 1 A THR 8  ? CG2 ? A THR 1  CG2 
3  1 Y 1 A ARG 38 ? CG  ? A ARG 31 CG  
4  1 Y 1 A ARG 38 ? CD  ? A ARG 31 CD  
5  1 Y 1 A ARG 38 ? NE  ? A ARG 31 NE  
6  1 Y 1 A ARG 38 ? CZ  ? A ARG 31 CZ  
7  1 Y 1 A ARG 38 ? NH1 ? A ARG 31 NH1 
8  1 Y 1 A ARG 38 ? NH2 ? A ARG 31 NH2 
9  1 Y 1 A GLU 84 ? CG  ? A GLU 77 CG  
10 1 Y 1 A GLU 84 ? CD  ? A GLU 77 CD  
11 1 Y 1 A GLU 84 ? OE1 ? A GLU 77 OE1 
12 1 Y 1 A GLU 84 ? OE2 ? A GLU 77 OE2 
13 1 Y 1 A ASN 88 ? CG  ? A ASN 81 CG  
14 1 Y 1 A ASN 88 ? OD1 ? A ASN 81 OD1 
15 1 Y 1 A ASN 88 ? ND2 ? A ASN 81 ND2 
16 1 Y 1 B THR 8  ? OG1 ? B THR 1  OG1 
17 1 Y 1 B THR 8  ? CG2 ? B THR 1  CG2 
18 1 Y 1 B ARG 38 ? CG  ? B ARG 31 CG  
19 1 Y 1 B ARG 38 ? CD  ? B ARG 31 CD  
20 1 Y 1 B ARG 38 ? NE  ? B ARG 31 NE  
21 1 Y 1 B ARG 38 ? CZ  ? B ARG 31 CZ  
22 1 Y 1 B ARG 38 ? NH1 ? B ARG 31 NH1 
23 1 Y 1 B ARG 38 ? NH2 ? B ARG 31 NH2 
24 1 Y 1 B GLU 84 ? CG  ? B GLU 77 CG  
25 1 Y 1 B GLU 84 ? CD  ? B GLU 77 CD  
26 1 Y 1 B GLU 84 ? OE1 ? B GLU 77 OE1 
27 1 Y 1 B GLU 84 ? OE2 ? B GLU 77 OE2 
28 1 Y 1 B ASN 88 ? CG  ? B ASN 81 CG  
29 1 Y 1 B ASN 88 ? OD1 ? B ASN 81 OD1 
30 1 Y 1 B ASN 88 ? ND2 ? B ASN 81 ND2 
# 
loop_
_software.name 
_software.classification 
_software.version 
_software.citation_id 
_software.pdbx_ordinal 
HKL-2000 'data collection' . ? 1 
CNS      refinement        . ? 2 
HKL-2000 'data reduction'  . ? 3 
HKL-2000 'data scaling'    . ? 4 
CNS      phasing           . ? 5 
# 
_cell.entry_id           3BP3 
_cell.length_a           108.193 
_cell.length_b           108.149 
_cell.length_c           28.947 
_cell.angle_alpha        90.00 
_cell.angle_beta         90.00 
_cell.angle_gamma        90.00 
_cell.pdbx_unique_axis   ? 
_cell.Z_PDB              16 
_cell.length_a_esd       ? 
_cell.length_b_esd       ? 
_cell.length_c_esd       ? 
_cell.angle_alpha_esd    ? 
_cell.angle_beta_esd     ? 
_cell.angle_gamma_esd    ? 
# 
_symmetry.entry_id                         3BP3 
_symmetry.space_group_name_H-M             'C 2 2 21' 
_symmetry.pdbx_full_space_group_name_H-M   ? 
_symmetry.Int_Tables_number                20 
_symmetry.cell_setting                     ? 
_symmetry.space_group_name_Hall            ? 
# 
_exptl.entry_id          3BP3 
_exptl.method            'X-RAY DIFFRACTION' 
_exptl.crystals_number   1 
# 
_exptl_crystal.id                    1 
_exptl_crystal.density_meas          ? 
_exptl_crystal.density_Matthews      2.47 
_exptl_crystal.density_percent_sol   50.13 
_exptl_crystal.description           ? 
_exptl_crystal.F_000                 ? 
_exptl_crystal.preparation           ? 
# 
_diffrn.id                     1 
_diffrn.ambient_temp           ? 
_diffrn.ambient_temp_details   ? 
_diffrn.crystal_id             1 
# 
_diffrn_detector.diffrn_id              1 
_diffrn_detector.detector               CCD 
_diffrn_detector.type                   ? 
_diffrn_detector.pdbx_collection_date   2006-04-21 
_diffrn_detector.details                ? 
# 
_diffrn_radiation.diffrn_id                        1 
_diffrn_radiation.wavelength_id                    1 
_diffrn_radiation.pdbx_monochromatic_or_laue_m_l   M 
_diffrn_radiation.monochromator                    ? 
_diffrn_radiation.pdbx_diffrn_protocol             MAD 
_diffrn_radiation.pdbx_scattering_type             x-ray 
# 
loop_
_diffrn_radiation_wavelength.id 
_diffrn_radiation_wavelength.wavelength 
_diffrn_radiation_wavelength.wt 
1 0.97884 1.0 
2 0.97901 1.0 
3 0.97121 1.0 
# 
_diffrn_source.diffrn_id                   1 
_diffrn_source.source                      SYNCHROTRON 
_diffrn_source.type                        'PHOTON FACTORY BEAMLINE BL-5A' 
_diffrn_source.pdbx_synchrotron_site       'Photon Factory' 
_diffrn_source.pdbx_synchrotron_beamline   BL-5A 
_diffrn_source.pdbx_wavelength             ? 
_diffrn_source.pdbx_wavelength_list        '0.97884, 0.97901, 0.97121' 
# 
_reflns.entry_id                     3BP3 
_reflns.observed_criterion_sigma_F   ? 
_reflns.observed_criterion_sigma_I   0.000 
_reflns.d_resolution_high            1.650 
_reflns.d_resolution_low             19.760 
_reflns.number_all                   21042 
_reflns.number_obs                   19901 
_reflns.percent_possible_obs         94.6 
_reflns.pdbx_Rmerge_I_obs            ? 
_reflns.pdbx_Rsym_value              ? 
_reflns.pdbx_netI_over_sigmaI        ? 
_reflns.B_iso_Wilson_estimate        24.8 
_reflns.pdbx_redundancy              ? 
_reflns.R_free_details               ? 
_reflns.limit_h_max                  ? 
_reflns.limit_h_min                  ? 
_reflns.limit_k_max                  ? 
_reflns.limit_k_min                  ? 
_reflns.limit_l_max                  ? 
_reflns.limit_l_min                  ? 
_reflns.observed_criterion_F_max     ? 
_reflns.observed_criterion_F_min     ? 
_reflns.pdbx_chi_squared             ? 
_reflns.pdbx_scaling_rejects         ? 
_reflns.pdbx_diffrn_id               1 
_reflns.pdbx_ordinal                 1 
# 
_refine.entry_id                                 3BP3 
_refine.ls_d_res_high                            1.65 
_refine.ls_d_res_low                             19.76 
_refine.pdbx_ls_sigma_F                          0.0 
_refine.pdbx_ls_sigma_I                          ? 
_refine.ls_number_reflns_all                     ? 
_refine.ls_number_reflns_obs                     19901 
_refine.ls_number_reflns_R_free                  1951 
_refine.ls_percent_reflns_obs                    94.5 
_refine.ls_R_factor_all                          ? 
_refine.ls_R_factor_obs                          0.213 
_refine.ls_R_factor_R_work                       0.213 
_refine.ls_R_factor_R_free                       0.241 
_refine.ls_redundancy_reflns_obs                 ? 
_refine.pdbx_data_cutoff_high_absF               662511.41 
_refine.pdbx_data_cutoff_low_absF                0.000000 
_refine.ls_number_parameters                     ? 
_refine.ls_number_restraints                     ? 
_refine.ls_percent_reflns_R_free                 9.8 
_refine.ls_R_factor_R_free_error                 0.005 
_refine.ls_R_factor_R_free_error_details         ? 
_refine.pdbx_method_to_determine_struct          MAD 
_refine.pdbx_starting_model                      ? 
_refine.pdbx_ls_cross_valid_method               THROUGHOUT 
_refine.pdbx_R_Free_selection_details            RANDOM 
_refine.pdbx_stereochem_target_val_spec_case     ? 
_refine.pdbx_stereochemistry_target_values       'Engh & Huber' 
_refine.solvent_model_details                    'FLAT MODEL' 
_refine.solvent_model_param_ksol                 0.363312 
_refine.solvent_model_param_bsol                 51.2483 
_refine.occupancy_max                            ? 
_refine.occupancy_min                            ? 
_refine.pdbx_isotropic_thermal_model             RESTRAINED 
_refine.B_iso_mean                               31.1 
_refine.aniso_B[1][1]                            0.77 
_refine.aniso_B[2][2]                            -2.14 
_refine.aniso_B[3][3]                            1.37 
_refine.aniso_B[1][2]                            0.00 
_refine.aniso_B[1][3]                            0.00 
_refine.aniso_B[2][3]                            0.00 
_refine.details                                  ? 
_refine.B_iso_min                                ? 
_refine.B_iso_max                                ? 
_refine.correlation_coeff_Fo_to_Fc               ? 
_refine.correlation_coeff_Fo_to_Fc_free          ? 
_refine.pdbx_solvent_vdw_probe_radii             ? 
_refine.pdbx_solvent_ion_probe_radii             ? 
_refine.pdbx_solvent_shrinkage_radii             ? 
_refine.overall_SU_R_Cruickshank_DPI             ? 
_refine.overall_SU_R_free                        ? 
_refine.overall_SU_ML                            ? 
_refine.overall_SU_B                             ? 
_refine.pdbx_overall_ESU_R_Free                  ? 
_refine.pdbx_data_cutoff_high_rms_absF           ? 
_refine.pdbx_overall_ESU_R                       ? 
_refine.ls_wR_factor_R_free                      ? 
_refine.ls_wR_factor_R_work                      ? 
_refine.overall_FOM_free_R_set                   ? 
_refine.overall_FOM_work_R_set                   ? 
_refine.pdbx_overall_phase_error                 ? 
_refine.pdbx_refine_id                           'X-RAY DIFFRACTION' 
_refine.pdbx_diffrn_id                           1 
_refine.pdbx_TLS_residual_ADP_flag               ? 
_refine.pdbx_overall_SU_R_free_Cruickshank_DPI   ? 
_refine.pdbx_overall_SU_R_Blow_DPI               ? 
_refine.pdbx_overall_SU_R_free_Blow_DPI          ? 
# 
_refine_analyze.entry_id                        3BP3 
_refine_analyze.Luzzati_coordinate_error_obs    0.23 
_refine_analyze.Luzzati_sigma_a_obs             0.35 
_refine_analyze.Luzzati_d_res_low_obs           5.00 
_refine_analyze.Luzzati_coordinate_error_free   0.26 
_refine_analyze.Luzzati_sigma_a_free            0.40 
_refine_analyze.Luzzati_d_res_low_free          ? 
_refine_analyze.number_disordered_residues      ? 
_refine_analyze.occupancy_sum_hydrogen          ? 
_refine_analyze.occupancy_sum_non_hydrogen      ? 
_refine_analyze.pdbx_Luzzati_d_res_high_obs     ? 
_refine_analyze.pdbx_refine_id                  'X-RAY DIFFRACTION' 
# 
_refine_hist.pdbx_refine_id                   'X-RAY DIFFRACTION' 
_refine_hist.cycle_id                         LAST 
_refine_hist.pdbx_number_atoms_protein        1134 
_refine_hist.pdbx_number_atoms_nucleic_acid   0 
_refine_hist.pdbx_number_atoms_ligand         10 
_refine_hist.number_atoms_solvent             153 
_refine_hist.number_atoms_total               1297 
_refine_hist.d_res_high                       1.65 
_refine_hist.d_res_low                        19.76 
# 
loop_
_refine_ls_restr.type 
_refine_ls_restr.dev_ideal 
_refine_ls_restr.dev_ideal_target 
_refine_ls_restr.weight 
_refine_ls_restr.number 
_refine_ls_restr.pdbx_refine_id 
_refine_ls_restr.pdbx_restraint_function 
c_bond_d                0.007 ? ? ? 'X-RAY DIFFRACTION' ? 
c_bond_d_na             ?     ? ? ? 'X-RAY DIFFRACTION' ? 
c_bond_d_prot           ?     ? ? ? 'X-RAY DIFFRACTION' ? 
c_angle_d               ?     ? ? ? 'X-RAY DIFFRACTION' ? 
c_angle_d_na            ?     ? ? ? 'X-RAY DIFFRACTION' ? 
c_angle_d_prot          ?     ? ? ? 'X-RAY DIFFRACTION' ? 
c_angle_deg             1.2   ? ? ? 'X-RAY DIFFRACTION' ? 
c_angle_deg_na          ?     ? ? ? 'X-RAY DIFFRACTION' ? 
c_angle_deg_prot        ?     ? ? ? 'X-RAY DIFFRACTION' ? 
c_dihedral_angle_d      24.7  ? ? ? 'X-RAY DIFFRACTION' ? 
c_dihedral_angle_d_na   ?     ? ? ? 'X-RAY DIFFRACTION' ? 
c_dihedral_angle_d_prot ?     ? ? ? 'X-RAY DIFFRACTION' ? 
c_improper_angle_d      0.84  ? ? ? 'X-RAY DIFFRACTION' ? 
c_improper_angle_d_na   ?     ? ? ? 'X-RAY DIFFRACTION' ? 
c_improper_angle_d_prot ?     ? ? ? 'X-RAY DIFFRACTION' ? 
c_mcbond_it             ?     ? ? ? 'X-RAY DIFFRACTION' ? 
c_mcangle_it            ?     ? ? ? 'X-RAY DIFFRACTION' ? 
c_scbond_it             ?     ? ? ? 'X-RAY DIFFRACTION' ? 
c_scangle_it            ?     ? ? ? 'X-RAY DIFFRACTION' ? 
# 
_struct.entry_id                  3BP3 
_struct.title                     'Crystal structure of EIIB' 
_struct.pdbx_model_details        ? 
_struct.pdbx_CASP_flag            ? 
_struct.pdbx_model_type_details   ? 
# 
_struct_keywords.entry_id        3BP3 
_struct_keywords.pdbx_keywords   TRANSFERASE 
_struct_keywords.text            
;transcription regulation, Inner membrane, Kinase, Membrane, Phosphoprotein, Phosphotransferase system, Sugar transport, Transferase, Transmembrane, Transport
;
# 
loop_
_struct_asym.id 
_struct_asym.pdbx_blank_PDB_chainid_flag 
_struct_asym.pdbx_modified 
_struct_asym.entity_id 
_struct_asym.details 
A N N 1 ? 
B N N 1 ? 
C N N 2 ? 
D N N 2 ? 
E N N 3 ? 
F N N 3 ? 
# 
_struct_ref.id                         1 
_struct_ref.db_name                    UNP 
_struct_ref.db_code                    PTGCB_ECOLI 
_struct_ref.pdbx_db_accession          P69786 
_struct_ref.entity_id                  1 
_struct_ref.pdbx_seq_one_letter_code   
;TGTSEMAPALVAAFGGKENITNLDACITRLRVSVADVSKVDQAGLKKLGAAGVVVAGSGVQAIFGTKSDNLKTEMDEYIR
NH
;
_struct_ref.pdbx_align_begin           396 
_struct_ref.pdbx_db_isoform            ? 
# 
loop_
_struct_ref_seq.align_id 
_struct_ref_seq.ref_id 
_struct_ref_seq.pdbx_PDB_id_code 
_struct_ref_seq.pdbx_strand_id 
_struct_ref_seq.seq_align_beg 
_struct_ref_seq.pdbx_seq_align_beg_ins_code 
_struct_ref_seq.seq_align_end 
_struct_ref_seq.pdbx_seq_align_end_ins_code 
_struct_ref_seq.pdbx_db_accession 
_struct_ref_seq.db_align_beg 
_struct_ref_seq.pdbx_db_align_beg_ins_code 
_struct_ref_seq.db_align_end 
_struct_ref_seq.pdbx_db_align_end_ins_code 
_struct_ref_seq.pdbx_auth_seq_align_beg 
_struct_ref_seq.pdbx_auth_seq_align_end 
1 1 3BP3 A 1 ? 82 ? P69786 396 ? 477 ? 8 89 
2 1 3BP3 B 1 ? 82 ? P69786 396 ? 477 ? 8 89 
# 
loop_
_pdbx_struct_assembly.id 
_pdbx_struct_assembly.details 
_pdbx_struct_assembly.method_details 
_pdbx_struct_assembly.oligomeric_details 
_pdbx_struct_assembly.oligomeric_count 
1 author_defined_assembly ? monomeric 1 
2 author_defined_assembly ? monomeric 1 
# 
loop_
_pdbx_struct_assembly_gen.assembly_id 
_pdbx_struct_assembly_gen.oper_expression 
_pdbx_struct_assembly_gen.asym_id_list 
1 1 A,C,E 
2 1 B,D,F 
# 
_pdbx_struct_oper_list.id                   1 
_pdbx_struct_oper_list.type                 'identity operation' 
_pdbx_struct_oper_list.name                 1_555 
_pdbx_struct_oper_list.symmetry_operation   x,y,z 
_pdbx_struct_oper_list.matrix[1][1]         1.0000000000 
_pdbx_struct_oper_list.matrix[1][2]         0.0000000000 
_pdbx_struct_oper_list.matrix[1][3]         0.0000000000 
_pdbx_struct_oper_list.vector[1]            0.0000000000 
_pdbx_struct_oper_list.matrix[2][1]         0.0000000000 
_pdbx_struct_oper_list.matrix[2][2]         1.0000000000 
_pdbx_struct_oper_list.matrix[2][3]         0.0000000000 
_pdbx_struct_oper_list.vector[2]            0.0000000000 
_pdbx_struct_oper_list.matrix[3][1]         0.0000000000 
_pdbx_struct_oper_list.matrix[3][2]         0.0000000000 
_pdbx_struct_oper_list.matrix[3][3]         1.0000000000 
_pdbx_struct_oper_list.vector[3]            0.0000000000 
# 
_struct_biol.id        1 
_struct_biol.details   ? 
# 
loop_
_struct_conf.conf_type_id 
_struct_conf.id 
_struct_conf.pdbx_PDB_helix_id 
_struct_conf.beg_label_comp_id 
_struct_conf.beg_label_asym_id 
_struct_conf.beg_label_seq_id 
_struct_conf.pdbx_beg_PDB_ins_code 
_struct_conf.end_label_comp_id 
_struct_conf.end_label_asym_id 
_struct_conf.end_label_seq_id 
_struct_conf.pdbx_end_PDB_ins_code 
_struct_conf.beg_auth_comp_id 
_struct_conf.beg_auth_asym_id 
_struct_conf.beg_auth_seq_id 
_struct_conf.end_auth_comp_id 
_struct_conf.end_auth_asym_id 
_struct_conf.end_auth_seq_id 
_struct_conf.pdbx_PDB_helix_class 
_struct_conf.details 
_struct_conf.pdbx_PDB_helix_length 
HELX_P HELX_P1  1  GLU A 5  ? PHE A 14 ? GLU A 12 PHE A 21 1 ? 10 
HELX_P HELX_P2  2  GLY A 16 ? GLU A 18 ? GLY A 23 GLU A 25 5 ? 3  
HELX_P HELX_P3  3  ASP A 36 ? VAL A 40 ? ASP A 43 VAL A 47 5 ? 5  
HELX_P HELX_P4  4  ASP A 41 ? LEU A 48 ? ASP A 48 LEU A 55 1 ? 8  
HELX_P HELX_P5  5  LYS A 67 ? ASN A 81 ? LYS A 74 ASN A 88 1 ? 15 
HELX_P HELX_P6  6  GLU B 5  ? PHE B 14 ? GLU B 12 PHE B 21 1 ? 10 
HELX_P HELX_P7  7  GLY B 16 ? GLU B 18 ? GLY B 23 GLU B 25 5 ? 3  
HELX_P HELX_P8  8  ASP B 36 ? VAL B 40 ? ASP B 43 VAL B 47 5 ? 5  
HELX_P HELX_P9  9  ASP B 41 ? LEU B 48 ? ASP B 48 LEU B 55 1 ? 8  
HELX_P HELX_P10 10 LYS B 67 ? ASN B 81 ? LYS B 74 ASN B 88 1 ? 15 
# 
_struct_conf_type.id          HELX_P 
_struct_conf_type.criteria    ? 
_struct_conf_type.reference   ? 
# 
loop_
_struct_conn.id 
_struct_conn.conn_type_id 
_struct_conn.pdbx_leaving_atom_flag 
_struct_conn.pdbx_PDB_id 
_struct_conn.ptnr1_label_asym_id 
_struct_conn.ptnr1_label_comp_id 
_struct_conn.ptnr1_label_seq_id 
_struct_conn.ptnr1_label_atom_id 
_struct_conn.pdbx_ptnr1_label_alt_id 
_struct_conn.pdbx_ptnr1_PDB_ins_code 
_struct_conn.pdbx_ptnr1_standard_comp_id 
_struct_conn.ptnr1_symmetry 
_struct_conn.ptnr2_label_asym_id 
_struct_conn.ptnr2_label_comp_id 
_struct_conn.ptnr2_label_seq_id 
_struct_conn.ptnr2_label_atom_id 
_struct_conn.pdbx_ptnr2_label_alt_id 
_struct_conn.pdbx_ptnr2_PDB_ins_code 
_struct_conn.ptnr1_auth_asym_id 
_struct_conn.ptnr1_auth_comp_id 
_struct_conn.ptnr1_auth_seq_id 
_struct_conn.ptnr2_auth_asym_id 
_struct_conn.ptnr2_auth_comp_id 
_struct_conn.ptnr2_auth_seq_id 
_struct_conn.ptnr2_symmetry 
_struct_conn.pdbx_ptnr3_label_atom_id 
_struct_conn.pdbx_ptnr3_label_seq_id 
_struct_conn.pdbx_ptnr3_label_comp_id 
_struct_conn.pdbx_ptnr3_label_asym_id 
_struct_conn.pdbx_ptnr3_label_alt_id 
_struct_conn.pdbx_ptnr3_PDB_ins_code 
_struct_conn.details 
_struct_conn.pdbx_dist_value 
_struct_conn.pdbx_value_order 
_struct_conn.pdbx_role 
covale1 covale both ? A GLU 5  C ? ? ? 1_555 A MSE 6  N ? ? A GLU 12 A MSE 13 1_555 ? ? ? ? ? ? ? 1.332 ? ? 
covale2 covale both ? A MSE 6  C ? ? ? 1_555 A ALA 7  N ? ? A MSE 13 A ALA 14 1_555 ? ? ? ? ? ? ? 1.331 ? ? 
covale3 covale both ? A GLU 74 C ? ? ? 1_555 A MSE 75 N ? ? A GLU 81 A MSE 82 1_555 ? ? ? ? ? ? ? 1.328 ? ? 
covale4 covale both ? A MSE 75 C ? ? ? 1_555 A ASP 76 N ? ? A MSE 82 A ASP 83 1_555 ? ? ? ? ? ? ? 1.331 ? ? 
covale5 covale both ? B GLU 5  C ? ? ? 1_555 B MSE 6  N ? ? B GLU 12 B MSE 13 1_555 ? ? ? ? ? ? ? 1.333 ? ? 
covale6 covale both ? B MSE 6  C ? ? ? 1_555 B ALA 7  N ? ? B MSE 13 B ALA 14 1_555 ? ? ? ? ? ? ? 1.332 ? ? 
covale7 covale both ? B GLU 74 C ? ? ? 1_555 B MSE 75 N ? ? B GLU 81 B MSE 82 1_555 ? ? ? ? ? ? ? 1.327 ? ? 
covale8 covale both ? B MSE 75 C ? ? ? 1_555 B ASP 76 N ? ? B MSE 82 B ASP 83 1_555 ? ? ? ? ? ? ? 1.331 ? ? 
# 
_struct_conn_type.id          covale 
_struct_conn_type.criteria    ? 
_struct_conn_type.reference   ? 
# 
loop_
_pdbx_modification_feature.ordinal 
_pdbx_modification_feature.label_comp_id 
_pdbx_modification_feature.label_asym_id 
_pdbx_modification_feature.label_seq_id 
_pdbx_modification_feature.label_alt_id 
_pdbx_modification_feature.modified_residue_label_comp_id 
_pdbx_modification_feature.modified_residue_label_asym_id 
_pdbx_modification_feature.modified_residue_label_seq_id 
_pdbx_modification_feature.modified_residue_label_alt_id 
_pdbx_modification_feature.auth_comp_id 
_pdbx_modification_feature.auth_asym_id 
_pdbx_modification_feature.auth_seq_id 
_pdbx_modification_feature.PDB_ins_code 
_pdbx_modification_feature.symmetry 
_pdbx_modification_feature.modified_residue_auth_comp_id 
_pdbx_modification_feature.modified_residue_auth_asym_id 
_pdbx_modification_feature.modified_residue_auth_seq_id 
_pdbx_modification_feature.modified_residue_PDB_ins_code 
_pdbx_modification_feature.modified_residue_symmetry 
_pdbx_modification_feature.comp_id_linking_atom 
_pdbx_modification_feature.modified_residue_id_linking_atom 
_pdbx_modification_feature.modified_residue_id 
_pdbx_modification_feature.ref_pcm_id 
_pdbx_modification_feature.ref_comp_id 
_pdbx_modification_feature.type 
_pdbx_modification_feature.category 
1 MSE A 6  ? . . . . MSE A 13 ? 1_555 . . . . . . . MET 1 MSE Selenomethionine 'Named protein modification' 
2 MSE A 75 ? . . . . MSE A 82 ? 1_555 . . . . . . . MET 1 MSE Selenomethionine 'Named protein modification' 
3 MSE B 6  ? . . . . MSE B 13 ? 1_555 . . . . . . . MET 1 MSE Selenomethionine 'Named protein modification' 
4 MSE B 75 ? . . . . MSE B 82 ? 1_555 . . . . . . . MET 1 MSE Selenomethionine 'Named protein modification' 
# 
loop_
_struct_sheet.id 
_struct_sheet.type 
_struct_sheet.number_strands 
_struct_sheet.details 
A ? 5 ? 
B ? 4 ? 
# 
loop_
_struct_sheet_order.sheet_id 
_struct_sheet_order.range_id_1 
_struct_sheet_order.range_id_2 
_struct_sheet_order.offset 
_struct_sheet_order.sense 
A 1 2 ? anti-parallel 
A 2 3 ? anti-parallel 
A 3 4 ? anti-parallel 
A 4 5 ? anti-parallel 
B 1 2 ? anti-parallel 
B 2 3 ? anti-parallel 
B 3 4 ? anti-parallel 
# 
loop_
_struct_sheet_range.sheet_id 
_struct_sheet_range.id 
_struct_sheet_range.beg_label_comp_id 
_struct_sheet_range.beg_label_asym_id 
_struct_sheet_range.beg_label_seq_id 
_struct_sheet_range.pdbx_beg_PDB_ins_code 
_struct_sheet_range.end_label_comp_id 
_struct_sheet_range.end_label_asym_id 
_struct_sheet_range.end_label_seq_id 
_struct_sheet_range.pdbx_end_PDB_ins_code 
_struct_sheet_range.beg_auth_comp_id 
_struct_sheet_range.beg_auth_asym_id 
_struct_sheet_range.beg_auth_seq_id 
_struct_sheet_range.end_auth_comp_id 
_struct_sheet_range.end_auth_asym_id 
_struct_sheet_range.end_auth_seq_id 
A 1 GLY A 52 ? ALA A 56 ? GLY A 59 ALA A 63 
A 2 GLY A 59 ? ILE A 63 ? GLY A 66 ILE A 70 
A 3 ARG A 29 ? VAL A 34 ? ARG A 36 VAL A 41 
A 4 ILE A 20 ? ALA A 25 ? ILE A 27 ALA A 32 
A 5 THR B 3  ? SER B 4  ? THR B 10 SER B 11 
B 1 ILE B 20 ? ALA B 25 ? ILE B 27 ALA B 32 
B 2 ARG B 29 ? VAL B 34 ? ARG B 36 VAL B 41 
B 3 GLY B 59 ? ILE B 63 ? GLY B 66 ILE B 70 
B 4 GLY B 52 ? ALA B 56 ? GLY B 59 ALA B 63 
# 
loop_
_pdbx_struct_sheet_hbond.sheet_id 
_pdbx_struct_sheet_hbond.range_id_1 
_pdbx_struct_sheet_hbond.range_id_2 
_pdbx_struct_sheet_hbond.range_1_label_atom_id 
_pdbx_struct_sheet_hbond.range_1_label_comp_id 
_pdbx_struct_sheet_hbond.range_1_label_asym_id 
_pdbx_struct_sheet_hbond.range_1_label_seq_id 
_pdbx_struct_sheet_hbond.range_1_PDB_ins_code 
_pdbx_struct_sheet_hbond.range_1_auth_atom_id 
_pdbx_struct_sheet_hbond.range_1_auth_comp_id 
_pdbx_struct_sheet_hbond.range_1_auth_asym_id 
_pdbx_struct_sheet_hbond.range_1_auth_seq_id 
_pdbx_struct_sheet_hbond.range_2_label_atom_id 
_pdbx_struct_sheet_hbond.range_2_label_comp_id 
_pdbx_struct_sheet_hbond.range_2_label_asym_id 
_pdbx_struct_sheet_hbond.range_2_label_seq_id 
_pdbx_struct_sheet_hbond.range_2_PDB_ins_code 
_pdbx_struct_sheet_hbond.range_2_auth_atom_id 
_pdbx_struct_sheet_hbond.range_2_auth_comp_id 
_pdbx_struct_sheet_hbond.range_2_auth_asym_id 
_pdbx_struct_sheet_hbond.range_2_auth_seq_id 
A 1 2 N VAL A 54 ? N VAL A 61 O GLN A 61 ? O GLN A 68 
A 2 3 O ALA A 62 ? O ALA A 69 N LEU A 30 ? N LEU A 37 
A 3 4 O ARG A 31 ? O ARG A 38 N ASP A 24 ? N ASP A 31 
A 4 5 N LEU A 23 ? N LEU A 30 O THR B 3  ? O THR B 10 
B 1 2 N ASP B 24 ? N ASP B 31 O ARG B 31 ? O ARG B 38 
B 2 3 N LEU B 30 ? N LEU B 37 O ALA B 62 ? O ALA B 69 
B 3 4 O GLN B 61 ? O GLN B 68 N VAL B 54 ? N VAL B 61 
# 
loop_
_struct_site.id 
_struct_site.pdbx_evidence_code 
_struct_site.pdbx_auth_asym_id 
_struct_site.pdbx_auth_comp_id 
_struct_site.pdbx_auth_seq_id 
_struct_site.pdbx_auth_ins_code 
_struct_site.pdbx_num_residues 
_struct_site.details 
AC1 Software A SO4 1 ? 7 'BINDING SITE FOR RESIDUE SO4 A 1' 
AC2 Software B SO4 2 ? 7 'BINDING SITE FOR RESIDUE SO4 B 2' 
# 
loop_
_struct_site_gen.id 
_struct_site_gen.site_id 
_struct_site_gen.pdbx_num_res 
_struct_site_gen.label_comp_id 
_struct_site_gen.label_asym_id 
_struct_site_gen.label_seq_id 
_struct_site_gen.pdbx_auth_ins_code 
_struct_site_gen.auth_comp_id 
_struct_site_gen.auth_asym_id 
_struct_site_gen.auth_seq_id 
_struct_site_gen.label_atom_id 
_struct_site_gen.label_alt_id 
_struct_site_gen.symmetry 
_struct_site_gen.details 
1  AC1 7 CYS A 26 ? CYS A 33  . ? 1_555 ? 
2  AC1 7 ILE A 27 ? ILE A 34  . ? 1_555 ? 
3  AC1 7 THR A 28 ? THR A 35  . ? 1_555 ? 
4  AC1 7 ARG A 29 ? ARG A 36  . ? 1_555 ? 
5  AC1 7 LYS A 46 ? LYS A 53  . ? 3_656 ? 
6  AC1 7 HOH E .  ? HOH A 94  . ? 3_655 ? 
7  AC1 7 HOH E .  ? HOH A 140 . ? 1_555 ? 
8  AC2 7 CYS B 26 ? CYS B 33  . ? 1_555 ? 
9  AC2 7 ILE B 27 ? ILE B 34  . ? 1_555 ? 
10 AC2 7 THR B 28 ? THR B 35  . ? 1_555 ? 
11 AC2 7 ARG B 29 ? ARG B 36  . ? 1_555 ? 
12 AC2 7 LYS B 46 ? LYS B 53  . ? 4_566 ? 
13 AC2 7 HOH F .  ? HOH B 128 . ? 1_555 ? 
14 AC2 7 HOH F .  ? HOH B 129 . ? 1_555 ? 
# 
_pdbx_entry_details.entry_id                   3BP3 
_pdbx_entry_details.compound_details           ? 
_pdbx_entry_details.source_details             ? 
_pdbx_entry_details.nonpolymer_details         ? 
_pdbx_entry_details.sequence_details           ? 
_pdbx_entry_details.has_ligand_of_interest     ? 
_pdbx_entry_details.has_protein_modification   Y 
# 
loop_
_pdbx_validate_symm_contact.id 
_pdbx_validate_symm_contact.PDB_model_num 
_pdbx_validate_symm_contact.auth_atom_id_1 
_pdbx_validate_symm_contact.auth_asym_id_1 
_pdbx_validate_symm_contact.auth_comp_id_1 
_pdbx_validate_symm_contact.auth_seq_id_1 
_pdbx_validate_symm_contact.PDB_ins_code_1 
_pdbx_validate_symm_contact.label_alt_id_1 
_pdbx_validate_symm_contact.site_symmetry_1 
_pdbx_validate_symm_contact.auth_atom_id_2 
_pdbx_validate_symm_contact.auth_asym_id_2 
_pdbx_validate_symm_contact.auth_comp_id_2 
_pdbx_validate_symm_contact.auth_seq_id_2 
_pdbx_validate_symm_contact.PDB_ins_code_2 
_pdbx_validate_symm_contact.label_alt_id_2 
_pdbx_validate_symm_contact.site_symmetry_2 
_pdbx_validate_symm_contact.dist 
1 1 O B HOH 136 ? ? 1_555 O B HOH 136 ? ? 4_566 2.03 
2 1 O A HOH 146 ? ? 1_555 O A HOH 146 ? ? 3_656 2.16 
# 
loop_
_pdbx_validate_torsion.id 
_pdbx_validate_torsion.PDB_model_num 
_pdbx_validate_torsion.auth_comp_id 
_pdbx_validate_torsion.auth_asym_id 
_pdbx_validate_torsion.auth_seq_id 
_pdbx_validate_torsion.PDB_ins_code 
_pdbx_validate_torsion.label_alt_id 
_pdbx_validate_torsion.phi 
_pdbx_validate_torsion.psi 
1 1 CYS A 33 ? ? -109.97 -131.98 
2 1 SER A 65 ? ? -82.76  31.19   
3 1 CYS B 33 ? ? -109.61 -131.89 
4 1 SER B 65 ? ? -82.79  31.18   
# 
loop_
_pdbx_struct_mod_residue.id 
_pdbx_struct_mod_residue.label_asym_id 
_pdbx_struct_mod_residue.label_comp_id 
_pdbx_struct_mod_residue.label_seq_id 
_pdbx_struct_mod_residue.auth_asym_id 
_pdbx_struct_mod_residue.auth_comp_id 
_pdbx_struct_mod_residue.auth_seq_id 
_pdbx_struct_mod_residue.PDB_ins_code 
_pdbx_struct_mod_residue.parent_comp_id 
_pdbx_struct_mod_residue.details 
1 A MSE 6  A MSE 13 ? MET SELENOMETHIONINE 
2 A MSE 75 A MSE 82 ? MET SELENOMETHIONINE 
3 B MSE 6  B MSE 13 ? MET SELENOMETHIONINE 
4 B MSE 75 B MSE 82 ? MET SELENOMETHIONINE 
# 
_pdbx_struct_special_symmetry.id              1 
_pdbx_struct_special_symmetry.PDB_model_num   1 
_pdbx_struct_special_symmetry.auth_asym_id    B 
_pdbx_struct_special_symmetry.auth_comp_id    HOH 
_pdbx_struct_special_symmetry.auth_seq_id     150 
_pdbx_struct_special_symmetry.PDB_ins_code    ? 
_pdbx_struct_special_symmetry.label_asym_id   F 
_pdbx_struct_special_symmetry.label_comp_id   HOH 
_pdbx_struct_special_symmetry.label_seq_id    . 
# 
loop_
_pdbx_unobs_or_zero_occ_residues.id 
_pdbx_unobs_or_zero_occ_residues.PDB_model_num 
_pdbx_unobs_or_zero_occ_residues.polymer_flag 
_pdbx_unobs_or_zero_occ_residues.occupancy_flag 
_pdbx_unobs_or_zero_occ_residues.auth_asym_id 
_pdbx_unobs_or_zero_occ_residues.auth_comp_id 
_pdbx_unobs_or_zero_occ_residues.auth_seq_id 
_pdbx_unobs_or_zero_occ_residues.PDB_ins_code 
_pdbx_unobs_or_zero_occ_residues.label_asym_id 
_pdbx_unobs_or_zero_occ_residues.label_comp_id 
_pdbx_unobs_or_zero_occ_residues.label_seq_id 
1 1 Y 1 A HIS 89 ? A HIS 82 
2 1 Y 1 B HIS 89 ? B HIS 82 
# 
loop_
_chem_comp_atom.comp_id 
_chem_comp_atom.atom_id 
_chem_comp_atom.type_symbol 
_chem_comp_atom.pdbx_aromatic_flag 
_chem_comp_atom.pdbx_stereo_config 
_chem_comp_atom.pdbx_ordinal 
ALA N    N  N N 1   
ALA CA   C  N S 2   
ALA C    C  N N 3   
ALA O    O  N N 4   
ALA CB   C  N N 5   
ALA OXT  O  N N 6   
ALA H    H  N N 7   
ALA H2   H  N N 8   
ALA HA   H  N N 9   
ALA HB1  H  N N 10  
ALA HB2  H  N N 11  
ALA HB3  H  N N 12  
ALA HXT  H  N N 13  
ARG N    N  N N 14  
ARG CA   C  N S 15  
ARG C    C  N N 16  
ARG O    O  N N 17  
ARG CB   C  N N 18  
ARG CG   C  N N 19  
ARG CD   C  N N 20  
ARG NE   N  N N 21  
ARG CZ   C  N N 22  
ARG NH1  N  N N 23  
ARG NH2  N  N N 24  
ARG OXT  O  N N 25  
ARG H    H  N N 26  
ARG H2   H  N N 27  
ARG HA   H  N N 28  
ARG HB2  H  N N 29  
ARG HB3  H  N N 30  
ARG HG2  H  N N 31  
ARG HG3  H  N N 32  
ARG HD2  H  N N 33  
ARG HD3  H  N N 34  
ARG HE   H  N N 35  
ARG HH11 H  N N 36  
ARG HH12 H  N N 37  
ARG HH21 H  N N 38  
ARG HH22 H  N N 39  
ARG HXT  H  N N 40  
ASN N    N  N N 41  
ASN CA   C  N S 42  
ASN C    C  N N 43  
ASN O    O  N N 44  
ASN CB   C  N N 45  
ASN CG   C  N N 46  
ASN OD1  O  N N 47  
ASN ND2  N  N N 48  
ASN OXT  O  N N 49  
ASN H    H  N N 50  
ASN H2   H  N N 51  
ASN HA   H  N N 52  
ASN HB2  H  N N 53  
ASN HB3  H  N N 54  
ASN HD21 H  N N 55  
ASN HD22 H  N N 56  
ASN HXT  H  N N 57  
ASP N    N  N N 58  
ASP CA   C  N S 59  
ASP C    C  N N 60  
ASP O    O  N N 61  
ASP CB   C  N N 62  
ASP CG   C  N N 63  
ASP OD1  O  N N 64  
ASP OD2  O  N N 65  
ASP OXT  O  N N 66  
ASP H    H  N N 67  
ASP H2   H  N N 68  
ASP HA   H  N N 69  
ASP HB2  H  N N 70  
ASP HB3  H  N N 71  
ASP HD2  H  N N 72  
ASP HXT  H  N N 73  
CYS N    N  N N 74  
CYS CA   C  N R 75  
CYS C    C  N N 76  
CYS O    O  N N 77  
CYS CB   C  N N 78  
CYS SG   S  N N 79  
CYS OXT  O  N N 80  
CYS H    H  N N 81  
CYS H2   H  N N 82  
CYS HA   H  N N 83  
CYS HB2  H  N N 84  
CYS HB3  H  N N 85  
CYS HG   H  N N 86  
CYS HXT  H  N N 87  
GLN N    N  N N 88  
GLN CA   C  N S 89  
GLN C    C  N N 90  
GLN O    O  N N 91  
GLN CB   C  N N 92  
GLN CG   C  N N 93  
GLN CD   C  N N 94  
GLN OE1  O  N N 95  
GLN NE2  N  N N 96  
GLN OXT  O  N N 97  
GLN H    H  N N 98  
GLN H2   H  N N 99  
GLN HA   H  N N 100 
GLN HB2  H  N N 101 
GLN HB3  H  N N 102 
GLN HG2  H  N N 103 
GLN HG3  H  N N 104 
GLN HE21 H  N N 105 
GLN HE22 H  N N 106 
GLN HXT  H  N N 107 
GLU N    N  N N 108 
GLU CA   C  N S 109 
GLU C    C  N N 110 
GLU O    O  N N 111 
GLU CB   C  N N 112 
GLU CG   C  N N 113 
GLU CD   C  N N 114 
GLU OE1  O  N N 115 
GLU OE2  O  N N 116 
GLU OXT  O  N N 117 
GLU H    H  N N 118 
GLU H2   H  N N 119 
GLU HA   H  N N 120 
GLU HB2  H  N N 121 
GLU HB3  H  N N 122 
GLU HG2  H  N N 123 
GLU HG3  H  N N 124 
GLU HE2  H  N N 125 
GLU HXT  H  N N 126 
GLY N    N  N N 127 
GLY CA   C  N N 128 
GLY C    C  N N 129 
GLY O    O  N N 130 
GLY OXT  O  N N 131 
GLY H    H  N N 132 
GLY H2   H  N N 133 
GLY HA2  H  N N 134 
GLY HA3  H  N N 135 
GLY HXT  H  N N 136 
HIS N    N  N N 137 
HIS CA   C  N S 138 
HIS C    C  N N 139 
HIS O    O  N N 140 
HIS CB   C  N N 141 
HIS CG   C  Y N 142 
HIS ND1  N  Y N 143 
HIS CD2  C  Y N 144 
HIS CE1  C  Y N 145 
HIS NE2  N  Y N 146 
HIS OXT  O  N N 147 
HIS H    H  N N 148 
HIS H2   H  N N 149 
HIS HA   H  N N 150 
HIS HB2  H  N N 151 
HIS HB3  H  N N 152 
HIS HD1  H  N N 153 
HIS HD2  H  N N 154 
HIS HE1  H  N N 155 
HIS HE2  H  N N 156 
HIS HXT  H  N N 157 
HOH O    O  N N 158 
HOH H1   H  N N 159 
HOH H2   H  N N 160 
ILE N    N  N N 161 
ILE CA   C  N S 162 
ILE C    C  N N 163 
ILE O    O  N N 164 
ILE CB   C  N S 165 
ILE CG1  C  N N 166 
ILE CG2  C  N N 167 
ILE CD1  C  N N 168 
ILE OXT  O  N N 169 
ILE H    H  N N 170 
ILE H2   H  N N 171 
ILE HA   H  N N 172 
ILE HB   H  N N 173 
ILE HG12 H  N N 174 
ILE HG13 H  N N 175 
ILE HG21 H  N N 176 
ILE HG22 H  N N 177 
ILE HG23 H  N N 178 
ILE HD11 H  N N 179 
ILE HD12 H  N N 180 
ILE HD13 H  N N 181 
ILE HXT  H  N N 182 
LEU N    N  N N 183 
LEU CA   C  N S 184 
LEU C    C  N N 185 
LEU O    O  N N 186 
LEU CB   C  N N 187 
LEU CG   C  N N 188 
LEU CD1  C  N N 189 
LEU CD2  C  N N 190 
LEU OXT  O  N N 191 
LEU H    H  N N 192 
LEU H2   H  N N 193 
LEU HA   H  N N 194 
LEU HB2  H  N N 195 
LEU HB3  H  N N 196 
LEU HG   H  N N 197 
LEU HD11 H  N N 198 
LEU HD12 H  N N 199 
LEU HD13 H  N N 200 
LEU HD21 H  N N 201 
LEU HD22 H  N N 202 
LEU HD23 H  N N 203 
LEU HXT  H  N N 204 
LYS N    N  N N 205 
LYS CA   C  N S 206 
LYS C    C  N N 207 
LYS O    O  N N 208 
LYS CB   C  N N 209 
LYS CG   C  N N 210 
LYS CD   C  N N 211 
LYS CE   C  N N 212 
LYS NZ   N  N N 213 
LYS OXT  O  N N 214 
LYS H    H  N N 215 
LYS H2   H  N N 216 
LYS HA   H  N N 217 
LYS HB2  H  N N 218 
LYS HB3  H  N N 219 
LYS HG2  H  N N 220 
LYS HG3  H  N N 221 
LYS HD2  H  N N 222 
LYS HD3  H  N N 223 
LYS HE2  H  N N 224 
LYS HE3  H  N N 225 
LYS HZ1  H  N N 226 
LYS HZ2  H  N N 227 
LYS HZ3  H  N N 228 
LYS HXT  H  N N 229 
MSE N    N  N N 230 
MSE CA   C  N S 231 
MSE C    C  N N 232 
MSE O    O  N N 233 
MSE OXT  O  N N 234 
MSE CB   C  N N 235 
MSE CG   C  N N 236 
MSE SE   SE N N 237 
MSE CE   C  N N 238 
MSE H    H  N N 239 
MSE H2   H  N N 240 
MSE HA   H  N N 241 
MSE HXT  H  N N 242 
MSE HB2  H  N N 243 
MSE HB3  H  N N 244 
MSE HG2  H  N N 245 
MSE HG3  H  N N 246 
MSE HE1  H  N N 247 
MSE HE2  H  N N 248 
MSE HE3  H  N N 249 
PHE N    N  N N 250 
PHE CA   C  N S 251 
PHE C    C  N N 252 
PHE O    O  N N 253 
PHE CB   C  N N 254 
PHE CG   C  Y N 255 
PHE CD1  C  Y N 256 
PHE CD2  C  Y N 257 
PHE CE1  C  Y N 258 
PHE CE2  C  Y N 259 
PHE CZ   C  Y N 260 
PHE OXT  O  N N 261 
PHE H    H  N N 262 
PHE H2   H  N N 263 
PHE HA   H  N N 264 
PHE HB2  H  N N 265 
PHE HB3  H  N N 266 
PHE HD1  H  N N 267 
PHE HD2  H  N N 268 
PHE HE1  H  N N 269 
PHE HE2  H  N N 270 
PHE HZ   H  N N 271 
PHE HXT  H  N N 272 
PRO N    N  N N 273 
PRO CA   C  N S 274 
PRO C    C  N N 275 
PRO O    O  N N 276 
PRO CB   C  N N 277 
PRO CG   C  N N 278 
PRO CD   C  N N 279 
PRO OXT  O  N N 280 
PRO H    H  N N 281 
PRO HA   H  N N 282 
PRO HB2  H  N N 283 
PRO HB3  H  N N 284 
PRO HG2  H  N N 285 
PRO HG3  H  N N 286 
PRO HD2  H  N N 287 
PRO HD3  H  N N 288 
PRO HXT  H  N N 289 
SER N    N  N N 290 
SER CA   C  N S 291 
SER C    C  N N 292 
SER O    O  N N 293 
SER CB   C  N N 294 
SER OG   O  N N 295 
SER OXT  O  N N 296 
SER H    H  N N 297 
SER H2   H  N N 298 
SER HA   H  N N 299 
SER HB2  H  N N 300 
SER HB3  H  N N 301 
SER HG   H  N N 302 
SER HXT  H  N N 303 
SO4 S    S  N N 304 
SO4 O1   O  N N 305 
SO4 O2   O  N N 306 
SO4 O3   O  N N 307 
SO4 O4   O  N N 308 
THR N    N  N N 309 
THR CA   C  N S 310 
THR C    C  N N 311 
THR O    O  N N 312 
THR CB   C  N R 313 
THR OG1  O  N N 314 
THR CG2  C  N N 315 
THR OXT  O  N N 316 
THR H    H  N N 317 
THR H2   H  N N 318 
THR HA   H  N N 319 
THR HB   H  N N 320 
THR HG1  H  N N 321 
THR HG21 H  N N 322 
THR HG22 H  N N 323 
THR HG23 H  N N 324 
THR HXT  H  N N 325 
TYR N    N  N N 326 
TYR CA   C  N S 327 
TYR C    C  N N 328 
TYR O    O  N N 329 
TYR CB   C  N N 330 
TYR CG   C  Y N 331 
TYR CD1  C  Y N 332 
TYR CD2  C  Y N 333 
TYR CE1  C  Y N 334 
TYR CE2  C  Y N 335 
TYR CZ   C  Y N 336 
TYR OH   O  N N 337 
TYR OXT  O  N N 338 
TYR H    H  N N 339 
TYR H2   H  N N 340 
TYR HA   H  N N 341 
TYR HB2  H  N N 342 
TYR HB3  H  N N 343 
TYR HD1  H  N N 344 
TYR HD2  H  N N 345 
TYR HE1  H  N N 346 
TYR HE2  H  N N 347 
TYR HH   H  N N 348 
TYR HXT  H  N N 349 
VAL N    N  N N 350 
VAL CA   C  N S 351 
VAL C    C  N N 352 
VAL O    O  N N 353 
VAL CB   C  N N 354 
VAL CG1  C  N N 355 
VAL CG2  C  N N 356 
VAL OXT  O  N N 357 
VAL H    H  N N 358 
VAL H2   H  N N 359 
VAL HA   H  N N 360 
VAL HB   H  N N 361 
VAL HG11 H  N N 362 
VAL HG12 H  N N 363 
VAL HG13 H  N N 364 
VAL HG21 H  N N 365 
VAL HG22 H  N N 366 
VAL HG23 H  N N 367 
VAL HXT  H  N N 368 
# 
loop_
_chem_comp_bond.comp_id 
_chem_comp_bond.atom_id_1 
_chem_comp_bond.atom_id_2 
_chem_comp_bond.value_order 
_chem_comp_bond.pdbx_aromatic_flag 
_chem_comp_bond.pdbx_stereo_config 
_chem_comp_bond.pdbx_ordinal 
ALA N   CA   sing N N 1   
ALA N   H    sing N N 2   
ALA N   H2   sing N N 3   
ALA CA  C    sing N N 4   
ALA CA  CB   sing N N 5   
ALA CA  HA   sing N N 6   
ALA C   O    doub N N 7   
ALA C   OXT  sing N N 8   
ALA CB  HB1  sing N N 9   
ALA CB  HB2  sing N N 10  
ALA CB  HB3  sing N N 11  
ALA OXT HXT  sing N N 12  
ARG N   CA   sing N N 13  
ARG N   H    sing N N 14  
ARG N   H2   sing N N 15  
ARG CA  C    sing N N 16  
ARG CA  CB   sing N N 17  
ARG CA  HA   sing N N 18  
ARG C   O    doub N N 19  
ARG C   OXT  sing N N 20  
ARG CB  CG   sing N N 21  
ARG CB  HB2  sing N N 22  
ARG CB  HB3  sing N N 23  
ARG CG  CD   sing N N 24  
ARG CG  HG2  sing N N 25  
ARG CG  HG3  sing N N 26  
ARG CD  NE   sing N N 27  
ARG CD  HD2  sing N N 28  
ARG CD  HD3  sing N N 29  
ARG NE  CZ   sing N N 30  
ARG NE  HE   sing N N 31  
ARG CZ  NH1  sing N N 32  
ARG CZ  NH2  doub N N 33  
ARG NH1 HH11 sing N N 34  
ARG NH1 HH12 sing N N 35  
ARG NH2 HH21 sing N N 36  
ARG NH2 HH22 sing N N 37  
ARG OXT HXT  sing N N 38  
ASN N   CA   sing N N 39  
ASN N   H    sing N N 40  
ASN N   H2   sing N N 41  
ASN CA  C    sing N N 42  
ASN CA  CB   sing N N 43  
ASN CA  HA   sing N N 44  
ASN C   O    doub N N 45  
ASN C   OXT  sing N N 46  
ASN CB  CG   sing N N 47  
ASN CB  HB2  sing N N 48  
ASN CB  HB3  sing N N 49  
ASN CG  OD1  doub N N 50  
ASN CG  ND2  sing N N 51  
ASN ND2 HD21 sing N N 52  
ASN ND2 HD22 sing N N 53  
ASN OXT HXT  sing N N 54  
ASP N   CA   sing N N 55  
ASP N   H    sing N N 56  
ASP N   H2   sing N N 57  
ASP CA  C    sing N N 58  
ASP CA  CB   sing N N 59  
ASP CA  HA   sing N N 60  
ASP C   O    doub N N 61  
ASP C   OXT  sing N N 62  
ASP CB  CG   sing N N 63  
ASP CB  HB2  sing N N 64  
ASP CB  HB3  sing N N 65  
ASP CG  OD1  doub N N 66  
ASP CG  OD2  sing N N 67  
ASP OD2 HD2  sing N N 68  
ASP OXT HXT  sing N N 69  
CYS N   CA   sing N N 70  
CYS N   H    sing N N 71  
CYS N   H2   sing N N 72  
CYS CA  C    sing N N 73  
CYS CA  CB   sing N N 74  
CYS CA  HA   sing N N 75  
CYS C   O    doub N N 76  
CYS C   OXT  sing N N 77  
CYS CB  SG   sing N N 78  
CYS CB  HB2  sing N N 79  
CYS CB  HB3  sing N N 80  
CYS SG  HG   sing N N 81  
CYS OXT HXT  sing N N 82  
GLN N   CA   sing N N 83  
GLN N   H    sing N N 84  
GLN N   H2   sing N N 85  
GLN CA  C    sing N N 86  
GLN CA  CB   sing N N 87  
GLN CA  HA   sing N N 88  
GLN C   O    doub N N 89  
GLN C   OXT  sing N N 90  
GLN CB  CG   sing N N 91  
GLN CB  HB2  sing N N 92  
GLN CB  HB3  sing N N 93  
GLN CG  CD   sing N N 94  
GLN CG  HG2  sing N N 95  
GLN CG  HG3  sing N N 96  
GLN CD  OE1  doub N N 97  
GLN CD  NE2  sing N N 98  
GLN NE2 HE21 sing N N 99  
GLN NE2 HE22 sing N N 100 
GLN OXT HXT  sing N N 101 
GLU N   CA   sing N N 102 
GLU N   H    sing N N 103 
GLU N   H2   sing N N 104 
GLU CA  C    sing N N 105 
GLU CA  CB   sing N N 106 
GLU CA  HA   sing N N 107 
GLU C   O    doub N N 108 
GLU C   OXT  sing N N 109 
GLU CB  CG   sing N N 110 
GLU CB  HB2  sing N N 111 
GLU CB  HB3  sing N N 112 
GLU CG  CD   sing N N 113 
GLU CG  HG2  sing N N 114 
GLU CG  HG3  sing N N 115 
GLU CD  OE1  doub N N 116 
GLU CD  OE2  sing N N 117 
GLU OE2 HE2  sing N N 118 
GLU OXT HXT  sing N N 119 
GLY N   CA   sing N N 120 
GLY N   H    sing N N 121 
GLY N   H2   sing N N 122 
GLY CA  C    sing N N 123 
GLY CA  HA2  sing N N 124 
GLY CA  HA3  sing N N 125 
GLY C   O    doub N N 126 
GLY C   OXT  sing N N 127 
GLY OXT HXT  sing N N 128 
HIS N   CA   sing N N 129 
HIS N   H    sing N N 130 
HIS N   H2   sing N N 131 
HIS CA  C    sing N N 132 
HIS CA  CB   sing N N 133 
HIS CA  HA   sing N N 134 
HIS C   O    doub N N 135 
HIS C   OXT  sing N N 136 
HIS CB  CG   sing N N 137 
HIS CB  HB2  sing N N 138 
HIS CB  HB3  sing N N 139 
HIS CG  ND1  sing Y N 140 
HIS CG  CD2  doub Y N 141 
HIS ND1 CE1  doub Y N 142 
HIS ND1 HD1  sing N N 143 
HIS CD2 NE2  sing Y N 144 
HIS CD2 HD2  sing N N 145 
HIS CE1 NE2  sing Y N 146 
HIS CE1 HE1  sing N N 147 
HIS NE2 HE2  sing N N 148 
HIS OXT HXT  sing N N 149 
HOH O   H1   sing N N 150 
HOH O   H2   sing N N 151 
ILE N   CA   sing N N 152 
ILE N   H    sing N N 153 
ILE N   H2   sing N N 154 
ILE CA  C    sing N N 155 
ILE CA  CB   sing N N 156 
ILE CA  HA   sing N N 157 
ILE C   O    doub N N 158 
ILE C   OXT  sing N N 159 
ILE CB  CG1  sing N N 160 
ILE CB  CG2  sing N N 161 
ILE CB  HB   sing N N 162 
ILE CG1 CD1  sing N N 163 
ILE CG1 HG12 sing N N 164 
ILE CG1 HG13 sing N N 165 
ILE CG2 HG21 sing N N 166 
ILE CG2 HG22 sing N N 167 
ILE CG2 HG23 sing N N 168 
ILE CD1 HD11 sing N N 169 
ILE CD1 HD12 sing N N 170 
ILE CD1 HD13 sing N N 171 
ILE OXT HXT  sing N N 172 
LEU N   CA   sing N N 173 
LEU N   H    sing N N 174 
LEU N   H2   sing N N 175 
LEU CA  C    sing N N 176 
LEU CA  CB   sing N N 177 
LEU CA  HA   sing N N 178 
LEU C   O    doub N N 179 
LEU C   OXT  sing N N 180 
LEU CB  CG   sing N N 181 
LEU CB  HB2  sing N N 182 
LEU CB  HB3  sing N N 183 
LEU CG  CD1  sing N N 184 
LEU CG  CD2  sing N N 185 
LEU CG  HG   sing N N 186 
LEU CD1 HD11 sing N N 187 
LEU CD1 HD12 sing N N 188 
LEU CD1 HD13 sing N N 189 
LEU CD2 HD21 sing N N 190 
LEU CD2 HD22 sing N N 191 
LEU CD2 HD23 sing N N 192 
LEU OXT HXT  sing N N 193 
LYS N   CA   sing N N 194 
LYS N   H    sing N N 195 
LYS N   H2   sing N N 196 
LYS CA  C    sing N N 197 
LYS CA  CB   sing N N 198 
LYS CA  HA   sing N N 199 
LYS C   O    doub N N 200 
LYS C   OXT  sing N N 201 
LYS CB  CG   sing N N 202 
LYS CB  HB2  sing N N 203 
LYS CB  HB3  sing N N 204 
LYS CG  CD   sing N N 205 
LYS CG  HG2  sing N N 206 
LYS CG  HG3  sing N N 207 
LYS CD  CE   sing N N 208 
LYS CD  HD2  sing N N 209 
LYS CD  HD3  sing N N 210 
LYS CE  NZ   sing N N 211 
LYS CE  HE2  sing N N 212 
LYS CE  HE3  sing N N 213 
LYS NZ  HZ1  sing N N 214 
LYS NZ  HZ2  sing N N 215 
LYS NZ  HZ3  sing N N 216 
LYS OXT HXT  sing N N 217 
MSE N   CA   sing N N 218 
MSE N   H    sing N N 219 
MSE N   H2   sing N N 220 
MSE CA  C    sing N N 221 
MSE CA  CB   sing N N 222 
MSE CA  HA   sing N N 223 
MSE C   O    doub N N 224 
MSE C   OXT  sing N N 225 
MSE OXT HXT  sing N N 226 
MSE CB  CG   sing N N 227 
MSE CB  HB2  sing N N 228 
MSE CB  HB3  sing N N 229 
MSE CG  SE   sing N N 230 
MSE CG  HG2  sing N N 231 
MSE CG  HG3  sing N N 232 
MSE SE  CE   sing N N 233 
MSE CE  HE1  sing N N 234 
MSE CE  HE2  sing N N 235 
MSE CE  HE3  sing N N 236 
PHE N   CA   sing N N 237 
PHE N   H    sing N N 238 
PHE N   H2   sing N N 239 
PHE CA  C    sing N N 240 
PHE CA  CB   sing N N 241 
PHE CA  HA   sing N N 242 
PHE C   O    doub N N 243 
PHE C   OXT  sing N N 244 
PHE CB  CG   sing N N 245 
PHE CB  HB2  sing N N 246 
PHE CB  HB3  sing N N 247 
PHE CG  CD1  doub Y N 248 
PHE CG  CD2  sing Y N 249 
PHE CD1 CE1  sing Y N 250 
PHE CD1 HD1  sing N N 251 
PHE CD2 CE2  doub Y N 252 
PHE CD2 HD2  sing N N 253 
PHE CE1 CZ   doub Y N 254 
PHE CE1 HE1  sing N N 255 
PHE CE2 CZ   sing Y N 256 
PHE CE2 HE2  sing N N 257 
PHE CZ  HZ   sing N N 258 
PHE OXT HXT  sing N N 259 
PRO N   CA   sing N N 260 
PRO N   CD   sing N N 261 
PRO N   H    sing N N 262 
PRO CA  C    sing N N 263 
PRO CA  CB   sing N N 264 
PRO CA  HA   sing N N 265 
PRO C   O    doub N N 266 
PRO C   OXT  sing N N 267 
PRO CB  CG   sing N N 268 
PRO CB  HB2  sing N N 269 
PRO CB  HB3  sing N N 270 
PRO CG  CD   sing N N 271 
PRO CG  HG2  sing N N 272 
PRO CG  HG3  sing N N 273 
PRO CD  HD2  sing N N 274 
PRO CD  HD3  sing N N 275 
PRO OXT HXT  sing N N 276 
SER N   CA   sing N N 277 
SER N   H    sing N N 278 
SER N   H2   sing N N 279 
SER CA  C    sing N N 280 
SER CA  CB   sing N N 281 
SER CA  HA   sing N N 282 
SER C   O    doub N N 283 
SER C   OXT  sing N N 284 
SER CB  OG   sing N N 285 
SER CB  HB2  sing N N 286 
SER CB  HB3  sing N N 287 
SER OG  HG   sing N N 288 
SER OXT HXT  sing N N 289 
SO4 S   O1   doub N N 290 
SO4 S   O2   doub N N 291 
SO4 S   O3   sing N N 292 
SO4 S   O4   sing N N 293 
THR N   CA   sing N N 294 
THR N   H    sing N N 295 
THR N   H2   sing N N 296 
THR CA  C    sing N N 297 
THR CA  CB   sing N N 298 
THR CA  HA   sing N N 299 
THR C   O    doub N N 300 
THR C   OXT  sing N N 301 
THR CB  OG1  sing N N 302 
THR CB  CG2  sing N N 303 
THR CB  HB   sing N N 304 
THR OG1 HG1  sing N N 305 
THR CG2 HG21 sing N N 306 
THR CG2 HG22 sing N N 307 
THR CG2 HG23 sing N N 308 
THR OXT HXT  sing N N 309 
TYR N   CA   sing N N 310 
TYR N   H    sing N N 311 
TYR N   H2   sing N N 312 
TYR CA  C    sing N N 313 
TYR CA  CB   sing N N 314 
TYR CA  HA   sing N N 315 
TYR C   O    doub N N 316 
TYR C   OXT  sing N N 317 
TYR CB  CG   sing N N 318 
TYR CB  HB2  sing N N 319 
TYR CB  HB3  sing N N 320 
TYR CG  CD1  doub Y N 321 
TYR CG  CD2  sing Y N 322 
TYR CD1 CE1  sing Y N 323 
TYR CD1 HD1  sing N N 324 
TYR CD2 CE2  doub Y N 325 
TYR CD2 HD2  sing N N 326 
TYR CE1 CZ   doub Y N 327 
TYR CE1 HE1  sing N N 328 
TYR CE2 CZ   sing Y N 329 
TYR CE2 HE2  sing N N 330 
TYR CZ  OH   sing N N 331 
TYR OH  HH   sing N N 332 
TYR OXT HXT  sing N N 333 
VAL N   CA   sing N N 334 
VAL N   H    sing N N 335 
VAL N   H2   sing N N 336 
VAL CA  C    sing N N 337 
VAL CA  CB   sing N N 338 
VAL CA  HA   sing N N 339 
VAL C   O    doub N N 340 
VAL C   OXT  sing N N 341 
VAL CB  CG1  sing N N 342 
VAL CB  CG2  sing N N 343 
VAL CB  HB   sing N N 344 
VAL CG1 HG11 sing N N 345 
VAL CG1 HG12 sing N N 346 
VAL CG1 HG13 sing N N 347 
VAL CG2 HG21 sing N N 348 
VAL CG2 HG22 sing N N 349 
VAL CG2 HG23 sing N N 350 
VAL OXT HXT  sing N N 351 
# 
_atom_sites.entry_id                    3BP3 
_atom_sites.fract_transf_matrix[1][1]   -0.00308913 
_atom_sites.fract_transf_matrix[1][2]   0.00682661 
_atom_sites.fract_transf_matrix[1][3]   0.00541181 
_atom_sites.fract_transf_matrix[2][1]   0.00044160 
_atom_sites.fract_transf_matrix[2][2]   -0.00561439 
_atom_sites.fract_transf_matrix[2][3]   0.00733421 
_atom_sites.fract_transf_matrix[3][1]   0.03251770 
_atom_sites.fract_transf_matrix[3][2]   0.01012338 
_atom_sites.fract_transf_matrix[3][3]   0.00579161 
_atom_sites.fract_transf_vector[1]      0.331775 
_atom_sites.fract_transf_vector[2]      0.309747 
_atom_sites.fract_transf_vector[3]      0.450892 
# 
loop_
_atom_type.symbol 
C  
N  
O  
S  
SE 
# 
loop_
_atom_site.group_PDB 
_atom_site.id 
_atom_site.type_symbol 
_atom_site.label_atom_id 
_atom_site.label_alt_id 
_atom_site.label_comp_id 
_atom_site.label_asym_id 
_atom_site.label_entity_id 
_atom_site.label_seq_id 
_atom_site.pdbx_PDB_ins_code 
_atom_site.Cartn_x 
_atom_site.Cartn_y 
_atom_site.Cartn_z 
_atom_site.occupancy 
_atom_site.B_iso_or_equiv 
_atom_site.pdbx_formal_charge 
_atom_site.auth_seq_id 
_atom_site.auth_comp_id 
_atom_site.auth_asym_id 
_atom_site.auth_atom_id 
_atom_site.pdbx_PDB_model_num 
ATOM   1    N  N   . THR A 1 1  ? 0.015   16.771  -25.327 1.00 47.19 ? 8   THR A N   1 
ATOM   2    C  CA  . THR A 1 1  ? -0.532  16.027  -24.158 1.00 47.27 ? 8   THR A CA  1 
ATOM   3    C  C   . THR A 1 1  ? 0.301   14.770  -23.909 1.00 46.29 ? 8   THR A C   1 
ATOM   4    O  O   . THR A 1 1  ? 1.352   14.836  -23.273 1.00 49.77 ? 8   THR A O   1 
ATOM   5    C  CB  . THR A 1 1  ? -1.994  15.657  -24.406 1.00 47.43 ? 8   THR A CB  1 
ATOM   6    N  N   . GLY A 1 2  ? -0.160  13.633  -24.418 1.00 43.49 ? 9   GLY A N   1 
ATOM   7    C  CA  . GLY A 1 2  ? 0.574   12.397  -24.220 1.00 38.86 ? 9   GLY A CA  1 
ATOM   8    C  C   . GLY A 1 2  ? -0.067  11.542  -23.144 1.00 36.57 ? 9   GLY A C   1 
ATOM   9    O  O   . GLY A 1 2  ? -1.286  11.560  -22.978 1.00 35.82 ? 9   GLY A O   1 
ATOM   10   N  N   . THR A 1 3  ? 0.745   10.794  -22.407 1.00 32.31 ? 10  THR A N   1 
ATOM   11   C  CA  . THR A 1 3  ? 0.228   9.933   -21.344 1.00 30.02 ? 10  THR A CA  1 
ATOM   12   C  C   . THR A 1 3  ? 0.766   10.410  -19.999 1.00 29.09 ? 10  THR A C   1 
ATOM   13   O  O   . THR A 1 3  ? 1.978   10.406  -19.775 1.00 23.64 ? 10  THR A O   1 
ATOM   14   C  CB  . THR A 1 3  ? 0.662   8.470   -21.557 1.00 31.97 ? 10  THR A CB  1 
ATOM   15   O  OG1 . THR A 1 3  ? 0.177   8.008   -22.825 1.00 32.98 ? 10  THR A OG1 1 
ATOM   16   C  CG2 . THR A 1 3  ? 0.106   7.572   -20.451 1.00 32.43 ? 10  THR A CG2 1 
ATOM   17   N  N   . SER A 1 4  ? -0.127  10.840  -19.110 1.00 26.92 ? 11  SER A N   1 
ATOM   18   C  CA  . SER A 1 4  ? 0.309   11.308  -17.802 1.00 26.08 ? 11  SER A CA  1 
ATOM   19   C  C   . SER A 1 4  ? 0.801   10.132  -16.979 1.00 23.49 ? 11  SER A C   1 
ATOM   20   O  O   . SER A 1 4  ? 0.240   9.036   -17.047 1.00 24.51 ? 11  SER A O   1 
ATOM   21   C  CB  . SER A 1 4  ? -0.829  12.005  -17.051 1.00 26.62 ? 11  SER A CB  1 
ATOM   22   O  OG  . SER A 1 4  ? -0.432  12.346  -15.725 1.00 27.33 ? 11  SER A OG  1 
ATOM   23   N  N   . GLU A 1 5  ? 1.867   10.361  -16.223 1.00 22.08 ? 12  GLU A N   1 
ATOM   24   C  CA  . GLU A 1 5  ? 2.424   9.331   -15.353 1.00 21.83 ? 12  GLU A CA  1 
ATOM   25   C  C   . GLU A 1 5  ? 2.480   9.908   -13.941 1.00 22.06 ? 12  GLU A C   1 
ATOM   26   O  O   . GLU A 1 5  ? 3.241   9.436   -13.091 1.00 19.39 ? 12  GLU A O   1 
ATOM   27   C  CB  . GLU A 1 5  ? 3.830   8.921   -15.823 1.00 22.17 ? 12  GLU A CB  1 
ATOM   28   C  CG  . GLU A 1 5  ? 3.888   8.402   -17.267 1.00 22.51 ? 12  GLU A CG  1 
ATOM   29   C  CD  . GLU A 1 5  ? 3.057   7.144   -17.509 1.00 23.07 ? 12  GLU A CD  1 
ATOM   30   O  OE1 . GLU A 1 5  ? 2.381   6.663   -16.577 1.00 20.85 ? 12  GLU A OE1 1 
ATOM   31   O  OE2 . GLU A 1 5  ? 3.082   6.624   -18.650 1.00 25.44 ? 12  GLU A OE2 1 
HETATM 32   N  N   . MSE A 1 6  ? 1.658   10.927  -13.696 1.00 21.36 ? 13  MSE A N   1 
HETATM 33   C  CA  . MSE A 1 6  ? 1.613   11.568  -12.388 1.00 22.80 ? 13  MSE A CA  1 
HETATM 34   C  C   . MSE A 1 6  ? 1.234   10.595  -11.271 1.00 19.96 ? 13  MSE A C   1 
HETATM 35   O  O   . MSE A 1 6  ? 1.837   10.624  -10.202 1.00 19.93 ? 13  MSE A O   1 
HETATM 36   C  CB  . MSE A 1 6  ? 0.622   12.737  -12.390 1.00 26.74 ? 13  MSE A CB  1 
HETATM 37   C  CG  . MSE A 1 6  ? 1.269   14.120  -12.473 1.00 35.75 ? 13  MSE A CG  1 
HETATM 38   SE SE  . MSE A 1 6  ? 2.529   14.480  -11.025 1.00 46.15 ? 13  MSE A SE  1 
HETATM 39   C  CE  . MSE A 1 6  ? 1.298   15.004  -9.634  1.00 44.57 ? 13  MSE A CE  1 
ATOM   40   N  N   . ALA A 1 7  ? 0.235   9.748   -11.503 1.00 19.71 ? 14  ALA A N   1 
ATOM   41   C  CA  . ALA A 1 7  ? -0.172  8.810   -10.457 1.00 21.06 ? 14  ALA A CA  1 
ATOM   42   C  C   . ALA A 1 7  ? 0.978   7.876   -10.072 1.00 19.97 ? 14  ALA A C   1 
ATOM   43   O  O   . ALA A 1 7  ? 1.319   7.754   -8.898  1.00 19.91 ? 14  ALA A O   1 
ATOM   44   C  CB  . ALA A 1 7  ? -1.401  7.997   -10.902 1.00 22.75 ? 14  ALA A CB  1 
ATOM   45   N  N   . PRO A 1 8  ? 1.584   7.186   -11.053 1.00 20.37 ? 15  PRO A N   1 
ATOM   46   C  CA  . PRO A 1 8  ? 2.684   6.311   -10.632 1.00 18.74 ? 15  PRO A CA  1 
ATOM   47   C  C   . PRO A 1 8  ? 3.866   7.056   -9.994  1.00 17.49 ? 15  PRO A C   1 
ATOM   48   O  O   . PRO A 1 8  ? 4.502   6.524   -9.087  1.00 17.01 ? 15  PRO A O   1 
ATOM   49   C  CB  . PRO A 1 8  ? 3.064   5.563   -11.914 1.00 19.93 ? 15  PRO A CB  1 
ATOM   50   C  CG  . PRO A 1 8  ? 2.417   6.362   -13.022 1.00 23.33 ? 15  PRO A CG  1 
ATOM   51   C  CD  . PRO A 1 8  ? 1.159   6.879   -12.427 1.00 19.61 ? 15  PRO A CD  1 
ATOM   52   N  N   . ALA A 1 9  ? 4.144   8.274   -10.457 1.00 15.14 ? 16  ALA A N   1 
ATOM   53   C  CA  . ALA A 1 9  ? 5.247   9.060   -9.897  1.00 16.25 ? 16  ALA A CA  1 
ATOM   54   C  C   . ALA A 1 9  ? 4.981   9.348   -8.421  1.00 16.40 ? 16  ALA A C   1 
ATOM   55   O  O   . ALA A 1 9  ? 5.863   9.196   -7.578  1.00 16.31 ? 16  ALA A O   1 
ATOM   56   C  CB  . ALA A 1 9  ? 5.418   10.377  -10.663 1.00 16.85 ? 16  ALA A CB  1 
ATOM   57   N  N   . LEU A 1 10 ? 3.759   9.780   -8.112  1.00 14.84 ? 17  LEU A N   1 
ATOM   58   C  CA  . LEU A 1 10 ? 3.400   10.061  -6.722  1.00 17.47 ? 17  LEU A CA  1 
ATOM   59   C  C   . LEU A 1 10 ? 3.454   8.789   -5.870  1.00 18.20 ? 17  LEU A C   1 
ATOM   60   O  O   . LEU A 1 10 ? 3.982   8.805   -4.758  1.00 16.61 ? 17  LEU A O   1 
ATOM   61   C  CB  . LEU A 1 10 ? 2.001   10.663  -6.661  1.00 16.09 ? 17  LEU A CB  1 
ATOM   62   C  CG  . LEU A 1 10 ? 1.898   12.115  -7.120  1.00 18.96 ? 17  LEU A CG  1 
ATOM   63   C  CD1 . LEU A 1 10 ? 0.435   12.509  -7.277  1.00 21.43 ? 17  LEU A CD1 1 
ATOM   64   C  CD2 . LEU A 1 10 ? 2.602   13.017  -6.095  1.00 18.71 ? 17  LEU A CD2 1 
ATOM   65   N  N   . VAL A 1 11 ? 2.910   7.686   -6.380  1.00 18.89 ? 18  VAL A N   1 
ATOM   66   C  CA  . VAL A 1 11 ? 2.946   6.451   -5.607  1.00 17.48 ? 18  VAL A CA  1 
ATOM   67   C  C   . VAL A 1 11 ? 4.412   6.068   -5.328  1.00 17.34 ? 18  VAL A C   1 
ATOM   68   O  O   . VAL A 1 11 ? 4.744   5.645   -4.213  1.00 18.25 ? 18  VAL A O   1 
ATOM   69   C  CB  . VAL A 1 11 ? 2.171   5.311   -6.334  1.00 17.87 ? 18  VAL A CB  1 
ATOM   70   C  CG1 . VAL A 1 11 ? 2.448   3.960   -5.683  1.00 17.95 ? 18  VAL A CG1 1 
ATOM   71   C  CG2 . VAL A 1 11 ? 0.656   5.617   -6.287  1.00 18.05 ? 18  VAL A CG2 1 
ATOM   72   N  N   . ALA A 1 12 ? 5.291   6.247   -6.314  1.00 15.33 ? 19  ALA A N   1 
ATOM   73   C  CA  . ALA A 1 12 ? 6.710   5.935   -6.126  1.00 17.15 ? 19  ALA A CA  1 
ATOM   74   C  C   . ALA A 1 12 ? 7.308   6.864   -5.056  1.00 15.99 ? 19  ALA A C   1 
ATOM   75   O  O   . ALA A 1 12 ? 8.047   6.412   -4.169  1.00 17.98 ? 19  ALA A O   1 
ATOM   76   C  CB  . ALA A 1 12 ? 7.471   6.080   -7.461  1.00 18.30 ? 19  ALA A CB  1 
ATOM   77   N  N   . ALA A 1 13 ? 6.965   8.150   -5.117  1.00 17.76 ? 20  ALA A N   1 
ATOM   78   C  CA  . ALA A 1 13 ? 7.469   9.124   -4.148  1.00 16.98 ? 20  ALA A CA  1 
ATOM   79   C  C   . ALA A 1 13 ? 7.015   8.775   -2.727  1.00 19.54 ? 20  ALA A C   1 
ATOM   80   O  O   . ALA A 1 13 ? 7.733   9.033   -1.755  1.00 19.57 ? 20  ALA A O   1 
ATOM   81   C  CB  . ALA A 1 13 ? 6.991   10.511  -4.518  1.00 18.67 ? 20  ALA A CB  1 
ATOM   82   N  N   . PHE A 1 14 ? 5.814   8.208   -2.604  1.00 16.50 ? 21  PHE A N   1 
ATOM   83   C  CA  . PHE A 1 14 ? 5.297   7.826   -1.290  1.00 19.44 ? 21  PHE A CA  1 
ATOM   84   C  C   . PHE A 1 14 ? 5.797   6.472   -0.802  1.00 19.01 ? 21  PHE A C   1 
ATOM   85   O  O   . PHE A 1 14 ? 5.334   5.977   0.228   1.00 19.82 ? 21  PHE A O   1 
ATOM   86   C  CB  . PHE A 1 14 ? 3.761   7.868   -1.277  1.00 18.84 ? 21  PHE A CB  1 
ATOM   87   C  CG  . PHE A 1 14 ? 3.198   9.256   -1.100  1.00 18.61 ? 21  PHE A CG  1 
ATOM   88   C  CD1 . PHE A 1 14 ? 3.323   9.918   0.116   1.00 20.32 ? 21  PHE A CD1 1 
ATOM   89   C  CD2 . PHE A 1 14 ? 2.541   9.898   -2.145  1.00 19.43 ? 21  PHE A CD2 1 
ATOM   90   C  CE1 . PHE A 1 14 ? 2.795   11.216  0.297   1.00 20.00 ? 21  PHE A CE1 1 
ATOM   91   C  CE2 . PHE A 1 14 ? 2.012   11.185  -1.980  1.00 18.92 ? 21  PHE A CE2 1 
ATOM   92   C  CZ  . PHE A 1 14 ? 2.142   11.843  -0.749  1.00 18.95 ? 21  PHE A CZ  1 
ATOM   93   N  N   . GLY A 1 15 ? 6.748   5.885   -1.532  1.00 17.85 ? 22  GLY A N   1 
ATOM   94   C  CA  . GLY A 1 15 ? 7.322   4.604   -1.137  1.00 19.81 ? 22  GLY A CA  1 
ATOM   95   C  C   . GLY A 1 15 ? 6.851   3.346   -1.855  1.00 21.41 ? 22  GLY A C   1 
ATOM   96   O  O   . GLY A 1 15 ? 7.267   2.241   -1.492  1.00 20.77 ? 22  GLY A O   1 
ATOM   97   N  N   . GLY A 1 16 ? 5.982   3.494   -2.855  1.00 18.67 ? 23  GLY A N   1 
ATOM   98   C  CA  . GLY A 1 16 ? 5.491   2.330   -3.582  1.00 18.22 ? 23  GLY A CA  1 
ATOM   99   C  C   . GLY A 1 16 ? 4.163   1.804   -3.052  1.00 19.41 ? 23  GLY A C   1 
ATOM   100  O  O   . GLY A 1 16 ? 3.767   2.127   -1.931  1.00 16.51 ? 23  GLY A O   1 
ATOM   101  N  N   . LYS A 1 17 ? 3.478   0.983   -3.846  1.00 19.52 ? 24  LYS A N   1 
ATOM   102  C  CA  . LYS A 1 17 ? 2.183   0.430   -3.428  1.00 20.25 ? 24  LYS A CA  1 
ATOM   103  C  C   . LYS A 1 17 ? 2.202   -0.305  -2.091  1.00 18.00 ? 24  LYS A C   1 
ATOM   104  O  O   . LYS A 1 17 ? 1.242   -0.229  -1.336  1.00 17.19 ? 24  LYS A O   1 
ATOM   105  C  CB  . LYS A 1 17 ? 1.629   -0.517  -4.501  1.00 23.02 ? 24  LYS A CB  1 
ATOM   106  C  CG  . LYS A 1 17 ? 1.420   0.150   -5.856  1.00 27.84 ? 24  LYS A CG  1 
ATOM   107  C  CD  . LYS A 1 17 ? 0.397   -0.589  -6.714  1.00 32.88 ? 24  LYS A CD  1 
ATOM   108  C  CE  . LYS A 1 17 ? 0.733   -2.052  -6.874  1.00 34.63 ? 24  LYS A CE  1 
ATOM   109  N  NZ  . LYS A 1 17 ? -0.263  -2.746  -7.750  1.00 37.05 ? 24  LYS A NZ  1 
ATOM   110  N  N   . GLU A 1 18 ? 3.281   -1.023  -1.789  1.00 16.24 ? 25  GLU A N   1 
ATOM   111  C  CA  . GLU A 1 18 ? 3.317   -1.747  -0.529  1.00 18.22 ? 25  GLU A CA  1 
ATOM   112  C  C   . GLU A 1 18 ? 3.459   -0.816  0.681   1.00 17.27 ? 25  GLU A C   1 
ATOM   113  O  O   . GLU A 1 18 ? 3.255   -1.249  1.818   1.00 18.55 ? 25  GLU A O   1 
ATOM   114  C  CB  . GLU A 1 18 ? 4.449   -2.774  -0.537  1.00 22.07 ? 25  GLU A CB  1 
ATOM   115  C  CG  . GLU A 1 18 ? 5.723   -2.283  0.095   1.00 27.37 ? 25  GLU A CG  1 
ATOM   116  C  CD  . GLU A 1 18 ? 6.764   -3.386  0.241   1.00 32.27 ? 25  GLU A CD  1 
ATOM   117  O  OE1 . GLU A 1 18 ? 6.383   -4.582  0.266   1.00 33.37 ? 25  GLU A OE1 1 
ATOM   118  O  OE2 . GLU A 1 18 ? 7.962   -3.046  0.352   1.00 35.34 ? 25  GLU A OE2 1 
ATOM   119  N  N   . ASN A 1 19 ? 3.754   0.466   0.442   1.00 15.22 ? 26  ASN A N   1 
ATOM   120  C  CA  . ASN A 1 19 ? 3.921   1.413   1.539   1.00 15.72 ? 26  ASN A CA  1 
ATOM   121  C  C   . ASN A 1 19 ? 2.674   2.245   1.826   1.00 15.93 ? 26  ASN A C   1 
ATOM   122  O  O   . ASN A 1 19 ? 2.621   2.938   2.836   1.00 16.46 ? 26  ASN A O   1 
ATOM   123  C  CB  . ASN A 1 19 ? 5.071   2.383   1.234   1.00 15.77 ? 26  ASN A CB  1 
ATOM   124  C  CG  . ASN A 1 19 ? 5.638   3.035   2.483   1.00 16.42 ? 26  ASN A CG  1 
ATOM   125  O  OD1 . ASN A 1 19 ? 5.959   4.238   2.490   1.00 21.29 ? 26  ASN A OD1 1 
ATOM   126  N  ND2 . ASN A 1 19 ? 5.794   2.246   3.539   1.00 14.79 ? 26  ASN A ND2 1 
ATOM   127  N  N   . ILE A 1 20 ? 1.692   2.195   0.930   1.00 14.32 ? 27  ILE A N   1 
ATOM   128  C  CA  . ILE A 1 20 ? 0.488   3.009   1.073   1.00 15.62 ? 27  ILE A CA  1 
ATOM   129  C  C   . ILE A 1 20 ? -0.688  2.227   1.653   1.00 16.87 ? 27  ILE A C   1 
ATOM   130  O  O   . ILE A 1 20 ? -1.117  1.225   1.085   1.00 18.15 ? 27  ILE A O   1 
ATOM   131  C  CB  . ILE A 1 20 ? 0.125   3.613   -0.291  1.00 15.11 ? 27  ILE A CB  1 
ATOM   132  C  CG1 . ILE A 1 20 ? 1.274   4.527   -0.756  1.00 15.14 ? 27  ILE A CG1 1 
ATOM   133  C  CG2 . ILE A 1 20 ? -1.215  4.383   -0.205  1.00 14.01 ? 27  ILE A CG2 1 
ATOM   134  C  CD1 . ILE A 1 20 ? 1.104   5.046   -2.184  1.00 19.53 ? 27  ILE A CD1 1 
ATOM   135  N  N   . THR A 1 21 ? -1.203  2.688   2.792   1.00 17.61 ? 28  THR A N   1 
ATOM   136  C  CA  . THR A 1 21 ? -2.310  1.983   3.429   1.00 19.62 ? 28  THR A CA  1 
ATOM   137  C  C   . THR A 1 21 ? -3.646  2.714   3.385   1.00 20.62 ? 28  THR A C   1 
ATOM   138  O  O   . THR A 1 21 ? -4.697  2.105   3.559   1.00 20.16 ? 28  THR A O   1 
ATOM   139  C  CB  . THR A 1 21 ? -1.965  1.624   4.886   1.00 19.12 ? 28  THR A CB  1 
ATOM   140  O  OG1 . THR A 1 21 ? -1.845  2.818   5.670   1.00 20.46 ? 28  THR A OG1 1 
ATOM   141  C  CG2 . THR A 1 21 ? -0.638  0.861   4.933   1.00 24.90 ? 28  THR A CG2 1 
ATOM   142  N  N   . ASN A 1 22 ? -3.609  4.013   3.126   1.00 19.90 ? 29  ASN A N   1 
ATOM   143  C  CA  . ASN A 1 22 ? -4.841  4.794   3.053   1.00 20.92 ? 29  ASN A CA  1 
ATOM   144  C  C   . ASN A 1 22 ? -4.600  6.095   2.294   1.00 20.83 ? 29  ASN A C   1 
ATOM   145  O  O   . ASN A 1 22 ? -3.522  6.681   2.394   1.00 19.73 ? 29  ASN A O   1 
ATOM   146  C  CB  . ASN A 1 22 ? -5.333  5.101   4.468   1.00 21.71 ? 29  ASN A CB  1 
ATOM   147  C  CG  . ASN A 1 22 ? -6.726  5.666   4.480   1.00 25.89 ? 29  ASN A CG  1 
ATOM   148  O  OD1 . ASN A 1 22 ? -6.926  6.875   4.323   1.00 29.09 ? 29  ASN A OD1 1 
ATOM   149  N  ND2 . ASN A 1 22 ? -7.711  4.788   4.642   1.00 22.93 ? 29  ASN A ND2 1 
ATOM   150  N  N   . LEU A 1 23 ? -5.602  6.518   1.528   1.00 19.74 ? 30  LEU A N   1 
ATOM   151  C  CA  . LEU A 1 23 ? -5.543  7.752   0.747   1.00 23.39 ? 30  LEU A CA  1 
ATOM   152  C  C   . LEU A 1 23 ? -6.742  8.650   1.053   1.00 24.79 ? 30  LEU A C   1 
ATOM   153  O  O   . LEU A 1 23 ? -7.884  8.216   0.968   1.00 25.67 ? 30  LEU A O   1 
ATOM   154  C  CB  . LEU A 1 23 ? -5.552  7.448   -0.743  1.00 24.09 ? 30  LEU A CB  1 
ATOM   155  C  CG  . LEU A 1 23 ? -4.318  6.816   -1.370  1.00 23.35 ? 30  LEU A CG  1 
ATOM   156  C  CD1 . LEU A 1 23 ? -4.560  6.698   -2.860  1.00 25.69 ? 30  LEU A CD1 1 
ATOM   157  C  CD2 . LEU A 1 23 ? -3.071  7.664   -1.093  1.00 23.24 ? 30  LEU A CD2 1 
ATOM   158  N  N   . ASP A 1 24 ? -6.463  9.902   1.384   1.00 28.16 ? 31  ASP A N   1 
ATOM   159  C  CA  . ASP A 1 24 ? -7.505  10.868  1.695   1.00 30.92 ? 31  ASP A CA  1 
ATOM   160  C  C   . ASP A 1 24 ? -7.061  12.253  1.222   1.00 32.88 ? 31  ASP A C   1 
ATOM   161  O  O   . ASP A 1 24 ? -5.880  12.585  1.278   1.00 32.81 ? 31  ASP A O   1 
ATOM   162  C  CB  . ASP A 1 24 ? -7.756  10.903  3.202   1.00 32.58 ? 31  ASP A CB  1 
ATOM   163  C  CG  . ASP A 1 24 ? -9.084  11.553  3.551   1.00 36.80 ? 31  ASP A CG  1 
ATOM   164  O  OD1 . ASP A 1 24 ? -9.340  11.782  4.758   1.00 39.04 ? 31  ASP A OD1 1 
ATOM   165  O  OD2 . ASP A 1 24 ? -9.874  11.822  2.614   1.00 37.38 ? 31  ASP A OD2 1 
ATOM   166  N  N   . ALA A 1 25 ? -8.007  13.056  0.746   1.00 34.85 ? 32  ALA A N   1 
ATOM   167  C  CA  . ALA A 1 25 ? -7.690  14.403  0.285   1.00 36.09 ? 32  ALA A CA  1 
ATOM   168  C  C   . ALA A 1 25 ? -8.742  15.394  0.763   1.00 39.13 ? 32  ALA A C   1 
ATOM   169  O  O   . ALA A 1 25 ? -9.927  15.079  0.820   1.00 40.00 ? 32  ALA A O   1 
ATOM   170  C  CB  . ALA A 1 25 ? -7.597  14.434  -1.228  1.00 35.23 ? 32  ALA A CB  1 
ATOM   171  N  N   . CYS A 1 26 ? -8.295  16.592  1.111   1.00 41.89 ? 33  CYS A N   1 
ATOM   172  C  CA  . CYS A 1 26 ? -9.194  17.634  1.578   1.00 45.76 ? 33  CYS A CA  1 
ATOM   173  C  C   . CYS A 1 26 ? -9.258  18.709  0.496   1.00 45.35 ? 33  CYS A C   1 
ATOM   174  O  O   . CYS A 1 26 ? -9.436  18.392  -0.684  1.00 45.39 ? 33  CYS A O   1 
ATOM   175  C  CB  . CYS A 1 26 ? -8.662  18.208  2.889   1.00 48.15 ? 33  CYS A CB  1 
ATOM   176  S  SG  . CYS A 1 26 ? -8.351  16.953  4.164   1.00 59.85 ? 33  CYS A SG  1 
ATOM   177  N  N   . ILE A 1 27 ? -9.110  19.972  0.878   1.00 45.12 ? 34  ILE A N   1 
ATOM   178  C  CA  . ILE A 1 27 ? -9.156  21.030  -0.120  1.00 44.20 ? 34  ILE A CA  1 
ATOM   179  C  C   . ILE A 1 27 ? -7.754  21.465  -0.526  1.00 41.70 ? 34  ILE A C   1 
ATOM   180  O  O   . ILE A 1 27 ? -7.519  21.813  -1.678  1.00 41.83 ? 34  ILE A O   1 
ATOM   181  C  CB  . ILE A 1 27 ? -9.953  22.263  0.386   1.00 46.12 ? 34  ILE A CB  1 
ATOM   182  C  CG1 . ILE A 1 27 ? -10.184 23.235  -0.774  1.00 47.70 ? 34  ILE A CG1 1 
ATOM   183  C  CG2 . ILE A 1 27 ? -9.192  22.968  1.493   1.00 46.08 ? 34  ILE A CG2 1 
ATOM   184  C  CD1 . ILE A 1 27 ? -11.130 24.372  -0.451  1.00 51.37 ? 34  ILE A CD1 1 
ATOM   185  N  N   . THR A 1 28 ? -6.823  21.433  0.422   1.00 39.65 ? 35  THR A N   1 
ATOM   186  C  CA  . THR A 1 28 ? -5.450  21.840  0.152   1.00 38.10 ? 35  THR A CA  1 
ATOM   187  C  C   . THR A 1 28 ? -4.428  20.727  0.395   1.00 36.03 ? 35  THR A C   1 
ATOM   188  O  O   . THR A 1 28 ? -3.281  20.831  -0.041  1.00 33.66 ? 35  THR A O   1 
ATOM   189  C  CB  . THR A 1 28 ? -5.042  23.048  1.034   1.00 41.55 ? 35  THR A CB  1 
ATOM   190  O  OG1 . THR A 1 28 ? -4.992  22.649  2.414   1.00 42.26 ? 35  THR A OG1 1 
ATOM   191  C  CG2 . THR A 1 28 ? -6.047  24.177  0.883   1.00 42.31 ? 35  THR A CG2 1 
ATOM   192  N  N   . ARG A 1 29 ? -4.845  19.662  1.072   1.00 33.17 ? 36  ARG A N   1 
ATOM   193  C  CA  . ARG A 1 29 ? -3.925  18.585  1.405   1.00 32.40 ? 36  ARG A CA  1 
ATOM   194  C  C   . ARG A 1 29 ? -4.230  17.205  0.846   1.00 30.39 ? 36  ARG A C   1 
ATOM   195  O  O   . ARG A 1 29 ? -5.377  16.839  0.624   1.00 29.78 ? 36  ARG A O   1 
ATOM   196  C  CB  . ARG A 1 29 ? -3.821  18.457  2.927   1.00 35.31 ? 36  ARG A CB  1 
ATOM   197  C  CG  . ARG A 1 29 ? -3.428  19.732  3.640   1.00 41.07 ? 36  ARG A CG  1 
ATOM   198  C  CD  . ARG A 1 29 ? -3.530  19.559  5.143   1.00 45.62 ? 36  ARG A CD  1 
ATOM   199  N  NE  . ARG A 1 29 ? -4.867  19.122  5.530   1.00 47.89 ? 36  ARG A NE  1 
ATOM   200  C  CZ  . ARG A 1 29 ? -5.237  18.879  6.781   1.00 51.21 ? 36  ARG A CZ  1 
ATOM   201  N  NH1 . ARG A 1 29 ? -6.476  18.481  7.042   1.00 52.50 ? 36  ARG A NH1 1 
ATOM   202  N  NH2 . ARG A 1 29 ? -4.367  19.041  7.772   1.00 51.77 ? 36  ARG A NH2 1 
ATOM   203  N  N   . LEU A 1 30 ? -3.162  16.446  0.628   1.00 29.75 ? 37  LEU A N   1 
ATOM   204  C  CA  . LEU A 1 30 ? -3.250  15.065  0.166   1.00 28.57 ? 37  LEU A CA  1 
ATOM   205  C  C   . LEU A 1 30 ? -2.690  14.324  1.382   1.00 26.70 ? 37  LEU A C   1 
ATOM   206  O  O   . LEU A 1 30 ? -1.551  14.554  1.779   1.00 26.26 ? 37  LEU A O   1 
ATOM   207  C  CB  . LEU A 1 30 ? -2.361  14.851  -1.067  1.00 30.07 ? 37  LEU A CB  1 
ATOM   208  C  CG  . LEU A 1 30 ? -2.268  13.450  -1.694  1.00 32.13 ? 37  LEU A CG  1 
ATOM   209  C  CD1 . LEU A 1 30 ? -3.647  12.902  -2.011  1.00 32.65 ? 37  LEU A CD1 1 
ATOM   210  C  CD2 . LEU A 1 30 ? -1.410  13.527  -2.961  1.00 33.10 ? 37  LEU A CD2 1 
ATOM   211  N  N   . ARG A 1 31 ? -3.496  13.469  2.000   1.00 25.91 ? 38  ARG A N   1 
ATOM   212  C  CA  . ARG A 1 31 ? -3.040  12.747  3.185   1.00 24.41 ? 38  ARG A CA  1 
ATOM   213  C  C   . ARG A 1 31 ? -2.859  11.278  2.872   1.00 23.22 ? 38  ARG A C   1 
ATOM   214  O  O   . ARG A 1 31 ? -3.814  10.582  2.528   1.00 25.29 ? 38  ARG A O   1 
ATOM   215  C  CB  . ARG A 1 31 ? -4.036  12.916  4.327   1.00 25.77 ? 38  ARG A CB  1 
ATOM   216  N  N   . VAL A 1 32 ? -1.627  10.811  3.003   1.00 20.98 ? 39  VAL A N   1 
ATOM   217  C  CA  . VAL A 1 32 ? -1.325  9.425   2.701   1.00 18.16 ? 39  VAL A CA  1 
ATOM   218  C  C   . VAL A 1 32 ? -0.805  8.714   3.941   1.00 18.04 ? 39  VAL A C   1 
ATOM   219  O  O   . VAL A 1 32 ? 0.203   9.108   4.519   1.00 20.33 ? 39  VAL A O   1 
ATOM   220  C  CB  . VAL A 1 32 ? -0.269  9.340   1.563   1.00 18.76 ? 39  VAL A CB  1 
ATOM   221  C  CG1 . VAL A 1 32 ? -0.027  7.890   1.162   1.00 18.83 ? 39  VAL A CG1 1 
ATOM   222  C  CG2 . VAL A 1 32 ? -0.738  10.139  0.367   1.00 19.57 ? 39  VAL A CG2 1 
ATOM   223  N  N   . SER A 1 33 ? -1.515  7.677   4.365   1.00 17.58 ? 40  SER A N   1 
ATOM   224  C  CA  . SER A 1 33 ? -1.076  6.906   5.505   1.00 19.78 ? 40  SER A CA  1 
ATOM   225  C  C   . SER A 1 33 ? -0.069  5.924   4.915   1.00 19.03 ? 40  SER A C   1 
ATOM   226  O  O   . SER A 1 33 ? -0.330  5.320   3.875   1.00 18.61 ? 40  SER A O   1 
ATOM   227  C  CB  . SER A 1 33 ? -2.263  6.186   6.122   1.00 20.38 ? 40  SER A CB  1 
ATOM   228  O  OG  . SER A 1 33 ? -3.219  7.152   6.550   1.00 23.50 ? 40  SER A OG  1 
ATOM   229  N  N   . VAL A 1 34 ? 1.082   5.781   5.557   1.00 17.45 ? 41  VAL A N   1 
ATOM   230  C  CA  . VAL A 1 34 ? 2.105   4.886   5.040   1.00 18.89 ? 41  VAL A CA  1 
ATOM   231  C  C   . VAL A 1 34 ? 2.580   3.923   6.104   1.00 18.79 ? 41  VAL A C   1 
ATOM   232  O  O   . VAL A 1 34 ? 2.460   4.199   7.303   1.00 20.79 ? 41  VAL A O   1 
ATOM   233  C  CB  . VAL A 1 34 ? 3.319   5.683   4.487   1.00 16.46 ? 41  VAL A CB  1 
ATOM   234  C  CG1 . VAL A 1 34 ? 2.868   6.583   3.333   1.00 17.31 ? 41  VAL A CG1 1 
ATOM   235  C  CG2 . VAL A 1 34 ? 3.955   6.525   5.595   1.00 19.29 ? 41  VAL A CG2 1 
ATOM   236  N  N   . ALA A 1 35 ? 3.107   2.786   5.664   1.00 18.50 ? 42  ALA A N   1 
ATOM   237  C  CA  . ALA A 1 35 ? 3.613   1.778   6.593   1.00 20.05 ? 42  ALA A CA  1 
ATOM   238  C  C   . ALA A 1 35 ? 5.006   2.178   7.111   1.00 22.75 ? 42  ALA A C   1 
ATOM   239  O  O   . ALA A 1 35 ? 5.389   1.827   8.236   1.00 21.07 ? 42  ALA A O   1 
ATOM   240  C  CB  . ALA A 1 35 ? 3.675   0.442   5.898   1.00 19.25 ? 42  ALA A CB  1 
ATOM   241  N  N   . ASP A 1 36 ? 5.753   2.914   6.286   1.00 22.55 ? 43  ASP A N   1 
ATOM   242  C  CA  . ASP A 1 36 ? 7.101   3.357   6.630   1.00 25.07 ? 43  ASP A CA  1 
ATOM   243  C  C   . ASP A 1 36 ? 7.379   4.776   6.108   1.00 24.48 ? 43  ASP A C   1 
ATOM   244  O  O   . ASP A 1 36 ? 7.549   4.978   4.905   1.00 23.48 ? 43  ASP A O   1 
ATOM   245  C  CB  . ASP A 1 36 ? 8.123   2.383   6.030   1.00 29.46 ? 43  ASP A CB  1 
ATOM   246  C  CG  . ASP A 1 36 ? 9.544   2.670   6.478   1.00 35.45 ? 43  ASP A CG  1 
ATOM   247  O  OD1 . ASP A 1 36 ? 9.811   3.798   6.950   1.00 37.99 ? 43  ASP A OD1 1 
ATOM   248  O  OD2 . ASP A 1 36 ? 10.402  1.768   6.349   1.00 38.80 ? 43  ASP A OD2 1 
ATOM   249  N  N   . VAL A 1 37 ? 7.437   5.754   7.008   1.00 24.14 ? 44  VAL A N   1 
ATOM   250  C  CA  . VAL A 1 37 ? 7.696   7.137   6.601   1.00 25.21 ? 44  VAL A CA  1 
ATOM   251  C  C   . VAL A 1 37 ? 9.089   7.301   5.987   1.00 25.96 ? 44  VAL A C   1 
ATOM   252  O  O   . VAL A 1 37 ? 9.296   8.159   5.121   1.00 26.63 ? 44  VAL A O   1 
ATOM   253  C  CB  . VAL A 1 37 ? 7.558   8.133   7.812   1.00 27.19 ? 44  VAL A CB  1 
ATOM   254  C  CG1 . VAL A 1 37 ? 8.147   9.507   7.454   1.00 27.78 ? 44  VAL A CG1 1 
ATOM   255  C  CG2 . VAL A 1 37 ? 6.091   8.298   8.192   1.00 25.61 ? 44  VAL A CG2 1 
ATOM   256  N  N   . SER A 1 38 ? 10.039  6.478   6.420   1.00 27.06 ? 45  SER A N   1 
ATOM   257  C  CA  . SER A 1 38 ? 11.400  6.582   5.902   1.00 27.81 ? 45  SER A CA  1 
ATOM   258  C  C   . SER A 1 38 ? 11.496  6.277   4.405   1.00 26.45 ? 45  SER A C   1 
ATOM   259  O  O   . SER A 1 38 ? 12.499  6.598   3.771   1.00 26.54 ? 45  SER A O   1 
ATOM   260  C  CB  . SER A 1 38 ? 12.348  5.663   6.683   1.00 29.85 ? 45  SER A CB  1 
ATOM   261  O  OG  . SER A 1 38 ? 12.209  4.303   6.296   1.00 34.24 ? 45  SER A OG  1 
ATOM   262  N  N   . LYS A 1 39 ? 10.454  5.675   3.836   1.00 23.87 ? 46  LYS A N   1 
ATOM   263  C  CA  . LYS A 1 39 ? 10.464  5.345   2.409   1.00 24.17 ? 46  LYS A CA  1 
ATOM   264  C  C   . LYS A 1 39 ? 9.908   6.476   1.554   1.00 24.45 ? 46  LYS A C   1 
ATOM   265  O  O   . LYS A 1 39 ? 9.970   6.424   0.312   1.00 27.66 ? 46  LYS A O   1 
ATOM   266  C  CB  . LYS A 1 39 ? 9.649   4.082   2.136   1.00 23.21 ? 46  LYS A CB  1 
ATOM   267  C  CG  . LYS A 1 39 ? 10.247  2.795   2.661   1.00 25.04 ? 46  LYS A CG  1 
ATOM   268  C  CD  . LYS A 1 39 ? 9.566   1.604   1.996   1.00 27.83 ? 46  LYS A CD  1 
ATOM   269  C  CE  . LYS A 1 39 ? 9.852   0.305   2.736   1.00 29.10 ? 46  LYS A CE  1 
ATOM   270  N  NZ  . LYS A 1 39 ? 9.130   -0.843  2.086   1.00 32.47 ? 46  LYS A NZ  1 
ATOM   271  N  N   . VAL A 1 40 ? 9.355   7.495   2.200   1.00 22.93 ? 47  VAL A N   1 
ATOM   272  C  CA  . VAL A 1 40 ? 8.778   8.630   1.480   1.00 22.85 ? 47  VAL A CA  1 
ATOM   273  C  C   . VAL A 1 40 ? 9.827   9.660   1.085   1.00 25.50 ? 47  VAL A C   1 
ATOM   274  O  O   . VAL A 1 40 ? 10.612  10.109  1.924   1.00 25.90 ? 47  VAL A O   1 
ATOM   275  C  CB  . VAL A 1 40 ? 7.692   9.348   2.327   1.00 22.94 ? 47  VAL A CB  1 
ATOM   276  C  CG1 . VAL A 1 40 ? 7.093   10.529  1.536   1.00 23.42 ? 47  VAL A CG1 1 
ATOM   277  C  CG2 . VAL A 1 40 ? 6.603   8.356   2.731   1.00 21.34 ? 47  VAL A CG2 1 
ATOM   278  N  N   . ASP A 1 41 ? 9.843   10.036  -0.192  1.00 24.68 ? 48  ASP A N   1 
ATOM   279  C  CA  . ASP A 1 41 ? 10.805  11.033  -0.673  1.00 26.15 ? 48  ASP A CA  1 
ATOM   280  C  C   . ASP A 1 41 ? 10.147  12.399  -0.607  1.00 25.61 ? 48  ASP A C   1 
ATOM   281  O  O   . ASP A 1 41 ? 9.484   12.830  -1.547  1.00 23.40 ? 48  ASP A O   1 
ATOM   282  C  CB  . ASP A 1 41 ? 11.228  10.712  -2.107  1.00 27.44 ? 48  ASP A CB  1 
ATOM   283  C  CG  . ASP A 1 41 ? 12.397  11.571  -2.584  1.00 31.35 ? 48  ASP A CG  1 
ATOM   284  O  OD1 . ASP A 1 41 ? 13.000  11.215  -3.624  1.00 34.19 ? 48  ASP A OD1 1 
ATOM   285  O  OD2 . ASP A 1 41 ? 12.716  12.595  -1.938  1.00 29.31 ? 48  ASP A OD2 1 
ATOM   286  N  N   . GLN A 1 42 ? 10.313  13.075  0.528   1.00 24.37 ? 49  GLN A N   1 
ATOM   287  C  CA  . GLN A 1 42 ? 9.708   14.385  0.704   1.00 26.47 ? 49  GLN A CA  1 
ATOM   288  C  C   . GLN A 1 42 ? 10.158  15.396  -0.347  1.00 25.01 ? 49  GLN A C   1 
ATOM   289  O  O   . GLN A 1 42 ? 9.348   16.164  -0.844  1.00 24.12 ? 49  GLN A O   1 
ATOM   290  C  CB  . GLN A 1 42 ? 9.996   14.897  2.117   1.00 27.56 ? 49  GLN A CB  1 
ATOM   291  C  CG  . GLN A 1 42 ? 9.346   14.004  3.175   1.00 31.78 ? 49  GLN A CG  1 
ATOM   292  C  CD  . GLN A 1 42 ? 9.544   14.508  4.587   1.00 34.10 ? 49  GLN A CD  1 
ATOM   293  O  OE1 . GLN A 1 42 ? 9.282   15.673  4.889   1.00 34.75 ? 49  GLN A OE1 1 
ATOM   294  N  NE2 . GLN A 1 42 ? 9.999   13.626  5.465   1.00 35.47 ? 49  GLN A NE2 1 
ATOM   295  N  N   . ALA A 1 43 ? 11.439  15.380  -0.691  1.00 25.97 ? 50  ALA A N   1 
ATOM   296  C  CA  . ALA A 1 43 ? 11.971  16.296  -1.699  1.00 27.52 ? 50  ALA A CA  1 
ATOM   297  C  C   . ALA A 1 43 ? 11.340  15.981  -3.060  1.00 26.50 ? 50  ALA A C   1 
ATOM   298  O  O   . ALA A 1 43 ? 11.024  16.883  -3.834  1.00 27.17 ? 50  ALA A O   1 
ATOM   299  C  CB  . ALA A 1 43 ? 13.490  16.158  -1.784  1.00 28.21 ? 50  ALA A CB  1 
ATOM   300  N  N   . GLY A 1 44 ? 11.162  14.692  -3.333  1.00 25.72 ? 51  GLY A N   1 
ATOM   301  C  CA  . GLY A 1 44 ? 10.561  14.271  -4.593  1.00 23.58 ? 51  GLY A CA  1 
ATOM   302  C  C   . GLY A 1 44 ? 9.132   14.770  -4.719  1.00 21.08 ? 51  GLY A C   1 
ATOM   303  O  O   . GLY A 1 44 ? 8.704   15.149  -5.798  1.00 18.60 ? 51  GLY A O   1 
ATOM   304  N  N   . LEU A 1 45 ? 8.389   14.764  -3.614  1.00 19.60 ? 52  LEU A N   1 
ATOM   305  C  CA  . LEU A 1 45 ? 7.008   15.241  -3.632  1.00 19.22 ? 52  LEU A CA  1 
ATOM   306  C  C   . LEU A 1 45 ? 6.972   16.733  -3.944  1.00 21.49 ? 52  LEU A C   1 
ATOM   307  O  O   . LEU A 1 45 ? 6.108   17.197  -4.673  1.00 21.15 ? 52  LEU A O   1 
ATOM   308  C  CB  . LEU A 1 45 ? 6.324   14.970  -2.284  1.00 19.89 ? 52  LEU A CB  1 
ATOM   309  C  CG  . LEU A 1 45 ? 6.062   13.484  -1.985  1.00 22.03 ? 52  LEU A CG  1 
ATOM   310  C  CD1 . LEU A 1 45 ? 5.659   13.315  -0.528  1.00 22.95 ? 52  LEU A CD1 1 
ATOM   311  C  CD2 . LEU A 1 45 ? 4.975   12.945  -2.922  1.00 20.42 ? 52  LEU A CD2 1 
ATOM   312  N  N   . LYS A 1 46 ? 7.909   17.490  -3.380  1.00 22.62 ? 53  LYS A N   1 
ATOM   313  C  CA  . LYS A 1 46 ? 7.949   18.922  -3.657  1.00 24.50 ? 53  LYS A CA  1 
ATOM   314  C  C   . LYS A 1 46 ? 8.250   19.141  -5.146  1.00 24.13 ? 53  LYS A C   1 
ATOM   315  O  O   . LYS A 1 46 ? 7.650   20.006  -5.780  1.00 26.32 ? 53  LYS A O   1 
ATOM   316  C  CB  . LYS A 1 46 ? 9.013   19.607  -2.792  1.00 25.84 ? 53  LYS A CB  1 
ATOM   317  C  CG  . LYS A 1 46 ? 8.690   19.605  -1.302  1.00 29.13 ? 53  LYS A CG  1 
ATOM   318  C  CD  . LYS A 1 46 ? 9.886   20.050  -0.468  1.00 33.19 ? 53  LYS A CD  1 
ATOM   319  C  CE  . LYS A 1 46 ? 9.652   19.765  1.019   1.00 38.53 ? 53  LYS A CE  1 
ATOM   320  N  NZ  . LYS A 1 46 ? 10.916  19.777  1.812   1.00 39.11 ? 53  LYS A NZ  1 
ATOM   321  N  N   . LYS A 1 47 ? 9.171   18.355  -5.692  1.00 26.20 ? 54  LYS A N   1 
ATOM   322  C  CA  . LYS A 1 47 ? 9.534   18.459  -7.107  1.00 25.86 ? 54  LYS A CA  1 
ATOM   323  C  C   . LYS A 1 47 ? 8.302   18.154  -7.967  1.00 24.36 ? 54  LYS A C   1 
ATOM   324  O  O   . LYS A 1 47 ? 8.166   18.682  -9.070  1.00 23.48 ? 54  LYS A O   1 
ATOM   325  C  CB  . LYS A 1 47 ? 10.657  17.467  -7.451  1.00 28.49 ? 54  LYS A CB  1 
ATOM   326  C  CG  . LYS A 1 47 ? 11.996  17.719  -6.750  1.00 30.81 ? 54  LYS A CG  1 
ATOM   327  C  CD  . LYS A 1 47 ? 12.691  18.975  -7.259  1.00 35.45 ? 54  LYS A CD  1 
ATOM   328  C  CE  . LYS A 1 47 ? 14.126  19.022  -6.735  1.00 38.57 ? 54  LYS A CE  1 
ATOM   329  N  NZ  . LYS A 1 47 ? 14.913  20.151  -7.306  1.00 42.35 ? 54  LYS A NZ  1 
ATOM   330  N  N   . LEU A 1 48 ? 7.413   17.300  -7.459  1.00 21.44 ? 55  LEU A N   1 
ATOM   331  C  CA  . LEU A 1 48 ? 6.193   16.936  -8.169  1.00 20.56 ? 55  LEU A CA  1 
ATOM   332  C  C   . LEU A 1 48 ? 5.081   17.980  -8.049  1.00 22.52 ? 55  LEU A C   1 
ATOM   333  O  O   . LEU A 1 48 ? 4.024   17.835  -8.660  1.00 24.33 ? 55  LEU A O   1 
ATOM   334  C  CB  . LEU A 1 48 ? 5.680   15.568  -7.696  1.00 19.08 ? 55  LEU A CB  1 
ATOM   335  C  CG  . LEU A 1 48 ? 6.509   14.368  -8.189  1.00 18.23 ? 55  LEU A CG  1 
ATOM   336  C  CD1 . LEU A 1 48 ? 6.155   13.108  -7.418  1.00 18.95 ? 55  LEU A CD1 1 
ATOM   337  C  CD2 . LEU A 1 48 ? 6.279   14.168  -9.680  1.00 19.85 ? 55  LEU A CD2 1 
ATOM   338  N  N   . GLY A 1 49 ? 5.304   19.013  -7.246  1.00 24.47 ? 56  GLY A N   1 
ATOM   339  C  CA  . GLY A 1 49 ? 4.300   20.056  -7.120  1.00 26.41 ? 56  GLY A CA  1 
ATOM   340  C  C   . GLY A 1 49 ? 3.799   20.397  -5.725  1.00 27.37 ? 56  GLY A C   1 
ATOM   341  O  O   . GLY A 1 49 ? 3.036   21.364  -5.555  1.00 27.54 ? 56  GLY A O   1 
ATOM   342  N  N   . ALA A 1 50 ? 4.208   19.626  -4.725  1.00 25.74 ? 57  ALA A N   1 
ATOM   343  C  CA  . ALA A 1 50 ? 3.761   19.893  -3.359  1.00 25.81 ? 57  ALA A CA  1 
ATOM   344  C  C   . ALA A 1 50 ? 4.335   21.217  -2.854  1.00 27.34 ? 57  ALA A C   1 
ATOM   345  O  O   . ALA A 1 50 ? 5.531   21.466  -2.966  1.00 27.28 ? 57  ALA A O   1 
ATOM   346  C  CB  . ALA A 1 50 ? 4.182   18.753  -2.443  1.00 27.64 ? 57  ALA A CB  1 
ATOM   347  N  N   . ALA A 1 51 ? 3.469   22.067  -2.309  1.00 28.29 ? 58  ALA A N   1 
ATOM   348  C  CA  . ALA A 1 51 ? 3.889   23.362  -1.775  1.00 28.33 ? 58  ALA A CA  1 
ATOM   349  C  C   . ALA A 1 51 ? 4.645   23.128  -0.475  1.00 28.17 ? 58  ALA A C   1 
ATOM   350  O  O   . ALA A 1 51 ? 5.475   23.940  -0.057  1.00 28.05 ? 58  ALA A O   1 
ATOM   351  C  CB  . ALA A 1 51 ? 2.668   24.242  -1.530  1.00 29.50 ? 58  ALA A CB  1 
ATOM   352  N  N   . GLY A 1 52 ? 4.339   22.004  0.161   1.00 27.41 ? 59  GLY A N   1 
ATOM   353  C  CA  . GLY A 1 52 ? 4.989   21.639  1.401   1.00 25.22 ? 59  GLY A CA  1 
ATOM   354  C  C   . GLY A 1 52 ? 4.585   20.232  1.771   1.00 24.68 ? 59  GLY A C   1 
ATOM   355  O  O   . GLY A 1 52 ? 3.549   19.749  1.321   1.00 23.79 ? 59  GLY A O   1 
ATOM   356  N  N   . VAL A 1 53 ? 5.404   19.585  2.592   1.00 25.13 ? 60  VAL A N   1 
ATOM   357  C  CA  . VAL A 1 53 ? 5.152   18.224  3.042   1.00 25.88 ? 60  VAL A CA  1 
ATOM   358  C  C   . VAL A 1 53 ? 5.368   18.122  4.551   1.00 27.03 ? 60  VAL A C   1 
ATOM   359  O  O   . VAL A 1 53 ? 6.415   18.520  5.069   1.00 25.65 ? 60  VAL A O   1 
ATOM   360  C  CB  . VAL A 1 53 ? 6.109   17.234  2.342   1.00 26.08 ? 60  VAL A CB  1 
ATOM   361  C  CG1 . VAL A 1 53 ? 5.832   15.812  2.806   1.00 25.51 ? 60  VAL A CG1 1 
ATOM   362  C  CG2 . VAL A 1 53 ? 5.956   17.353  0.829   1.00 26.04 ? 60  VAL A CG2 1 
ATOM   363  N  N   . VAL A 1 54 ? 4.380   17.577  5.254   1.00 27.25 ? 61  VAL A N   1 
ATOM   364  C  CA  . VAL A 1 54 ? 4.476   17.426  6.705   1.00 28.38 ? 61  VAL A CA  1 
ATOM   365  C  C   . VAL A 1 54 ? 4.204   15.994  7.146   1.00 27.03 ? 61  VAL A C   1 
ATOM   366  O  O   . VAL A 1 54 ? 3.210   15.395  6.759   1.00 26.54 ? 61  VAL A O   1 
ATOM   367  C  CB  . VAL A 1 54 ? 3.470   18.357  7.428   1.00 28.05 ? 61  VAL A CB  1 
ATOM   368  C  CG1 . VAL A 1 54 ? 3.583   18.186  8.944   1.00 30.18 ? 61  VAL A CG1 1 
ATOM   369  C  CG2 . VAL A 1 54 ? 3.741   19.801  7.042   1.00 28.86 ? 61  VAL A CG2 1 
ATOM   370  N  N   . VAL A 1 55 ? 5.105   15.451  7.952   1.00 29.70 ? 62  VAL A N   1 
ATOM   371  C  CA  . VAL A 1 55 ? 4.938   14.105  8.482   1.00 31.69 ? 62  VAL A CA  1 
ATOM   372  C  C   . VAL A 1 55 ? 4.160   14.241  9.786   1.00 33.06 ? 62  VAL A C   1 
ATOM   373  O  O   . VAL A 1 55 ? 4.565   14.976  10.687  1.00 32.31 ? 62  VAL A O   1 
ATOM   374  C  CB  . VAL A 1 55 ? 6.297   13.450  8.787   1.00 32.77 ? 62  VAL A CB  1 
ATOM   375  C  CG1 . VAL A 1 55 ? 6.087   12.125  9.502   1.00 34.30 ? 62  VAL A CG1 1 
ATOM   376  C  CG2 . VAL A 1 55 ? 7.081   13.254  7.503   1.00 34.35 ? 62  VAL A CG2 1 
ATOM   377  N  N   . ALA A 1 56 ? 3.035   13.548  9.881   1.00 33.52 ? 63  ALA A N   1 
ATOM   378  C  CA  . ALA A 1 56 ? 2.218   13.599  11.089  1.00 36.76 ? 63  ALA A CA  1 
ATOM   379  C  C   . ALA A 1 56 ? 1.747   12.187  11.413  1.00 38.11 ? 63  ALA A C   1 
ATOM   380  O  O   . ALA A 1 56 ? 0.831   11.670  10.773  1.00 37.88 ? 63  ALA A O   1 
ATOM   381  C  CB  . ALA A 1 56 ? 1.028   14.524  10.877  1.00 36.61 ? 63  ALA A CB  1 
ATOM   382  N  N   . GLY A 1 57 ? 2.386   11.568  12.403  1.00 39.79 ? 64  GLY A N   1 
ATOM   383  C  CA  . GLY A 1 57 ? 2.030   10.209  12.774  1.00 41.22 ? 64  GLY A CA  1 
ATOM   384  C  C   . GLY A 1 57 ? 2.446   9.260   11.667  1.00 42.09 ? 64  GLY A C   1 
ATOM   385  O  O   . GLY A 1 57 ? 3.455   9.487   10.989  1.00 41.09 ? 64  GLY A O   1 
ATOM   386  N  N   . SER A 1 58 ? 1.675   8.196   11.472  1.00 43.33 ? 65  SER A N   1 
ATOM   387  C  CA  . SER A 1 58 ? 1.982   7.223   10.427  1.00 43.92 ? 65  SER A CA  1 
ATOM   388  C  C   . SER A 1 58 ? 1.425   7.763   9.114   1.00 42.73 ? 65  SER A C   1 
ATOM   389  O  O   . SER A 1 58 ? 1.010   7.012   8.232   1.00 40.87 ? 65  SER A O   1 
ATOM   390  C  CB  . SER A 1 58 ? 1.339   5.872   10.748  1.00 45.98 ? 65  SER A CB  1 
ATOM   391  O  OG  . SER A 1 58 ? -0.076  5.980   10.761  1.00 50.79 ? 65  SER A OG  1 
ATOM   392  N  N   . GLY A 1 59 ? 1.411   9.084   9.002   1.00 40.45 ? 66  GLY A N   1 
ATOM   393  C  CA  . GLY A 1 59 ? 0.907   9.701   7.801   1.00 38.26 ? 66  GLY A CA  1 
ATOM   394  C  C   . GLY A 1 59 ? 1.826   10.779  7.272   1.00 36.31 ? 66  GLY A C   1 
ATOM   395  O  O   . GLY A 1 59 ? 2.728   11.266  7.963   1.00 35.68 ? 66  GLY A O   1 
ATOM   396  N  N   . VAL A 1 60 ? 1.602   11.131  6.015   1.00 33.42 ? 67  VAL A N   1 
ATOM   397  C  CA  . VAL A 1 60 ? 2.364   12.171  5.360   1.00 30.17 ? 67  VAL A CA  1 
ATOM   398  C  C   . VAL A 1 60 ? 1.326   13.033  4.672   1.00 28.73 ? 67  VAL A C   1 
ATOM   399  O  O   . VAL A 1 60 ? 0.495   12.547  3.913   1.00 27.25 ? 67  VAL A O   1 
ATOM   400  C  CB  . VAL A 1 60 ? 3.327   11.605  4.306   1.00 31.67 ? 67  VAL A CB  1 
ATOM   401  C  CG1 . VAL A 1 60 ? 3.992   12.751  3.546   1.00 31.69 ? 67  VAL A CG1 1 
ATOM   402  C  CG2 . VAL A 1 60 ? 4.388   10.745  4.985   1.00 32.86 ? 67  VAL A CG2 1 
ATOM   403  N  N   . GLN A 1 61 ? 1.353   14.323  4.962   1.00 27.07 ? 68  GLN A N   1 
ATOM   404  C  CA  . GLN A 1 61 ? 0.405   15.223  4.343   1.00 26.58 ? 68  GLN A CA  1 
ATOM   405  C  C   . GLN A 1 61 ? 1.176   16.095  3.379   1.00 26.20 ? 68  GLN A C   1 
ATOM   406  O  O   . GLN A 1 61 ? 2.229   16.634  3.721   1.00 27.45 ? 68  GLN A O   1 
ATOM   407  C  CB  . GLN A 1 61 ? -0.300  16.042  5.418   1.00 29.52 ? 68  GLN A CB  1 
ATOM   408  C  CG  . GLN A 1 61 ? -1.272  15.180  6.211   1.00 33.42 ? 68  GLN A CG  1 
ATOM   409  C  CD  . GLN A 1 61 ? -1.865  15.896  7.389   1.00 36.19 ? 68  GLN A CD  1 
ATOM   410  O  OE1 . GLN A 1 61 ? -2.393  16.997  7.255   1.00 38.59 ? 68  GLN A OE1 1 
ATOM   411  N  NE2 . GLN A 1 61 ? -1.788  15.271  8.559   1.00 37.21 ? 68  GLN A NE2 1 
ATOM   412  N  N   . ALA A 1 62 ? 0.666   16.195  2.161   1.00 24.45 ? 69  ALA A N   1 
ATOM   413  C  CA  . ALA A 1 62 ? 1.325   16.969  1.126   1.00 24.73 ? 69  ALA A CA  1 
ATOM   414  C  C   . ALA A 1 62 ? 0.355   18.014  0.605   1.00 24.98 ? 69  ALA A C   1 
ATOM   415  O  O   . ALA A 1 62 ? -0.759  17.698  0.195   1.00 23.23 ? 69  ALA A O   1 
ATOM   416  C  CB  . ALA A 1 62 ? 1.771   16.038  -0.002  1.00 22.15 ? 69  ALA A CB  1 
ATOM   417  N  N   . ILE A 1 63 ? 0.787   19.268  0.621   1.00 28.88 ? 70  ILE A N   1 
ATOM   418  C  CA  . ILE A 1 63 ? -0.067  20.345  0.161   1.00 31.23 ? 70  ILE A CA  1 
ATOM   419  C  C   . ILE A 1 63 ? 0.053   20.532  -1.334  1.00 31.23 ? 70  ILE A C   1 
ATOM   420  O  O   . ILE A 1 63 ? 1.007   21.139  -1.818  1.00 32.02 ? 70  ILE A O   1 
ATOM   421  C  CB  . ILE A 1 63 ? 0.270   21.681  0.866   1.00 32.29 ? 70  ILE A CB  1 
ATOM   422  C  CG1 . ILE A 1 63 ? -0.005  21.565  2.368   1.00 34.30 ? 70  ILE A CG1 1 
ATOM   423  C  CG2 . ILE A 1 63 ? -0.572  22.809  0.279   1.00 33.22 ? 70  ILE A CG2 1 
ATOM   424  C  CD1 . ILE A 1 63 ? 0.954   20.679  3.094   1.00 37.06 ? 70  ILE A CD1 1 
ATOM   425  N  N   . PHE A 1 64 ? -0.923  19.995  -2.055  1.00 32.18 ? 71  PHE A N   1 
ATOM   426  C  CA  . PHE A 1 64 ? -0.975  20.104  -3.505  1.00 33.69 ? 71  PHE A CA  1 
ATOM   427  C  C   . PHE A 1 64 ? -2.105  21.043  -3.900  1.00 34.48 ? 71  PHE A C   1 
ATOM   428  O  O   . PHE A 1 64 ? -2.571  21.024  -5.039  1.00 35.03 ? 71  PHE A O   1 
ATOM   429  C  CB  . PHE A 1 64 ? -1.215  18.735  -4.157  1.00 32.08 ? 71  PHE A CB  1 
ATOM   430  C  CG  . PHE A 1 64 ? 0.035   17.927  -4.368  1.00 32.80 ? 71  PHE A CG  1 
ATOM   431  C  CD1 . PHE A 1 64 ? 0.365   16.882  -3.510  1.00 32.77 ? 71  PHE A CD1 1 
ATOM   432  C  CD2 . PHE A 1 64 ? 0.884   18.209  -5.436  1.00 31.18 ? 71  PHE A CD2 1 
ATOM   433  C  CE1 . PHE A 1 64 ? 1.532   16.127  -3.723  1.00 32.36 ? 71  PHE A CE1 1 
ATOM   434  C  CE2 . PHE A 1 64 ? 2.041   17.467  -5.651  1.00 30.48 ? 71  PHE A CE2 1 
ATOM   435  C  CZ  . PHE A 1 64 ? 2.365   16.426  -4.793  1.00 30.40 ? 71  PHE A CZ  1 
ATOM   436  N  N   . GLY A 1 65 ? -2.554  21.855  -2.948  1.00 35.59 ? 72  GLY A N   1 
ATOM   437  C  CA  . GLY A 1 65 ? -3.621  22.800  -3.231  1.00 36.53 ? 72  GLY A CA  1 
ATOM   438  C  C   . GLY A 1 65 ? -4.903  22.197  -3.770  1.00 37.34 ? 72  GLY A C   1 
ATOM   439  O  O   . GLY A 1 65 ? -5.307  21.098  -3.377  1.00 36.54 ? 72  GLY A O   1 
ATOM   440  N  N   . THR A 1 66 ? -5.544  22.918  -4.687  1.00 36.62 ? 73  THR A N   1 
ATOM   441  C  CA  . THR A 1 66 ? -6.810  22.484  -5.272  1.00 38.59 ? 73  THR A CA  1 
ATOM   442  C  C   . THR A 1 66 ? -6.719  21.210  -6.095  1.00 38.06 ? 73  THR A C   1 
ATOM   443  O  O   . THR A 1 66 ? -7.735  20.611  -6.428  1.00 39.40 ? 73  THR A O   1 
ATOM   444  C  CB  . THR A 1 66 ? -7.415  23.594  -6.157  1.00 39.91 ? 73  THR A CB  1 
ATOM   445  O  OG1 . THR A 1 66 ? -6.545  23.852  -7.268  1.00 43.14 ? 73  THR A OG1 1 
ATOM   446  C  CG2 . THR A 1 66 ? -7.581  24.873  -5.350  1.00 40.84 ? 73  THR A CG2 1 
ATOM   447  N  N   . LYS A 1 67 ? -5.504  20.792  -6.431  1.00 37.35 ? 74  LYS A N   1 
ATOM   448  C  CA  . LYS A 1 67 ? -5.335  19.578  -7.217  1.00 35.01 ? 74  LYS A CA  1 
ATOM   449  C  C   . LYS A 1 67 ? -5.391  18.322  -6.345  1.00 33.44 ? 74  LYS A C   1 
ATOM   450  O  O   . LYS A 1 67 ? -5.646  17.233  -6.853  1.00 31.48 ? 74  LYS A O   1 
ATOM   451  C  CB  . LYS A 1 67 ? -3.996  19.603  -7.956  1.00 36.48 ? 74  LYS A CB  1 
ATOM   452  C  CG  . LYS A 1 67 ? -3.812  20.771  -8.916  1.00 39.99 ? 74  LYS A CG  1 
ATOM   453  C  CD  . LYS A 1 67 ? -2.465  20.672  -9.634  1.00 42.05 ? 74  LYS A CD  1 
ATOM   454  C  CE  . LYS A 1 67 ? -2.224  21.877  -10.542 1.00 45.25 ? 74  LYS A CE  1 
ATOM   455  N  NZ  . LYS A 1 67 ? -0.895  21.827  -11.211 1.00 46.15 ? 74  LYS A NZ  1 
ATOM   456  N  N   . SER A 1 68 ? -5.165  18.482  -5.039  1.00 31.38 ? 75  SER A N   1 
ATOM   457  C  CA  . SER A 1 68 ? -5.136  17.348  -4.105  1.00 30.20 ? 75  SER A CA  1 
ATOM   458  C  C   . SER A 1 68 ? -6.184  16.270  -4.329  1.00 31.88 ? 75  SER A C   1 
ATOM   459  O  O   . SER A 1 68 ? -5.847  15.092  -4.475  1.00 30.63 ? 75  SER A O   1 
ATOM   460  C  CB  . SER A 1 68 ? -5.225  17.841  -2.663  1.00 28.40 ? 75  SER A CB  1 
ATOM   461  O  OG  . SER A 1 68 ? -4.129  18.680  -2.347  1.00 28.87 ? 75  SER A OG  1 
ATOM   462  N  N   . ASP A 1 69 ? -7.453  16.655  -4.348  1.00 35.20 ? 76  ASP A N   1 
ATOM   463  C  CA  . ASP A 1 69 ? -8.520  15.684  -4.552  1.00 36.95 ? 76  ASP A CA  1 
ATOM   464  C  C   . ASP A 1 69 ? -8.354  14.902  -5.854  1.00 37.06 ? 76  ASP A C   1 
ATOM   465  O  O   . ASP A 1 69 ? -8.590  13.694  -5.901  1.00 36.16 ? 76  ASP A O   1 
ATOM   466  C  CB  . ASP A 1 69 ? -9.883  16.381  -4.542  1.00 41.22 ? 76  ASP A CB  1 
ATOM   467  C  CG  . ASP A 1 69 ? -11.016 15.450  -4.938  1.00 43.54 ? 76  ASP A CG  1 
ATOM   468  O  OD1 . ASP A 1 69 ? -11.272 14.471  -4.203  1.00 46.54 ? 76  ASP A OD1 1 
ATOM   469  O  OD2 . ASP A 1 69 ? -11.648 15.697  -5.989  1.00 45.76 ? 76  ASP A OD2 1 
ATOM   470  N  N   . ASN A 1 70 ? -7.947  15.585  -6.915  1.00 36.57 ? 77  ASN A N   1 
ATOM   471  C  CA  . ASN A 1 70 ? -7.769  14.923  -8.203  1.00 36.06 ? 77  ASN A CA  1 
ATOM   472  C  C   . ASN A 1 70 ? -6.588  13.941  -8.191  1.00 33.11 ? 77  ASN A C   1 
ATOM   473  O  O   . ASN A 1 70 ? -6.683  12.848  -8.737  1.00 30.81 ? 77  ASN A O   1 
ATOM   474  C  CB  . ASN A 1 70 ? -7.568  15.969  -9.306  1.00 40.59 ? 77  ASN A CB  1 
ATOM   475  C  CG  . ASN A 1 70 ? -7.816  15.408  -10.689 1.00 44.27 ? 77  ASN A CG  1 
ATOM   476  O  OD1 . ASN A 1 70 ? -7.114  14.504  -11.143 1.00 47.17 ? 77  ASN A OD1 1 
ATOM   477  N  ND2 . ASN A 1 70 ? -8.828  15.940  -11.369 1.00 47.74 ? 77  ASN A ND2 1 
ATOM   478  N  N   . LEU A 1 71 ? -5.478  14.329  -7.573  1.00 31.20 ? 78  LEU A N   1 
ATOM   479  C  CA  . LEU A 1 71 ? -4.312  13.450  -7.505  1.00 29.48 ? 78  LEU A CA  1 
ATOM   480  C  C   . LEU A 1 71 ? -4.641  12.213  -6.676  1.00 29.13 ? 78  LEU A C   1 
ATOM   481  O  O   . LEU A 1 71 ? -4.244  11.096  -7.010  1.00 28.18 ? 78  LEU A O   1 
ATOM   482  C  CB  . LEU A 1 71 ? -3.128  14.187  -6.884  1.00 29.53 ? 78  LEU A CB  1 
ATOM   483  C  CG  . LEU A 1 71 ? -2.605  15.366  -7.705  1.00 29.68 ? 78  LEU A CG  1 
ATOM   484  C  CD1 . LEU A 1 71 ? -1.512  16.070  -6.934  1.00 29.75 ? 78  LEU A CD1 1 
ATOM   485  C  CD2 . LEU A 1 71 ? -2.086  14.870  -9.045  1.00 29.62 ? 78  LEU A CD2 1 
ATOM   486  N  N   . LYS A 1 72 ? -5.376  12.421  -5.590  1.00 29.39 ? 79  LYS A N   1 
ATOM   487  C  CA  . LYS A 1 72 ? -5.768  11.325  -4.716  1.00 28.97 ? 79  LYS A CA  1 
ATOM   488  C  C   . LYS A 1 72 ? -6.512  10.272  -5.524  1.00 28.89 ? 79  LYS A C   1 
ATOM   489  O  O   . LYS A 1 72 ? -6.179  9.087   -5.491  1.00 27.32 ? 79  LYS A O   1 
ATOM   490  C  CB  . LYS A 1 72 ? -6.684  11.850  -3.608  1.00 31.16 ? 79  LYS A CB  1 
ATOM   491  C  CG  . LYS A 1 72 ? -6.857  10.898  -2.442  1.00 33.15 ? 79  LYS A CG  1 
ATOM   492  C  CD  . LYS A 1 72 ? -8.316  10.567  -2.179  1.00 37.17 ? 79  LYS A CD  1 
ATOM   493  C  CE  . LYS A 1 72 ? -8.901  9.708   -3.282  1.00 41.16 ? 79  LYS A CE  1 
ATOM   494  N  NZ  . LYS A 1 72 ? -10.316 9.311   -2.967  1.00 44.29 ? 79  LYS A NZ  1 
ATOM   495  N  N   . THR A 1 73 ? -7.522  10.718  -6.267  1.00 29.87 ? 80  THR A N   1 
ATOM   496  C  CA  . THR A 1 73 ? -8.328  9.817   -7.074  1.00 29.52 ? 80  THR A CA  1 
ATOM   497  C  C   . THR A 1 73 ? -7.513  9.072   -8.127  1.00 28.91 ? 80  THR A C   1 
ATOM   498  O  O   . THR A 1 73 ? -7.706  7.879   -8.330  1.00 27.56 ? 80  THR A O   1 
ATOM   499  C  CB  . THR A 1 73 ? -9.484  10.585  -7.753  1.00 32.42 ? 80  THR A CB  1 
ATOM   500  O  OG1 . THR A 1 73 ? -10.306 11.177  -6.740  1.00 35.22 ? 80  THR A OG1 1 
ATOM   501  C  CG2 . THR A 1 73 ? -10.330 9.648   -8.589  1.00 31.39 ? 80  THR A CG2 1 
ATOM   502  N  N   . GLU A 1 74 ? -6.602  9.775   -8.793  1.00 28.66 ? 81  GLU A N   1 
ATOM   503  C  CA  . GLU A 1 74 ? -5.761  9.155   -9.811  1.00 27.65 ? 81  GLU A CA  1 
ATOM   504  C  C   . GLU A 1 74 ? -4.839  8.111   -9.180  1.00 26.54 ? 81  GLU A C   1 
ATOM   505  O  O   . GLU A 1 74 ? -4.568  7.074   -9.778  1.00 26.00 ? 81  GLU A O   1 
ATOM   506  C  CB  . GLU A 1 74 ? -4.913  10.217  -10.522 1.00 31.24 ? 81  GLU A CB  1 
ATOM   507  C  CG  . GLU A 1 74 ? -5.721  11.159  -11.413 1.00 35.36 ? 81  GLU A CG  1 
ATOM   508  C  CD  . GLU A 1 74 ? -4.852  12.178  -12.151 1.00 39.30 ? 81  GLU A CD  1 
ATOM   509  O  OE1 . GLU A 1 74 ? -5.420  13.033  -12.873 1.00 39.88 ? 81  GLU A OE1 1 
ATOM   510  O  OE2 . GLU A 1 74 ? -3.609  12.125  -12.011 1.00 38.43 ? 81  GLU A OE2 1 
HETATM 511  N  N   . MSE A 1 75 ? -4.354  8.397   -7.978  1.00 26.20 ? 82  MSE A N   1 
HETATM 512  C  CA  . MSE A 1 75 ? -3.467  7.467   -7.285  1.00 24.92 ? 82  MSE A CA  1 
HETATM 513  C  C   . MSE A 1 75 ? -4.210  6.170   -6.986  1.00 26.12 ? 82  MSE A C   1 
HETATM 514  O  O   . MSE A 1 75 ? -3.714  5.078   -7.278  1.00 24.95 ? 82  MSE A O   1 
HETATM 515  C  CB  . MSE A 1 75 ? -2.952  8.077   -5.977  1.00 22.66 ? 82  MSE A CB  1 
HETATM 516  C  CG  . MSE A 1 75 ? -1.989  9.230   -6.159  1.00 21.15 ? 82  MSE A CG  1 
HETATM 517  SE SE  . MSE A 1 75 ? -1.316  9.955   -4.520  1.00 27.86 ? 82  MSE A SE  1 
HETATM 518  C  CE  . MSE A 1 75 ? -0.260  8.447   -3.890  1.00 24.67 ? 82  MSE A CE  1 
ATOM   519  N  N   . ASP A 1 76 ? -5.403  6.288   -6.409  1.00 26.29 ? 83  ASP A N   1 
ATOM   520  C  CA  . ASP A 1 76 ? -6.188  5.097   -6.103  1.00 28.76 ? 83  ASP A CA  1 
ATOM   521  C  C   . ASP A 1 76 ? -6.445  4.295   -7.370  1.00 28.23 ? 83  ASP A C   1 
ATOM   522  O  O   . ASP A 1 76 ? -6.290  3.079   -7.386  1.00 27.15 ? 83  ASP A O   1 
ATOM   523  C  CB  . ASP A 1 76 ? -7.531  5.464   -5.484  1.00 29.02 ? 83  ASP A CB  1 
ATOM   524  C  CG  . ASP A 1 76 ? -8.437  4.255   -5.340  1.00 33.94 ? 83  ASP A CG  1 
ATOM   525  O  OD1 . ASP A 1 76 ? -8.244  3.468   -4.390  1.00 34.19 ? 83  ASP A OD1 1 
ATOM   526  O  OD2 . ASP A 1 76 ? -9.327  4.070   -6.203  1.00 38.10 ? 83  ASP A OD2 1 
ATOM   527  N  N   . GLU A 1 77 ? -6.837  4.977   -8.442  1.00 30.11 ? 84  GLU A N   1 
ATOM   528  C  CA  . GLU A 1 77 ? -7.105  4.290   -9.703  1.00 30.27 ? 84  GLU A CA  1 
ATOM   529  C  C   . GLU A 1 77 ? -5.877  3.516   -10.192 1.00 30.35 ? 84  GLU A C   1 
ATOM   530  O  O   . GLU A 1 77 ? -5.976  2.364   -10.620 1.00 30.07 ? 84  GLU A O   1 
ATOM   531  C  CB  . GLU A 1 77 ? -7.561  5.295   -10.766 1.00 30.85 ? 84  GLU A CB  1 
ATOM   532  N  N   . TYR A 1 78 ? -4.713  4.148   -10.127 1.00 29.14 ? 85  TYR A N   1 
ATOM   533  C  CA  . TYR A 1 78 ? -3.480  3.503   -10.552 1.00 27.58 ? 85  TYR A CA  1 
ATOM   534  C  C   . TYR A 1 78 ? -3.126  2.315   -9.642  1.00 27.48 ? 85  TYR A C   1 
ATOM   535  O  O   . TYR A 1 78 ? -2.661  1.273   -10.109 1.00 26.13 ? 85  TYR A O   1 
ATOM   536  C  CB  . TYR A 1 78 ? -2.330  4.513   -10.546 1.00 27.21 ? 85  TYR A CB  1 
ATOM   537  C  CG  . TYR A 1 78 ? -0.978  3.841   -10.530 1.00 30.52 ? 85  TYR A CG  1 
ATOM   538  C  CD1 . TYR A 1 78 ? -0.572  3.017   -11.583 1.00 29.73 ? 85  TYR A CD1 1 
ATOM   539  C  CD2 . TYR A 1 78 ? -0.119  3.996   -9.444  1.00 28.20 ? 85  TYR A CD2 1 
ATOM   540  C  CE1 . TYR A 1 78 ? 0.663   2.364   -11.549 1.00 35.21 ? 85  TYR A CE1 1 
ATOM   541  C  CE2 . TYR A 1 78 ? 1.113   3.349   -9.399  1.00 31.31 ? 85  TYR A CE2 1 
ATOM   542  C  CZ  . TYR A 1 78 ? 1.502   2.542   -10.450 1.00 32.21 ? 85  TYR A CZ  1 
ATOM   543  O  OH  . TYR A 1 78 ? 2.744   1.948   -10.420 1.00 37.10 ? 85  TYR A OH  1 
ATOM   544  N  N   . ILE A 1 79 ? -3.356  2.470   -8.344  1.00 26.31 ? 86  ILE A N   1 
ATOM   545  C  CA  . ILE A 1 79 ? -3.055  1.397   -7.400  1.00 27.65 ? 86  ILE A CA  1 
ATOM   546  C  C   . ILE A 1 79 ? -3.956  0.175   -7.607  1.00 31.22 ? 86  ILE A C   1 
ATOM   547  O  O   . ILE A 1 79 ? -3.498  -0.965  -7.524  1.00 30.52 ? 86  ILE A O   1 
ATOM   548  C  CB  . ILE A 1 79 ? -3.217  1.887   -5.949  1.00 25.81 ? 86  ILE A CB  1 
ATOM   549  C  CG1 . ILE A 1 79 ? -2.137  2.927   -5.638  1.00 21.95 ? 86  ILE A CG1 1 
ATOM   550  C  CG2 . ILE A 1 79 ? -3.157  0.707   -4.987  1.00 24.12 ? 86  ILE A CG2 1 
ATOM   551  C  CD1 . ILE A 1 79 ? -2.347  3.648   -4.327  1.00 24.65 ? 86  ILE A CD1 1 
ATOM   552  N  N   . ARG A 1 80 ? -5.232  0.428   -7.875  1.00 33.94 ? 87  ARG A N   1 
ATOM   553  C  CA  . ARG A 1 80 ? -6.229  -0.624  -8.081  1.00 39.06 ? 87  ARG A CA  1 
ATOM   554  C  C   . ARG A 1 80 ? -6.073  -1.322  -9.429  1.00 41.83 ? 87  ARG A C   1 
ATOM   555  O  O   . ARG A 1 80 ? -5.919  -2.546  -9.493  1.00 43.64 ? 87  ARG A O   1 
ATOM   556  C  CB  . ARG A 1 80 ? -7.637  -0.028  -7.980  1.00 38.07 ? 87  ARG A CB  1 
ATOM   557  C  CG  . ARG A 1 80 ? -7.970  0.584   -6.621  1.00 38.97 ? 87  ARG A CG  1 
ATOM   558  C  CD  . ARG A 1 80 ? -8.435  -0.469  -5.658  1.00 37.95 ? 87  ARG A CD  1 
ATOM   559  N  NE  . ARG A 1 80 ? -8.361  -0.052  -4.263  1.00 36.83 ? 87  ARG A NE  1 
ATOM   560  C  CZ  . ARG A 1 80 ? -8.622  -0.867  -3.245  1.00 37.83 ? 87  ARG A CZ  1 
ATOM   561  N  NH1 . ARG A 1 80 ? -8.531  -0.437  -1.995  1.00 36.45 ? 87  ARG A NH1 1 
ATOM   562  N  NH2 . ARG A 1 80 ? -8.988  -2.121  -3.483  1.00 37.97 ? 87  ARG A NH2 1 
ATOM   563  N  N   . ASN A 1 81 ? -6.118  -0.539  -10.503 1.00 43.62 ? 88  ASN A N   1 
ATOM   564  C  CA  . ASN A 1 81 ? -5.983  -1.069  -11.857 1.00 46.39 ? 88  ASN A CA  1 
ATOM   565  C  C   . ASN A 1 81 ? -4.515  -1.249  -12.216 1.00 48.31 ? 88  ASN A C   1 
ATOM   566  O  O   . ASN A 1 81 ? -4.035  -0.487  -13.080 1.00 49.15 ? 88  ASN A O   1 
ATOM   567  C  CB  . ASN A 1 81 ? -6.650  -0.128  -12.858 1.00 45.43 ? 88  ASN A CB  1 
ATOM   568  N  N   . THR B 1 1  ? -11.605 9.295   7.406   1.00 49.58 ? 8   THR B N   1 
ATOM   569  C  CA  . THR B 1 1  ? -11.227 7.916   6.986   1.00 48.81 ? 8   THR B CA  1 
ATOM   570  C  C   . THR B 1 1  ? -10.496 7.967   5.644   1.00 47.51 ? 8   THR B C   1 
ATOM   571  O  O   . THR B 1 1  ? -9.264  7.985   5.600   1.00 50.41 ? 8   THR B O   1 
ATOM   572  C  CB  . THR B 1 1  ? -12.477 7.041   6.877   1.00 48.91 ? 8   THR B CB  1 
ATOM   573  N  N   . GLY B 1 2  ? -11.256 8.012   4.557   1.00 44.30 ? 9   GLY B N   1 
ATOM   574  C  CA  . GLY B 1 2  ? -10.650 8.056   3.239   1.00 39.95 ? 9   GLY B CA  1 
ATOM   575  C  C   . GLY B 1 2  ? -10.826 6.737   2.511   1.00 37.01 ? 9   GLY B C   1 
ATOM   576  O  O   . GLY B 1 2  ? -11.826 6.048   2.700   1.00 36.34 ? 9   GLY B O   1 
ATOM   577  N  N   . THR B 1 3  ? -9.856  6.376   1.679   1.00 32.69 ? 10  THR B N   1 
ATOM   578  C  CA  . THR B 1 3  ? -9.928  5.125   0.928   1.00 30.17 ? 10  THR B CA  1 
ATOM   579  C  C   . THR B 1 3  ? -8.795  4.209   1.361   1.00 28.80 ? 10  THR B C   1 
ATOM   580  O  O   . THR B 1 3  ? -7.620  4.549   1.195   1.00 23.76 ? 10  THR B O   1 
ATOM   581  C  CB  . THR B 1 3  ? -9.801  5.380   -0.587  1.00 31.57 ? 10  THR B CB  1 
ATOM   582  O  OG1 . THR B 1 3  ? -10.854 6.254   -1.013  1.00 32.09 ? 10  THR B OG1 1 
ATOM   583  C  CG2 . THR B 1 3  ? -9.898  4.068   -1.368  1.00 32.02 ? 10  THR B CG2 1 
ATOM   584  N  N   . SER B 1 4  ? -9.138  3.058   1.937   1.00 26.46 ? 11  SER B N   1 
ATOM   585  C  CA  . SER B 1 4  ? -8.109  2.123   2.376   1.00 25.50 ? 11  SER B CA  1 
ATOM   586  C  C   . SER B 1 4  ? -7.429  1.508   1.168   1.00 23.16 ? 11  SER B C   1 
ATOM   587  O  O   . SER B 1 4  ? -8.072  1.226   0.157   1.00 23.57 ? 11  SER B O   1 
ATOM   588  C  CB  . SER B 1 4  ? -8.702  1.005   3.240   1.00 26.40 ? 11  SER B CB  1 
ATOM   589  O  OG  . SER B 1 4  ? -7.712  0.029   3.558   1.00 27.77 ? 11  SER B OG  1 
ATOM   590  N  N   . GLU B 1 5  ? -6.117  1.329   1.273   1.00 21.47 ? 12  GLU B N   1 
ATOM   591  C  CA  . GLU B 1 5  ? -5.347  0.709   0.196   1.00 20.82 ? 12  GLU B CA  1 
ATOM   592  C  C   . GLU B 1 5  ? -4.596  -0.478  0.798   1.00 22.08 ? 12  GLU B C   1 
ATOM   593  O  O   . GLU B 1 5  ? -3.591  -0.939  0.252   1.00 19.30 ? 12  GLU B O   1 
ATOM   594  C  CB  . GLU B 1 5  ? -4.360  1.715   -0.418  1.00 20.39 ? 12  GLU B CB  1 
ATOM   595  C  CG  . GLU B 1 5  ? -5.019  2.984   -0.980  1.00 21.21 ? 12  GLU B CG  1 
ATOM   596  C  CD  . GLU B 1 5  ? -5.998  2.720   -2.116  1.00 21.36 ? 12  GLU B CD  1 
ATOM   597  O  OE1 . GLU B 1 5  ? -6.218  1.546   -2.469  1.00 19.71 ? 12  GLU B OE1 1 
ATOM   598  O  OE2 . GLU B 1 5  ? -6.559  3.699   -2.665  1.00 24.71 ? 12  GLU B OE2 1 
HETATM 599  N  N   . MSE B 1 6  ? -5.103  -0.973  1.927   1.00 21.94 ? 13  MSE B N   1 
HETATM 600  C  CA  . MSE B 1 6  ? -4.488  -2.107  2.606   1.00 23.26 ? 13  MSE B CA  1 
HETATM 601  C  C   . MSE B 1 6  ? -4.419  -3.361  1.729   1.00 20.20 ? 13  MSE B C   1 
HETATM 602  O  O   . MSE B 1 6  ? -3.399  -4.041  1.713   1.00 19.31 ? 13  MSE B O   1 
HETATM 603  C  CB  . MSE B 1 6  ? -5.237  -2.438  3.901   1.00 27.88 ? 13  MSE B CB  1 
HETATM 604  C  CG  . MSE B 1 6  ? -4.545  -1.965  5.177   1.00 36.22 ? 13  MSE B CG  1 
HETATM 605  SE SE  . MSE B 1 6  ? -2.742  -2.665  5.410   1.00 46.28 ? 13  MSE B SE  1 
HETATM 606  C  CE  . MSE B 1 6  ? -3.142  -4.411  6.127   1.00 45.32 ? 13  MSE B CE  1 
ATOM   607  N  N   . ALA B 1 7  ? -5.496  -3.672  1.012   1.00 19.85 ? 14  ALA B N   1 
ATOM   608  C  CA  . ALA B 1 7  ? -5.494  -4.862  0.167   1.00 20.29 ? 14  ALA B CA  1 
ATOM   609  C  C   . ALA B 1 7  ? -4.406  -4.772  -0.905  1.00 19.37 ? 14  ALA B C   1 
ATOM   610  O  O   . ALA B 1 7  ? -3.586  -5.678  -1.039  1.00 20.35 ? 14  ALA B O   1 
ATOM   611  C  CB  . ALA B 1 7  ? -6.876  -5.070  -0.483  1.00 21.43 ? 14  ALA B CB  1 
ATOM   612  N  N   . PRO B 1 8  ? -4.383  -3.682  -1.692  1.00 19.19 ? 15  PRO B N   1 
ATOM   613  C  CA  . PRO B 1 8  ? -3.315  -3.644  -2.697  1.00 18.18 ? 15  PRO B CA  1 
ATOM   614  C  C   . PRO B 1 8  ? -1.898  -3.625  -2.102  1.00 16.56 ? 15  PRO B C   1 
ATOM   615  O  O   . PRO B 1 8  ? -0.976  -4.195  -2.690  1.00 16.16 ? 15  PRO B O   1 
ATOM   616  C  CB  . PRO B 1 8  ? -3.641  -2.397  -3.524  1.00 19.95 ? 15  PRO B CB  1 
ATOM   617  C  CG  . PRO B 1 8  ? -4.624  -1.627  -2.683  1.00 22.28 ? 15  PRO B CG  1 
ATOM   618  C  CD  . PRO B 1 8  ? -5.410  -2.665  -1.970  1.00 19.05 ? 15  PRO B CD  1 
ATOM   619  N  N   . ALA B 1 9  ? -1.728  -2.991  -0.946  1.00 15.05 ? 16  ALA B N   1 
ATOM   620  C  CA  . ALA B 1 9  ? -0.411  -2.934  -0.310  1.00 16.12 ? 16  ALA B CA  1 
ATOM   621  C  C   . ALA B 1 9  ? 0.051   -4.344  0.053   1.00 15.76 ? 16  ALA B C   1 
ATOM   622  O  O   . ALA B 1 9  ? 1.196   -4.710  -0.197  1.00 16.54 ? 16  ALA B O   1 
ATOM   623  C  CB  . ALA B 1 9  ? -0.456  -2.059  0.953   1.00 17.77 ? 16  ALA B CB  1 
ATOM   624  N  N   . LEU B 1 10 ? -0.843  -5.128  0.651   1.00 15.35 ? 17  LEU B N   1 
ATOM   625  C  CA  . LEU B 1 10 ? -0.507  -6.501  1.025   1.00 17.64 ? 17  LEU B CA  1 
ATOM   626  C  C   . LEU B 1 10 ? -0.217  -7.344  -0.215  1.00 16.72 ? 17  LEU B C   1 
ATOM   627  O  O   . LEU B 1 10 ? 0.752   -8.103  -0.245  1.00 15.48 ? 17  LEU B O   1 
ATOM   628  C  CB  . LEU B 1 10 ? -1.661  -7.119  1.816   1.00 17.13 ? 17  LEU B CB  1 
ATOM   629  C  CG  . LEU B 1 10 ? -1.793  -6.633  3.255   1.00 18.61 ? 17  LEU B CG  1 
ATOM   630  C  CD1 . LEU B 1 10 ? -3.112  -7.103  3.842   1.00 21.73 ? 17  LEU B CD1 1 
ATOM   631  C  CD2 . LEU B 1 10 ? -0.608  -7.162  4.082   1.00 18.85 ? 17  LEU B CD2 1 
ATOM   632  N  N   . VAL B 1 11 ? -1.050  -7.224  -1.249  1.00 18.06 ? 18  VAL B N   1 
ATOM   633  C  CA  . VAL B 1 11 ? -0.801  -8.004  -2.452  1.00 16.83 ? 18  VAL B CA  1 
ATOM   634  C  C   . VAL B 1 11 ? 0.583   -7.644  -3.021  1.00 16.94 ? 18  VAL B C   1 
ATOM   635  O  O   . VAL B 1 11 ? 1.332   -8.532  -3.449  1.00 17.38 ? 18  VAL B O   1 
ATOM   636  C  CB  . VAL B 1 11 ? -1.944  -7.796  -3.503  1.00 18.02 ? 18  VAL B CB  1 
ATOM   637  C  CG1 . VAL B 1 11 ? -1.553  -8.372  -4.856  1.00 18.65 ? 18  VAL B CG1 1 
ATOM   638  C  CG2 . VAL B 1 11 ? -3.234  -8.478  -2.989  1.00 19.05 ? 18  VAL B CG2 1 
ATOM   639  N  N   . ALA B 1 12 ? 0.935   -6.359  -2.991  1.00 15.15 ? 19  ALA B N   1 
ATOM   640  C  CA  . ALA B 1 12 ? 2.242   -5.922  -3.489  1.00 17.30 ? 19  ALA B CA  1 
ATOM   641  C  C   . ALA B 1 12 ? 3.358   -6.527  -2.621  1.00 16.68 ? 19  ALA B C   1 
ATOM   642  O  O   . ALA B 1 12 ? 4.366   -7.027  -3.142  1.00 17.80 ? 19  ALA B O   1 
ATOM   643  C  CB  . ALA B 1 12 ? 2.332   -4.382  -3.487  1.00 17.97 ? 19  ALA B CB  1 
ATOM   644  N  N   . ALA B 1 13 ? 3.166   -6.515  -1.306  1.00 17.39 ? 20  ALA B N   1 
ATOM   645  C  CA  . ALA B 1 13 ? 4.158   -7.070  -0.385  1.00 15.96 ? 20  ALA B CA  1 
ATOM   646  C  C   . ALA B 1 13 ? 4.357   -8.572  -0.625  1.00 17.87 ? 20  ALA B C   1 
ATOM   647  O  O   . ALA B 1 13 ? 5.459   -9.102  -0.440  1.00 18.85 ? 20  ALA B O   1 
ATOM   648  C  CB  . ALA B 1 13 ? 3.724   -6.827  1.051   1.00 16.31 ? 20  ALA B CB  1 
ATOM   649  N  N   . PHE B 1 14 ? 3.291   -9.259  -1.021  1.00 15.32 ? 21  PHE B N   1 
ATOM   650  C  CA  . PHE B 1 14 ? 3.385   -10.695 -1.291  1.00 19.23 ? 21  PHE B CA  1 
ATOM   651  C  C   . PHE B 1 14 ? 3.899   -11.023 -2.693  1.00 18.77 ? 21  PHE B C   1 
ATOM   652  O  O   . PHE B 1 14 ? 3.895   -12.190 -3.102  1.00 18.31 ? 21  PHE B O   1 
ATOM   653  C  CB  . PHE B 1 14 ? 2.031   -11.380 -1.045  1.00 17.67 ? 21  PHE B CB  1 
ATOM   654  C  CG  . PHE B 1 14 ? 1.762   -11.671 0.411   1.00 17.61 ? 21  PHE B CG  1 
ATOM   655  C  CD1 . PHE B 1 14 ? 2.494   -12.646 1.082   1.00 19.28 ? 21  PHE B CD1 1 
ATOM   656  C  CD2 . PHE B 1 14 ? 0.783   -10.974 1.109   1.00 19.56 ? 21  PHE B CD2 1 
ATOM   657  C  CE1 . PHE B 1 14 ? 2.251   -12.929 2.444   1.00 19.92 ? 21  PHE B CE1 1 
ATOM   658  C  CE2 . PHE B 1 14 ? 0.531   -11.245 2.460   1.00 19.64 ? 21  PHE B CE2 1 
ATOM   659  C  CZ  . PHE B 1 14 ? 1.269   -12.229 3.130   1.00 17.89 ? 21  PHE B CZ  1 
ATOM   660  N  N   . GLY B 1 15 ? 4.347   -9.999  -3.422  1.00 18.12 ? 22  GLY B N   1 
ATOM   661  C  CA  . GLY B 1 15 ? 4.890   -10.211 -4.756  1.00 20.56 ? 22  GLY B CA  1 
ATOM   662  C  C   . GLY B 1 15 ? 4.014   -9.887  -5.960  1.00 21.60 ? 22  GLY B C   1 
ATOM   663  O  O   . GLY B 1 15 ? 4.432   -10.124 -7.095  1.00 21.07 ? 22  GLY B O   1 
ATOM   664  N  N   . GLY B 1 16 ? 2.808   -9.368  -5.729  1.00 20.53 ? 23  GLY B N   1 
ATOM   665  C  CA  . GLY B 1 16 ? 1.919   -9.040  -6.833  1.00 19.12 ? 23  GLY B CA  1 
ATOM   666  C  C   . GLY B 1 16 ? 0.920   -10.145 -7.155  1.00 20.14 ? 23  GLY B C   1 
ATOM   667  O  O   . GLY B 1 16 ? 1.103   -11.293 -6.746  1.00 17.93 ? 23  GLY B O   1 
ATOM   668  N  N   . LYS B 1 17 ? -0.131  -9.814  -7.902  1.00 19.63 ? 24  LYS B N   1 
ATOM   669  C  CA  . LYS B 1 17 ? -1.152  -10.807 -8.259  1.00 19.45 ? 24  LYS B CA  1 
ATOM   670  C  C   . LYS B 1 17 ? -0.612  -12.056 -8.949  1.00 17.57 ? 24  LYS B C   1 
ATOM   671  O  O   . LYS B 1 17 ? -1.106  -13.154 -8.718  1.00 17.17 ? 24  LYS B O   1 
ATOM   672  C  CB  . LYS B 1 17 ? -2.229  -10.175 -9.150  1.00 23.46 ? 24  LYS B CB  1 
ATOM   673  C  CG  . LYS B 1 17 ? -2.954  -8.999  -8.494  1.00 28.84 ? 24  LYS B CG  1 
ATOM   674  C  CD  . LYS B 1 17 ? -4.327  -8.749  -9.114  1.00 32.56 ? 24  LYS B CD  1 
ATOM   675  C  CE  . LYS B 1 17 ? -4.259  -8.582  -10.611 1.00 35.82 ? 24  LYS B CE  1 
ATOM   676  N  NZ  . LYS B 1 17 ? -5.612  -8.305  -11.186 1.00 37.74 ? 24  LYS B NZ  1 
ATOM   677  N  N   . GLU B 1 18 ? 0.403   -11.908 -9.798  1.00 16.41 ? 25  GLU B N   1 
ATOM   678  C  CA  . GLU B 1 18 ? 0.923   -13.076 -10.486 1.00 17.66 ? 25  GLU B CA  1 
ATOM   679  C  C   . GLU B 1 18 ? 1.693   -14.013 -9.550  1.00 17.14 ? 25  GLU B C   1 
ATOM   680  O  O   . GLU B 1 18 ? 1.980   -15.151 -9.926  1.00 18.59 ? 25  GLU B O   1 
ATOM   681  C  CB  . GLU B 1 18 ? 1.810   -12.649 -11.657 1.00 22.46 ? 25  GLU B CB  1 
ATOM   682  C  CG  . GLU B 1 18 ? 3.277   -12.607 -11.329 1.00 26.36 ? 25  GLU B CG  1 
ATOM   683  C  CD  . GLU B 1 18 ? 4.145   -12.372 -12.557 1.00 31.15 ? 25  GLU B CD  1 
ATOM   684  O  OE1 . GLU B 1 18 ? 3.690   -12.673 -13.688 1.00 32.87 ? 25  GLU B OE1 1 
ATOM   685  O  OE2 . GLU B 1 18 ? 5.289   -11.910 -12.381 1.00 33.23 ? 25  GLU B OE2 1 
ATOM   686  N  N   . ASN B 1 19 ? 1.991   -13.559 -8.328  1.00 16.09 ? 26  ASN B N   1 
ATOM   687  C  CA  . ASN B 1 19 ? 2.737   -14.381 -7.382  1.00 14.78 ? 26  ASN B CA  1 
ATOM   688  C  C   . ASN B 1 19 ? 1.852   -15.122 -6.382  1.00 16.85 ? 26  ASN B C   1 
ATOM   689  O  O   . ASN B 1 19 ? 2.331   -16.002 -5.666  1.00 16.75 ? 26  ASN B O   1 
ATOM   690  C  CB  . ASN B 1 19 ? 3.721   -13.512 -6.583  1.00 15.58 ? 26  ASN B CB  1 
ATOM   691  C  CG  . ASN B 1 19 ? 4.862   -14.320 -5.981  1.00 16.49 ? 26  ASN B CG  1 
ATOM   692  O  OD1 . ASN B 1 19 ? 5.291   -14.074 -4.840  1.00 21.26 ? 26  ASN B OD1 1 
ATOM   693  N  ND2 . ASN B 1 19 ? 5.380   -15.267 -6.752  1.00 15.04 ? 26  ASN B ND2 1 
ATOM   694  N  N   . ILE B 1 20 ? 0.576   -14.755 -6.318  1.00 15.61 ? 27  ILE B N   1 
ATOM   695  C  CA  . ILE B 1 20 ? -0.341  -15.352 -5.350  1.00 15.32 ? 27  ILE B CA  1 
ATOM   696  C  C   . ILE B 1 20 ? -1.206  -16.459 -5.946  1.00 17.06 ? 27  ILE B C   1 
ATOM   697  O  O   . ILE B 1 20 ? -1.959  -16.231 -6.888  1.00 17.55 ? 27  ILE B O   1 
ATOM   698  C  CB  . ILE B 1 20 ? -1.214  -14.246 -4.741  1.00 16.58 ? 27  ILE B CB  1 
ATOM   699  C  CG1 . ILE B 1 20 ? -0.304  -13.249 -4.004  1.00 14.93 ? 27  ILE B CG1 1 
ATOM   700  C  CG2 . ILE B 1 20 ? -2.268  -14.845 -3.796  1.00 14.29 ? 27  ILE B CG2 1 
ATOM   701  C  CD1 . ILE B 1 20 ? -1.046  -12.003 -3.501  1.00 19.35 ? 27  ILE B CD1 1 
ATOM   702  N  N   . THR B 1 21 ? -1.090  -17.664 -5.390  1.00 16.88 ? 28  THR B N   1 
ATOM   703  C  CA  . THR B 1 21 ? -1.863  -18.781 -5.914  1.00 19.54 ? 28  THR B CA  1 
ATOM   704  C  C   . THR B 1 21 ? -2.989  -19.272 -5.010  1.00 20.39 ? 28  THR B C   1 
ATOM   705  O  O   . THR B 1 21 ? -3.905  -19.950 -5.464  1.00 21.29 ? 28  THR B O   1 
ATOM   706  C  CB  . THR B 1 21 ? -0.940  -19.957 -6.275  1.00 19.98 ? 28  THR B CB  1 
ATOM   707  O  OG1 . THR B 1 21 ? -0.352  -20.500 -5.084  1.00 22.13 ? 28  THR B OG1 1 
ATOM   708  C  CG2 . THR B 1 21 ? 0.175   -19.476 -7.206  1.00 23.96 ? 28  THR B CG2 1 
ATOM   709  N  N   . ASN B 1 22 ? -2.935  -18.910 -3.738  1.00 20.23 ? 29  ASN B N   1 
ATOM   710  C  CA  . ASN B 1 22 ? -3.968  -19.324 -2.795  1.00 21.55 ? 29  ASN B CA  1 
ATOM   711  C  C   . ASN B 1 22 ? -3.957  -18.427 -1.561  1.00 21.26 ? 29  ASN B C   1 
ATOM   712  O  O   . ASN B 1 22 ? -2.897  -17.989 -1.125  1.00 21.48 ? 29  ASN B O   1 
ATOM   713  C  CB  . ASN B 1 22 ? -3.733  -20.780 -2.384  1.00 21.28 ? 29  ASN B CB  1 
ATOM   714  C  CG  . ASN B 1 22 ? -4.903  -21.358 -1.634  1.00 25.40 ? 29  ASN B CG  1 
ATOM   715  O  OD1 . ASN B 1 22 ? -5.015  -21.206 -0.415  1.00 27.87 ? 29  ASN B OD1 1 
ATOM   716  N  ND2 . ASN B 1 22 ? -5.801  -22.009 -2.361  1.00 21.39 ? 29  ASN B ND2 1 
ATOM   717  N  N   . LEU B 1 23 ? -5.143  -18.151 -1.025  1.00 20.93 ? 30  LEU B N   1 
ATOM   718  C  CA  . LEU B 1 23 ? -5.313  -17.321 0.168   1.00 22.66 ? 30  LEU B CA  1 
ATOM   719  C  C   . LEU B 1 23 ? -6.139  -18.050 1.228   1.00 25.13 ? 30  LEU B C   1 
ATOM   720  O  O   . LEU B 1 23 ? -7.241  -18.519 0.951   1.00 23.76 ? 30  LEU B O   1 
ATOM   721  C  CB  . LEU B 1 23 ? -6.027  -16.024 -0.172  1.00 23.60 ? 30  LEU B CB  1 
ATOM   722  C  CG  . LEU B 1 23 ? -5.282  -14.974 -0.986  1.00 25.09 ? 30  LEU B CG  1 
ATOM   723  C  CD1 . LEU B 1 23 ? -6.180  -13.761 -1.108  1.00 25.73 ? 30  LEU B CD1 1 
ATOM   724  C  CD2 . LEU B 1 23 ? -3.960  -14.600 -0.312  1.00 22.30 ? 30  LEU B CD2 1 
ATOM   725  N  N   . ASP B 1 24 ? -5.600  -18.122 2.435   1.00 27.56 ? 31  ASP B N   1 
ATOM   726  C  CA  . ASP B 1 24 ? -6.278  -18.776 3.544   1.00 31.64 ? 31  ASP B CA  1 
ATOM   727  C  C   . ASP B 1 24 ? -5.949  -18.038 4.841   1.00 33.21 ? 31  ASP B C   1 
ATOM   728  O  O   . ASP B 1 24 ? -4.841  -17.536 5.008   1.00 33.26 ? 31  ASP B O   1 
ATOM   729  C  CB  . ASP B 1 24 ? -5.817  -20.229 3.657   1.00 32.27 ? 31  ASP B CB  1 
ATOM   730  C  CG  . ASP B 1 24 ? -6.767  -21.075 4.487   1.00 36.55 ? 31  ASP B CG  1 
ATOM   731  O  OD1 . ASP B 1 24 ? -6.424  -22.245 4.779   1.00 38.45 ? 31  ASP B OD1 1 
ATOM   732  O  OD2 . ASP B 1 24 ? -7.860  -20.566 4.833   1.00 37.67 ? 31  ASP B OD2 1 
ATOM   733  N  N   . ALA B 1 25 ? -6.913  -17.967 5.753   1.00 35.19 ? 32  ALA B N   1 
ATOM   734  C  CA  . ALA B 1 25 ? -6.694  -17.297 7.031   1.00 36.50 ? 32  ALA B CA  1 
ATOM   735  C  C   . ALA B 1 25 ? -7.305  -18.101 8.168   1.00 39.30 ? 32  ALA B C   1 
ATOM   736  O  O   . ALA B 1 25 ? -8.364  -18.702 8.023   1.00 39.75 ? 32  ALA B O   1 
ATOM   737  C  CB  . ALA B 1 25 ? -7.288  -15.904 7.005   1.00 35.18 ? 32  ALA B CB  1 
ATOM   738  N  N   . CYS B 1 26 ? -6.620  -18.115 9.303   1.00 42.93 ? 33  CYS B N   1 
ATOM   739  C  CA  . CYS B 1 26 ? -7.091  -18.839 10.472  1.00 46.09 ? 33  CYS B CA  1 
ATOM   740  C  C   . CYS B 1 26 ? -7.520  -17.811 11.514  1.00 45.51 ? 33  CYS B C   1 
ATOM   741  O  O   . CYS B 1 26 ? -8.246  -16.866 11.193  1.00 45.90 ? 33  CYS B O   1 
ATOM   742  C  CB  . CYS B 1 26 ? -5.965  -19.722 11.005  1.00 48.42 ? 33  CYS B CB  1 
ATOM   743  S  SG  . CYS B 1 26 ? -5.254  -20.834 9.753   1.00 60.45 ? 33  CYS B SG  1 
ATOM   744  N  N   . ILE B 1 27 ? -7.077  -17.975 12.756  1.00 45.18 ? 34  ILE B N   1 
ATOM   745  C  CA  . ILE B 1 27 ? -7.454  -17.015 13.784  1.00 43.94 ? 34  ILE B CA  1 
ATOM   746  C  C   . ILE B 1 27 ? -6.347  -15.993 14.014  1.00 41.60 ? 34  ILE B C   1 
ATOM   747  O  O   . ILE B 1 27 ? -6.621  -14.830 14.298  1.00 41.15 ? 34  ILE B O   1 
ATOM   748  C  CB  . ILE B 1 27 ? -7.796  -17.714 15.125  1.00 46.49 ? 34  ILE B CB  1 
ATOM   749  C  CG1 . ILE B 1 27 ? -8.419  -16.698 16.087  1.00 48.06 ? 34  ILE B CG1 1 
ATOM   750  C  CG2 . ILE B 1 27 ? -6.547  -18.302 15.750  1.00 46.91 ? 34  ILE B CG2 1 
ATOM   751  C  CD1 . ILE B 1 27 ? -8.989  -17.307 17.350  1.00 51.21 ? 34  ILE B CD1 1 
ATOM   752  N  N   . THR B 1 28 ? -5.098  -16.427 13.879  1.00 39.29 ? 35  THR B N   1 
ATOM   753  C  CA  . THR B 1 28 ? -3.961  -15.542 14.086  1.00 38.28 ? 35  THR B CA  1 
ATOM   754  C  C   . THR B 1 28 ? -3.069  -15.399 12.850  1.00 36.16 ? 35  THR B C   1 
ATOM   755  O  O   . THR B 1 28 ? -2.242  -14.489 12.781  1.00 33.99 ? 35  THR B O   1 
ATOM   756  C  CB  . THR B 1 28 ? -3.068  -16.047 15.253  1.00 41.80 ? 35  THR B CB  1 
ATOM   757  O  OG1 . THR B 1 28 ? -2.447  -17.291 14.890  1.00 42.91 ? 35  THR B OG1 1 
ATOM   758  C  CG2 . THR B 1 28 ? -3.902  -16.261 16.503  1.00 42.88 ? 35  THR B CG2 1 
ATOM   759  N  N   . ARG B 1 29 ? -3.245  -16.285 11.875  1.00 33.89 ? 36  ARG B N   1 
ATOM   760  C  CA  . ARG B 1 29 ? -2.399  -16.265 10.689  1.00 32.93 ? 36  ARG B CA  1 
ATOM   761  C  C   . ARG B 1 29 ? -3.073  -16.020 9.349   1.00 30.80 ? 36  ARG B C   1 
ATOM   762  O  O   . ARG B 1 29 ? -4.229  -16.365 9.136   1.00 29.50 ? 36  ARG B O   1 
ATOM   763  C  CB  . ARG B 1 29 ? -1.633  -17.588 10.591  1.00 35.84 ? 36  ARG B CB  1 
ATOM   764  C  CG  . ARG B 1 29 ? -0.822  -17.938 11.819  1.00 41.35 ? 36  ARG B CG  1 
ATOM   765  C  CD  . ARG B 1 29 ? -0.255  -19.337 11.702  1.00 45.53 ? 36  ARG B CD  1 
ATOM   766  N  NE  . ARG B 1 29 ? -1.313  -20.313 11.461  1.00 48.61 ? 36  ARG B NE  1 
ATOM   767  C  CZ  . ARG B 1 29 ? -1.103  -21.615 11.307  1.00 51.61 ? 36  ARG B CZ  1 
ATOM   768  N  NH1 . ARG B 1 29 ? -2.127  -22.432 11.088  1.00 52.94 ? 36  ARG B NH1 1 
ATOM   769  N  NH2 . ARG B 1 29 ? 0.131   -22.100 11.377  1.00 52.05 ? 36  ARG B NH2 1 
ATOM   770  N  N   . LEU B 1 30 ? -2.309  -15.417 8.446   1.00 30.25 ? 37  LEU B N   1 
ATOM   771  C  CA  . LEU B 1 30 ? -2.743  -15.162 7.077   1.00 28.45 ? 37  LEU B CA  1 
ATOM   772  C  C   . LEU B 1 30 ? -1.781  -16.056 6.298   1.00 26.52 ? 37  LEU B C   1 
ATOM   773  O  O   . LEU B 1 30 ? -0.568  -15.878 6.379   1.00 26.18 ? 37  LEU B O   1 
ATOM   774  C  CB  . LEU B 1 30 ? -2.536  -13.684 6.712   1.00 30.12 ? 37  LEU B CB  1 
ATOM   775  C  CG  . LEU B 1 30 ? -2.889  -13.204 5.297   1.00 31.61 ? 37  LEU B CG  1 
ATOM   776  C  CD1 . LEU B 1 30 ? -4.314  -13.576 4.931   1.00 31.53 ? 37  LEU B CD1 1 
ATOM   777  C  CD2 . LEU B 1 30 ? -2.695  -11.689 5.227   1.00 31.83 ? 37  LEU B CD2 1 
ATOM   778  N  N   . ARG B 1 31 ? -2.309  -17.041 5.577   1.00 26.05 ? 38  ARG B N   1 
ATOM   779  C  CA  . ARG B 1 31 ? -1.451  -17.960 4.834   1.00 24.88 ? 38  ARG B CA  1 
ATOM   780  C  C   . ARG B 1 31 ? -1.591  -17.727 3.348   1.00 23.83 ? 38  ARG B C   1 
ATOM   781  O  O   . ARG B 1 31 ? -2.667  -17.901 2.779   1.00 25.57 ? 38  ARG B O   1 
ATOM   782  C  CB  . ARG B 1 31 ? -1.801  -19.406 5.171   1.00 26.68 ? 38  ARG B CB  1 
ATOM   783  N  N   . VAL B 1 32 ? -0.491  -17.342 2.721   1.00 21.30 ? 39  VAL B N   1 
ATOM   784  C  CA  . VAL B 1 32 ? -0.513  -17.055 1.298   1.00 18.96 ? 39  VAL B CA  1 
ATOM   785  C  C   . VAL B 1 32 ? 0.430   -17.990 0.560   1.00 18.00 ? 39  VAL B C   1 
ATOM   786  O  O   . VAL B 1 32 ? 1.628   -18.024 0.832   1.00 20.63 ? 39  VAL B O   1 
ATOM   787  C  CB  . VAL B 1 32 ? -0.095  -15.578 1.043   1.00 20.25 ? 39  VAL B CB  1 
ATOM   788  C  CG1 . VAL B 1 32 ? -0.222  -15.233 -0.433  1.00 18.44 ? 39  VAL B CG1 1 
ATOM   789  C  CG2 . VAL B 1 32 ? -0.965  -14.650 1.869   1.00 19.77 ? 39  VAL B CG2 1 
ATOM   790  N  N   . SER B 1 33 ? -0.119  -18.776 -0.354  1.00 17.19 ? 40  SER B N   1 
ATOM   791  C  CA  . SER B 1 33 ? 0.705   -19.664 -1.147  1.00 19.35 ? 40  SER B CA  1 
ATOM   792  C  C   . SER B 1 33 ? 1.220   -18.780 -2.274  1.00 18.26 ? 40  SER B C   1 
ATOM   793  O  O   . SER B 1 33 ? 0.458   -18.024 -2.862  1.00 19.44 ? 40  SER B O   1 
ATOM   794  C  CB  . SER B 1 33 ? -0.139  -20.812 -1.684  1.00 20.26 ? 40  SER B CB  1 
ATOM   795  O  OG  . SER B 1 33 ? -0.690  -21.528 -0.586  1.00 24.06 ? 40  SER B OG  1 
ATOM   796  N  N   . VAL B 1 34 ? 2.515   -18.852 -2.550  1.00 17.67 ? 41  VAL B N   1 
ATOM   797  C  CA  . VAL B 1 34 ? 3.089   -18.017 -3.591  1.00 18.89 ? 41  VAL B CA  1 
ATOM   798  C  C   . VAL B 1 34 ? 3.885   -18.835 -4.583  1.00 18.76 ? 41  VAL B C   1 
ATOM   799  O  O   . VAL B 1 34 ? 4.363   -19.933 -4.265  1.00 21.03 ? 41  VAL B O   1 
ATOM   800  C  CB  . VAL B 1 34 ? 4.002   -16.912 -2.986  1.00 16.83 ? 41  VAL B CB  1 
ATOM   801  C  CG1 . VAL B 1 34 ? 3.176   -15.994 -2.079  1.00 17.66 ? 41  VAL B CG1 1 
ATOM   802  C  CG2 . VAL B 1 34 ? 5.156   -17.541 -2.213  1.00 20.68 ? 41  VAL B CG2 1 
ATOM   803  N  N   . ALA B 1 35 ? 4.029   -18.305 -5.791  1.00 19.53 ? 42  ALA B N   1 
ATOM   804  C  CA  . ALA B 1 35 ? 4.784   -18.992 -6.835  1.00 20.13 ? 42  ALA B CA  1 
ATOM   805  C  C   . ALA B 1 35 ? 6.298   -18.798 -6.622  1.00 23.89 ? 42  ALA B C   1 
ATOM   806  O  O   . ALA B 1 35 ? 7.112   -19.658 -6.999  1.00 22.63 ? 42  ALA B O   1 
ATOM   807  C  CB  . ALA B 1 35 ? 4.369   -18.461 -8.191  1.00 19.71 ? 42  ALA B CB  1 
ATOM   808  N  N   . ASP B 1 36 ? 6.665   -17.673 -6.006  1.00 24.08 ? 43  ASP B N   1 
ATOM   809  C  CA  . ASP B 1 36 ? 8.066   -17.345 -5.747  1.00 26.28 ? 43  ASP B CA  1 
ATOM   810  C  C   . ASP B 1 36 ? 8.230   -16.632 -4.394  1.00 25.23 ? 43  ASP B C   1 
ATOM   811  O  O   . ASP B 1 36 ? 7.852   -15.467 -4.250  1.00 25.20 ? 43  ASP B O   1 
ATOM   812  C  CB  . ASP B 1 36 ? 8.591   -16.441 -6.868  1.00 30.43 ? 43  ASP B CB  1 
ATOM   813  C  CG  . ASP B 1 36 ? 10.083  -16.180 -6.765  1.00 35.92 ? 43  ASP B CG  1 
ATOM   814  O  OD1 . ASP B 1 36 ? 10.652  -16.389 -5.672  1.00 39.68 ? 43  ASP B OD1 1 
ATOM   815  O  OD2 . ASP B 1 36 ? 10.686  -15.759 -7.776  1.00 39.29 ? 43  ASP B OD2 1 
ATOM   816  N  N   . VAL B 1 37 ? 8.798   -17.322 -3.407  1.00 24.68 ? 44  VAL B N   1 
ATOM   817  C  CA  . VAL B 1 37 ? 8.991   -16.726 -2.083  1.00 25.80 ? 44  VAL B CA  1 
ATOM   818  C  C   . VAL B 1 37 ? 9.967   -15.547 -2.127  1.00 26.64 ? 44  VAL B C   1 
ATOM   819  O  O   . VAL B 1 37 ? 9.859   -14.610 -1.325  1.00 27.05 ? 44  VAL B O   1 
ATOM   820  C  CB  . VAL B 1 37 ? 9.521   -17.783 -1.043  1.00 27.73 ? 44  VAL B CB  1 
ATOM   821  C  CG1 . VAL B 1 37 ? 10.029  -17.084 0.227   1.00 28.05 ? 44  VAL B CG1 1 
ATOM   822  C  CG2 . VAL B 1 37 ? 8.411   -18.760 -0.677  1.00 26.25 ? 44  VAL B CG2 1 
ATOM   823  N  N   . SER B 1 38 ? 10.909  -15.579 -3.066  1.00 27.58 ? 45  SER B N   1 
ATOM   824  C  CA  . SER B 1 38 ? 11.894  -14.506 -3.160  1.00 28.14 ? 45  SER B CA  1 
ATOM   825  C  C   . SER B 1 38 ? 11.273  -13.154 -3.518  1.00 27.29 ? 45  SER B C   1 
ATOM   826  O  O   . SER B 1 38 ? 11.913  -12.115 -3.357  1.00 26.89 ? 45  SER B O   1 
ATOM   827  C  CB  . SER B 1 38 ? 12.985  -14.864 -4.177  1.00 29.52 ? 45  SER B CB  1 
ATOM   828  O  OG  . SER B 1 38 ? 12.541  -14.694 -5.514  1.00 35.66 ? 45  SER B OG  1 
ATOM   829  N  N   . LYS B 1 39 ? 10.027  -13.161 -3.986  1.00 25.74 ? 46  LYS B N   1 
ATOM   830  C  CA  . LYS B 1 39 ? 9.354   -11.914 -4.355  1.00 25.00 ? 46  LYS B CA  1 
ATOM   831  C  C   . LYS B 1 39 ? 8.595   -11.299 -3.183  1.00 25.45 ? 46  LYS B C   1 
ATOM   832  O  O   . LYS B 1 39 ? 8.083   -10.172 -3.284  1.00 26.97 ? 46  LYS B O   1 
ATOM   833  C  CB  . LYS B 1 39 ? 8.369   -12.149 -5.500  1.00 25.62 ? 46  LYS B CB  1 
ATOM   834  C  CG  . LYS B 1 39 ? 8.995   -12.455 -6.841  1.00 25.52 ? 46  LYS B CG  1 
ATOM   835  C  CD  . LYS B 1 39 ? 7.965   -12.261 -7.949  1.00 28.53 ? 46  LYS B CD  1 
ATOM   836  C  CE  . LYS B 1 39 ? 8.413   -12.901 -9.256  1.00 29.35 ? 46  LYS B CE  1 
ATOM   837  N  NZ  . LYS B 1 39 ? 7.348   -12.744 -10.308 1.00 32.22 ? 46  LYS B NZ  1 
ATOM   838  N  N   . VAL B 1 40 ? 8.512   -12.031 -2.078  1.00 23.42 ? 47  VAL B N   1 
ATOM   839  C  CA  . VAL B 1 40 ? 7.799   -11.552 -0.895  1.00 23.65 ? 47  VAL B CA  1 
ATOM   840  C  C   . VAL B 1 40 ? 8.663   -10.647 -0.032  1.00 25.08 ? 47  VAL B C   1 
ATOM   841  O  O   . VAL B 1 40 ? 9.784   -11.014 0.327   1.00 25.82 ? 47  VAL B O   1 
ATOM   842  C  CB  . VAL B 1 40 ? 7.302   -12.728 -0.017  1.00 23.03 ? 47  VAL B CB  1 
ATOM   843  C  CG1 . VAL B 1 40 ? 6.533   -12.195 1.212   1.00 22.51 ? 47  VAL B CG1 1 
ATOM   844  C  CG2 . VAL B 1 40 ? 6.414   -13.657 -0.853  1.00 20.67 ? 47  VAL B CG2 1 
ATOM   845  N  N   . ASP B 1 41 ? 8.143   -9.470  0.306   1.00 24.26 ? 48  ASP B N   1 
ATOM   846  C  CA  . ASP B 1 41 ? 8.885   -8.527  1.148   1.00 26.40 ? 48  ASP B CA  1 
ATOM   847  C  C   . ASP B 1 41 ? 8.482   -8.758  2.594   1.00 25.06 ? 48  ASP B C   1 
ATOM   848  O  O   . ASP B 1 41 ? 7.515   -8.178  3.088   1.00 23.09 ? 48  ASP B O   1 
ATOM   849  C  CB  . ASP B 1 41 ? 8.579   -7.089  0.732   1.00 27.32 ? 48  ASP B CB  1 
ATOM   850  C  CG  . ASP B 1 41 ? 9.494   -6.070  1.410   1.00 32.06 ? 48  ASP B CG  1 
ATOM   851  O  OD1 . ASP B 1 41 ? 9.517   -4.906  0.950   1.00 33.92 ? 48  ASP B OD1 1 
ATOM   852  O  OD2 . ASP B 1 41 ? 10.179  -6.421  2.401   1.00 29.90 ? 48  ASP B OD2 1 
ATOM   853  N  N   . GLN B 1 42 ? 9.215   -9.636  3.271   1.00 25.68 ? 49  GLN B N   1 
ATOM   854  C  CA  . GLN B 1 42 ? 8.906   -9.948  4.656   1.00 27.20 ? 49  GLN B CA  1 
ATOM   855  C  C   . GLN B 1 42 ? 8.940   -8.723  5.565   1.00 25.57 ? 49  GLN B C   1 
ATOM   856  O  O   . GLN B 1 42 ? 8.078   -8.567  6.418   1.00 25.46 ? 49  GLN B O   1 
ATOM   857  C  CB  . GLN B 1 42 ? 9.852   -11.043 5.159   1.00 27.78 ? 49  GLN B CB  1 
ATOM   858  C  CG  . GLN B 1 42 ? 9.648   -12.352 4.397   1.00 31.16 ? 49  GLN B CG  1 
ATOM   859  C  CD  . GLN B 1 42 ? 10.519  -13.475 4.906   1.00 33.49 ? 49  GLN B CD  1 
ATOM   860  O  OE1 . GLN B 1 42 ? 10.551  -13.758 6.104   1.00 34.99 ? 49  GLN B OE1 1 
ATOM   861  N  NE2 . GLN B 1 42 ? 11.225  -14.127 3.996   1.00 34.88 ? 49  GLN B NE2 1 
ATOM   862  N  N   . ALA B 1 43 ? 9.919   -7.850  5.363   1.00 26.30 ? 50  ALA B N   1 
ATOM   863  C  CA  . ALA B 1 43 ? 10.032  -6.637  6.167   1.00 27.63 ? 50  ALA B CA  1 
ATOM   864  C  C   . ALA B 1 43 ? 8.828   -5.731  5.907   1.00 26.35 ? 50  ALA B C   1 
ATOM   865  O  O   . ALA B 1 43 ? 8.303   -5.101  6.826   1.00 27.20 ? 50  ALA B O   1 
ATOM   866  C  CB  . ALA B 1 43 ? 11.324  -5.898  5.831   1.00 29.03 ? 50  ALA B CB  1 
ATOM   867  N  N   . GLY B 1 44 ? 8.401   -5.676  4.648   1.00 24.42 ? 51  GLY B N   1 
ATOM   868  C  CA  . GLY B 1 44 ? 7.256   -4.855  4.281   1.00 22.73 ? 51  GLY B CA  1 
ATOM   869  C  C   . GLY B 1 44 ? 5.990   -5.333  4.964   1.00 19.58 ? 51  GLY B C   1 
ATOM   870  O  O   . GLY B 1 44 ? 5.168   -4.526  5.369   1.00 19.02 ? 51  GLY B O   1 
ATOM   871  N  N   . LEU B 1 45 ? 5.827   -6.650  5.092   1.00 19.43 ? 52  LEU B N   1 
ATOM   872  C  CA  . LEU B 1 45 ? 4.651   -7.205  5.747   1.00 19.01 ? 52  LEU B CA  1 
ATOM   873  C  C   . LEU B 1 45 ? 4.636   -6.818  7.224   1.00 21.42 ? 52  LEU B C   1 
ATOM   874  O  O   . LEU B 1 45 ? 3.584   -6.517  7.778   1.00 20.97 ? 52  LEU B O   1 
ATOM   875  C  CB  . LEU B 1 45 ? 4.622   -8.739  5.609   1.00 20.02 ? 52  LEU B CB  1 
ATOM   876  C  CG  . LEU B 1 45 ? 4.356   -9.251  4.184   1.00 21.52 ? 52  LEU B CG  1 
ATOM   877  C  CD1 . LEU B 1 45 ? 4.623   -10.742 4.109   1.00 21.80 ? 52  LEU B CD1 1 
ATOM   878  C  CD2 . LEU B 1 45 ? 2.911   -8.936  3.779   1.00 20.04 ? 52  LEU B CD2 1 
ATOM   879  N  N   . LYS B 1 46 ? 5.803   -6.840  7.865   1.00 21.95 ? 53  LYS B N   1 
ATOM   880  C  CA  . LYS B 1 46 ? 5.871   -6.451  9.272   1.00 24.60 ? 53  LYS B CA  1 
ATOM   881  C  C   . LYS B 1 46 ? 5.492   -4.967  9.403   1.00 24.84 ? 53  LYS B C   1 
ATOM   882  O  O   . LYS B 1 46 ? 4.764   -4.582  10.324  1.00 26.17 ? 53  LYS B O   1 
ATOM   883  C  CB  . LYS B 1 46 ? 7.279   -6.691  9.828   1.00 26.49 ? 53  LYS B CB  1 
ATOM   884  C  CG  . LYS B 1 46 ? 7.667   -8.167  9.915   1.00 29.73 ? 53  LYS B CG  1 
ATOM   885  C  CD  . LYS B 1 46 ? 9.153   -8.342  10.205  1.00 34.44 ? 53  LYS B CD  1 
ATOM   886  C  CE  . LYS B 1 46 ? 9.581   -9.794  9.995   1.00 38.87 ? 53  LYS B CE  1 
ATOM   887  N  NZ  . LYS B 1 46 ? 11.060  -9.941  9.852   1.00 40.54 ? 53  LYS B NZ  1 
ATOM   888  N  N   . LYS B 1 47 ? 5.979   -4.143  8.480   1.00 25.35 ? 54  LYS B N   1 
ATOM   889  C  CA  . LYS B 1 47 ? 5.670   -2.709  8.495   1.00 25.06 ? 54  LYS B CA  1 
ATOM   890  C  C   . LYS B 1 47 ? 4.158   -2.513  8.338   1.00 24.47 ? 54  LYS B C   1 
ATOM   891  O  O   . LYS B 1 47 ? 3.596   -1.547  8.856   1.00 23.38 ? 54  LYS B O   1 
ATOM   892  C  CB  . LYS B 1 47 ? 6.400   -1.989  7.354   1.00 27.74 ? 54  LYS B CB  1 
ATOM   893  C  CG  . LYS B 1 47 ? 7.931   -2.002  7.445   1.00 30.50 ? 54  LYS B CG  1 
ATOM   894  C  CD  . LYS B 1 47 ? 8.454   -1.127  8.572   1.00 34.68 ? 54  LYS B CD  1 
ATOM   895  C  CE  . LYS B 1 47 ? 9.968   -0.958  8.440   1.00 38.19 ? 54  LYS B CE  1 
ATOM   896  N  NZ  . LYS B 1 47 ? 10.533  -0.001  9.434   1.00 41.67 ? 54  LYS B NZ  1 
ATOM   897  N  N   . LEU B 1 48 ? 3.507   -3.434  7.625   1.00 21.76 ? 55  LEU B N   1 
ATOM   898  C  CA  . LEU B 1 48 ? 2.064   -3.375  7.414   1.00 21.26 ? 55  LEU B CA  1 
ATOM   899  C  C   . LEU B 1 48 ? 1.252   -3.885  8.605   1.00 22.95 ? 55  LEU B C   1 
ATOM   900  O  O   . LEU B 1 48 ? 0.025   -3.815  8.595   1.00 24.11 ? 55  LEU B O   1 
ATOM   901  C  CB  . LEU B 1 48 ? 1.668   -4.145  6.145   1.00 20.78 ? 55  LEU B CB  1 
ATOM   902  C  CG  . LEU B 1 48 ? 2.053   -3.435  4.831   1.00 18.79 ? 55  LEU B CG  1 
ATOM   903  C  CD1 . LEU B 1 48 ? 1.956   -4.387  3.650   1.00 20.29 ? 55  LEU B CD1 1 
ATOM   904  C  CD2 . LEU B 1 48 ? 1.151   -2.229  4.619   1.00 21.08 ? 55  LEU B CD2 1 
ATOM   905  N  N   . GLY B 1 49 ? 1.931   -4.410  9.620   1.00 24.55 ? 56  GLY B N   1 
ATOM   906  C  CA  . GLY B 1 49 ? 1.209   -4.879  10.794  1.00 26.61 ? 56  GLY B CA  1 
ATOM   907  C  C   . GLY B 1 49 ? 1.423   -6.316  11.235  1.00 28.17 ? 56  GLY B C   1 
ATOM   908  O  O   . GLY B 1 49 ? 0.918   -6.723  12.293  1.00 27.68 ? 56  GLY B O   1 
ATOM   909  N  N   . ALA B 1 50 ? 2.157   -7.095  10.446  1.00 26.77 ? 57  ALA B N   1 
ATOM   910  C  CA  . ALA B 1 50 ? 2.402   -8.490  10.809  1.00 26.72 ? 57  ALA B CA  1 
ATOM   911  C  C   . ALA B 1 50 ? 3.282   -8.571  12.053  1.00 27.88 ? 57  ALA B C   1 
ATOM   912  O  O   . ALA B 1 50 ? 4.319   -7.915  12.131  1.00 28.21 ? 57  ALA B O   1 
ATOM   913  C  CB  . ALA B 1 50 ? 3.064   -9.219  9.652   1.00 28.05 ? 57  ALA B CB  1 
ATOM   914  N  N   . ALA B 1 51 ? 2.857   -9.371  13.027  1.00 29.02 ? 58  ALA B N   1 
ATOM   915  C  CA  . ALA B 1 51 ? 3.608   -9.552  14.267  1.00 28.60 ? 58  ALA B CA  1 
ATOM   916  C  C   . ALA B 1 51 ? 4.838   -10.399 13.974  1.00 28.25 ? 58  ALA B C   1 
ATOM   917  O  O   . ALA B 1 51 ? 5.846   -10.334 14.677  1.00 28.54 ? 58  ALA B O   1 
ATOM   918  C  CB  . ALA B 1 51 ? 2.728   -10.236 15.311  1.00 30.45 ? 58  ALA B CB  1 
ATOM   919  N  N   . GLY B 1 52 ? 4.735   -11.195 12.918  1.00 27.62 ? 59  GLY B N   1 
ATOM   920  C  CA  . GLY B 1 52 ? 5.830   -12.047 12.504  1.00 26.31 ? 59  GLY B CA  1 
ATOM   921  C  C   . GLY B 1 52 ? 5.487   -12.675 11.171  1.00 25.07 ? 59  GLY B C   1 
ATOM   922  O  O   . GLY B 1 52 ? 4.316   -12.763 10.816  1.00 25.69 ? 59  GLY B O   1 
ATOM   923  N  N   . VAL B 1 53 ? 6.513   -13.105 10.442  1.00 25.33 ? 60  VAL B N   1 
ATOM   924  C  CA  . VAL B 1 53 ? 6.342   -13.732 9.141   1.00 26.14 ? 60  VAL B CA  1 
ATOM   925  C  C   . VAL B 1 53 ? 7.201   -14.993 9.055   1.00 26.89 ? 60  VAL B C   1 
ATOM   926  O  O   . VAL B 1 53 ? 8.403   -14.961 9.334   1.00 26.47 ? 60  VAL B O   1 
ATOM   927  C  CB  . VAL B 1 53 ? 6.764   -12.765 8.013   1.00 26.27 ? 60  VAL B CB  1 
ATOM   928  C  CG1 . VAL B 1 53 ? 6.574   -13.420 6.652   1.00 26.18 ? 60  VAL B CG1 1 
ATOM   929  C  CG2 . VAL B 1 53 ? 5.959   -11.474 8.115   1.00 26.00 ? 60  VAL B CG2 1 
ATOM   930  N  N   . VAL B 1 54 ? 6.584   -16.102 8.667   1.00 27.53 ? 61  VAL B N   1 
ATOM   931  C  CA  . VAL B 1 54 ? 7.310   -17.365 8.546   1.00 28.23 ? 61  VAL B CA  1 
ATOM   932  C  C   . VAL B 1 54 ? 7.109   -18.001 7.175   1.00 27.59 ? 61  VAL B C   1 
ATOM   933  O  O   . VAL B 1 54 ? 5.988   -18.147 6.705   1.00 25.12 ? 61  VAL B O   1 
ATOM   934  C  CB  . VAL B 1 54 ? 6.848   -18.380 9.626   1.00 28.04 ? 61  VAL B CB  1 
ATOM   935  C  CG1 . VAL B 1 54 ? 7.617   -19.688 9.483   1.00 29.29 ? 61  VAL B CG1 1 
ATOM   936  C  CG2 . VAL B 1 54 ? 7.071   -17.793 11.009  1.00 29.21 ? 61  VAL B CG2 1 
ATOM   937  N  N   . VAL B 1 55 ? 8.212   -18.362 6.536   1.00 28.91 ? 62  VAL B N   1 
ATOM   938  C  CA  . VAL B 1 55 ? 8.156   -19.026 5.242   1.00 31.39 ? 62  VAL B CA  1 
ATOM   939  C  C   . VAL B 1 55 ? 8.071   -20.523 5.521   1.00 32.69 ? 62  VAL B C   1 
ATOM   940  O  O   . VAL B 1 55 ? 8.920   -21.079 6.221   1.00 32.21 ? 62  VAL B O   1 
ATOM   941  C  CB  . VAL B 1 55 ? 9.426   -18.754 4.421   1.00 31.34 ? 62  VAL B CB  1 
ATOM   942  C  CG1 . VAL B 1 55 ? 9.419   -19.598 3.154   1.00 33.55 ? 62  VAL B CG1 1 
ATOM   943  C  CG2 . VAL B 1 55 ? 9.521   -17.276 4.089   1.00 33.93 ? 62  VAL B CG2 1 
ATOM   944  N  N   . ALA B 1 56 ? 7.044   -21.170 4.990   1.00 33.66 ? 63  ALA B N   1 
ATOM   945  C  CA  . ALA B 1 56 ? 6.869   -22.604 5.185   1.00 36.88 ? 63  ALA B CA  1 
ATOM   946  C  C   . ALA B 1 56 ? 6.443   -23.224 3.858   1.00 38.14 ? 63  ALA B C   1 
ATOM   947  O  O   . ALA B 1 56 ? 5.285   -23.109 3.454   1.00 37.88 ? 63  ALA B O   1 
ATOM   948  C  CB  . ALA B 1 56 ? 5.818   -22.864 6.259   1.00 36.52 ? 63  ALA B CB  1 
ATOM   949  N  N   . GLY B 1 57 ? 7.389   -23.875 3.185   1.00 39.92 ? 64  GLY B N   1 
ATOM   950  C  CA  . GLY B 1 57 ? 7.092   -24.482 1.900   1.00 41.89 ? 64  GLY B CA  1 
ATOM   951  C  C   . GLY B 1 57 ? 6.857   -23.391 0.872   1.00 42.79 ? 64  GLY B C   1 
ATOM   952  O  O   . GLY B 1 57 ? 7.472   -22.322 0.938   1.00 41.58 ? 64  GLY B O   1 
ATOM   953  N  N   . SER B 1 58 ? 5.969   -23.652 -0.082  1.00 43.87 ? 65  SER B N   1 
ATOM   954  C  CA  . SER B 1 58 ? 5.663   -22.667 -1.115  1.00 44.44 ? 65  SER B CA  1 
ATOM   955  C  C   . SER B 1 58 ? 4.636   -21.698 -0.541  1.00 43.14 ? 65  SER B C   1 
ATOM   956  O  O   . SER B 1 58 ? 3.790   -21.158 -1.253  1.00 40.94 ? 65  SER B O   1 
ATOM   957  C  CB  . SER B 1 58 ? 5.093   -23.358 -2.357  1.00 46.40 ? 65  SER B CB  1 
ATOM   958  O  OG  . SER B 1 58 ? 3.859   -23.990 -2.058  1.00 51.23 ? 65  SER B OG  1 
ATOM   959  N  N   . GLY B 1 59 ? 4.716   -21.491 0.766   1.00 40.99 ? 66  GLY B N   1 
ATOM   960  C  CA  . GLY B 1 59 ? 3.795   -20.590 1.412   1.00 38.55 ? 66  GLY B CA  1 
ATOM   961  C  C   . GLY B 1 59 ? 4.489   -19.617 2.339   1.00 36.71 ? 66  GLY B C   1 
ATOM   962  O  O   . GLY B 1 59 ? 5.654   -19.794 2.718   1.00 36.76 ? 66  GLY B O   1 
ATOM   963  N  N   . VAL B 1 60 ? 3.763   -18.563 2.680   1.00 33.07 ? 67  VAL B N   1 
ATOM   964  C  CA  . VAL B 1 60 ? 4.255   -17.553 3.589   1.00 29.57 ? 67  VAL B CA  1 
ATOM   965  C  C   . VAL B 1 60 ? 3.122   -17.329 4.566   1.00 28.22 ? 67  VAL B C   1 
ATOM   966  O  O   . VAL B 1 60 ? 1.990   -17.067 4.174   1.00 26.34 ? 67  VAL B O   1 
ATOM   967  C  CB  . VAL B 1 60 ? 4.569   -16.234 2.868   1.00 31.29 ? 67  VAL B CB  1 
ATOM   968  C  CG1 . VAL B 1 60 ? 4.941   -15.163 3.890   1.00 30.88 ? 67  VAL B CG1 1 
ATOM   969  C  CG2 . VAL B 1 60 ? 5.722   -16.446 1.887   1.00 32.63 ? 67  VAL B CG2 1 
ATOM   970  N  N   . GLN B 1 61 ? 3.417   -17.462 5.847   1.00 25.87 ? 68  GLN B N   1 
ATOM   971  C  CA  . GLN B 1 61 ? 2.390   -17.253 6.847   1.00 25.94 ? 68  GLN B CA  1 
ATOM   972  C  C   . GLN B 1 61 ? 2.734   -15.974 7.576   1.00 24.92 ? 68  GLN B C   1 
ATOM   973  O  O   . GLN B 1 61 ? 3.881   -15.766 7.976   1.00 27.55 ? 68  GLN B O   1 
ATOM   974  C  CB  . GLN B 1 61 ? 2.340   -18.452 7.786   1.00 28.24 ? 68  GLN B CB  1 
ATOM   975  C  CG  . GLN B 1 61 ? 1.746   -19.666 7.089   1.00 33.32 ? 68  GLN B CG  1 
ATOM   976  C  CD  . GLN B 1 61 ? 1.834   -20.920 7.913   1.00 35.87 ? 68  GLN B CD  1 
ATOM   977  O  OE1 . GLN B 1 61 ? 1.422   -20.941 9.073   1.00 39.35 ? 68  GLN B OE1 1 
ATOM   978  N  NE2 . GLN B 1 61 ? 2.367   -21.982 7.318   1.00 37.15 ? 68  GLN B NE2 1 
ATOM   979  N  N   . ALA B 1 62 ? 1.743   -15.104 7.714   1.00 23.46 ? 69  ALA B N   1 
ATOM   980  C  CA  . ALA B 1 62 ? 1.950   -13.824 8.366   1.00 24.63 ? 69  ALA B CA  1 
ATOM   981  C  C   . ALA B 1 62 ? 0.968   -13.698 9.518   1.00 24.88 ? 69  ALA B C   1 
ATOM   982  O  O   . ALA B 1 62 ? -0.235  -13.845 9.341   1.00 26.15 ? 69  ALA B O   1 
ATOM   983  C  CB  . ALA B 1 62 ? 1.741   -12.694 7.357   1.00 23.33 ? 69  ALA B CB  1 
ATOM   984  N  N   . ILE B 1 63 ? 1.493   -13.422 10.704  1.00 29.05 ? 70  ILE B N   1 
ATOM   985  C  CA  . ILE B 1 63 ? 0.650   -13.292 11.875  1.00 31.02 ? 70  ILE B CA  1 
ATOM   986  C  C   . ILE B 1 63 ? 0.101   -11.887 12.003  1.00 31.35 ? 70  ILE B C   1 
ATOM   987  O  O   . ILE B 1 63 ? 0.791   -10.978 12.463  1.00 31.80 ? 70  ILE B O   1 
ATOM   988  C  CB  . ILE B 1 63 ? 1.414   -13.659 13.172  1.00 31.93 ? 70  ILE B CB  1 
ATOM   989  C  CG1 . ILE B 1 63 ? 1.833   -15.128 13.131  1.00 34.54 ? 70  ILE B CG1 1 
ATOM   990  C  CG2 . ILE B 1 63 ? 0.526   -13.415 14.386  1.00 33.95 ? 70  ILE B CG2 1 
ATOM   991  C  CD1 . ILE B 1 63 ? 2.914   -15.427 12.143  1.00 37.06 ? 70  ILE B CD1 1 
ATOM   992  N  N   . PHE B 1 64 ? -1.145  -11.724 11.582  1.00 32.17 ? 71  PHE B N   1 
ATOM   993  C  CA  . PHE B 1 64 ? -1.834  -10.444 11.657  1.00 33.76 ? 71  PHE B CA  1 
ATOM   994  C  C   . PHE B 1 64 ? -2.912  -10.515 12.730  1.00 34.41 ? 71  PHE B C   1 
ATOM   995  O  O   . PHE B 1 64 ? -3.843  -9.712  12.741  1.00 35.32 ? 71  PHE B O   1 
ATOM   996  C  CB  . PHE B 1 64 ? -2.490  -10.089 10.317  1.00 32.01 ? 71  PHE B CB  1 
ATOM   997  C  CG  . PHE B 1 64 ? -1.567  -9.415  9.342   1.00 32.56 ? 71  PHE B CG  1 
ATOM   998  C  CD1 . PHE B 1 64 ? -1.003  -10.123 8.286   1.00 32.91 ? 71  PHE B CD1 1 
ATOM   999  C  CD2 . PHE B 1 64 ? -1.269  -8.059  9.474   1.00 31.66 ? 71  PHE B CD2 1 
ATOM   1000 C  CE1 . PHE B 1 64 ? -0.150  -9.479  7.370   1.00 33.24 ? 71  PHE B CE1 1 
ATOM   1001 C  CE2 . PHE B 1 64 ? -0.424  -7.417  8.575   1.00 30.74 ? 71  PHE B CE2 1 
ATOM   1002 C  CZ  . PHE B 1 64 ? 0.136   -8.127  7.524   1.00 32.00 ? 71  PHE B CZ  1 
ATOM   1003 N  N   . GLY B 1 65 ? -2.790  -11.492 13.622  1.00 35.51 ? 72  GLY B N   1 
ATOM   1004 C  CA  . GLY B 1 65 ? -3.761  -11.630 14.694  1.00 36.90 ? 72  GLY B CA  1 
ATOM   1005 C  C   . GLY B 1 65 ? -5.207  -11.774 14.258  1.00 37.57 ? 72  GLY B C   1 
ATOM   1006 O  O   . GLY B 1 65 ? -5.510  -12.401 13.239  1.00 37.84 ? 72  GLY B O   1 
ATOM   1007 N  N   . THR B 1 66 ? -6.107  -11.178 15.035  1.00 37.53 ? 73  THR B N   1 
ATOM   1008 C  CA  . THR B 1 66 ? -7.540  -11.255 14.762  1.00 39.00 ? 73  THR B CA  1 
ATOM   1009 C  C   . THR B 1 66 ? -7.972  -10.588 13.464  1.00 38.18 ? 73  THR B C   1 
ATOM   1010 O  O   . THR B 1 66 ? -9.094  -10.791 13.003  1.00 39.50 ? 73  THR B O   1 
ATOM   1011 C  CB  . THR B 1 66 ? -8.354  -10.638 15.919  1.00 40.33 ? 73  THR B CB  1 
ATOM   1012 O  OG1 . THR B 1 66 ? -8.054  -9.238  16.023  1.00 43.51 ? 73  THR B OG1 1 
ATOM   1013 C  CG2 . THR B 1 66 ? -7.997  -11.319 17.226  1.00 41.24 ? 73  THR B CG2 1 
ATOM   1014 N  N   . LYS B 1 67 ? -7.092  -9.790  12.872  1.00 37.17 ? 74  LYS B N   1 
ATOM   1015 C  CA  . LYS B 1 67 ? -7.428  -9.114  11.626  1.00 35.31 ? 74  LYS B CA  1 
ATOM   1016 C  C   . LYS B 1 67 ? -7.219  -10.024 10.415  1.00 33.65 ? 74  LYS B C   1 
ATOM   1017 O  O   . LYS B 1 67 ? -7.793  -9.781  9.357   1.00 31.91 ? 74  LYS B O   1 
ATOM   1018 C  CB  . LYS B 1 67 ? -6.571  -7.858  11.450  1.00 35.97 ? 74  LYS B CB  1 
ATOM   1019 C  CG  . LYS B 1 67 ? -6.717  -6.820  12.554  1.00 40.05 ? 74  LYS B CG  1 
ATOM   1020 C  CD  . LYS B 1 67 ? -5.863  -5.587  12.252  1.00 42.90 ? 74  LYS B CD  1 
ATOM   1021 C  CE  . LYS B 1 67 ? -5.922  -4.566  13.386  1.00 45.76 ? 74  LYS B CE  1 
ATOM   1022 N  NZ  . LYS B 1 67 ? -5.048  -3.384  13.135  1.00 45.30 ? 74  LYS B NZ  1 
ATOM   1023 N  N   . SER B 1 68 ? -6.415  -11.076 10.582  1.00 32.12 ? 75  SER B N   1 
ATOM   1024 C  CA  . SER B 1 68 ? -6.093  -11.993 9.478   1.00 30.76 ? 75  SER B CA  1 
ATOM   1025 C  C   . SER B 1 68 ? -7.241  -12.349 8.547   1.00 32.19 ? 75  SER B C   1 
ATOM   1026 O  O   . SER B 1 68 ? -7.142  -12.171 7.331   1.00 30.81 ? 75  SER B O   1 
ATOM   1027 C  CB  . SER B 1 68 ? -5.468  -13.278 10.018  1.00 28.97 ? 75  SER B CB  1 
ATOM   1028 O  OG  . SER B 1 68 ? -4.261  -12.999 10.703  1.00 29.49 ? 75  SER B OG  1 
ATOM   1029 N  N   . ASP B 1 69 ? -8.329  -12.867 9.101   1.00 34.82 ? 76  ASP B N   1 
ATOM   1030 C  CA  . ASP B 1 69 ? -9.473  -13.239 8.279   1.00 36.61 ? 76  ASP B CA  1 
ATOM   1031 C  C   . ASP B 1 69 ? -9.998  -12.070 7.447   1.00 36.58 ? 76  ASP B C   1 
ATOM   1032 O  O   . ASP B 1 69 ? -10.364 -12.234 6.282   1.00 35.65 ? 76  ASP B O   1 
ATOM   1033 C  CB  . ASP B 1 69 ? -10.597 -13.793 9.156   1.00 40.82 ? 76  ASP B CB  1 
ATOM   1034 C  CG  . ASP B 1 69 ? -11.883 -14.023 8.379   1.00 43.42 ? 76  ASP B CG  1 
ATOM   1035 O  OD1 . ASP B 1 69 ? -11.884 -14.876 7.465   1.00 46.41 ? 76  ASP B OD1 1 
ATOM   1036 O  OD2 . ASP B 1 69 ? -12.889 -13.345 8.682   1.00 46.34 ? 76  ASP B OD2 1 
ATOM   1037 N  N   . ASN B 1 70 ? -10.038 -10.884 8.039   1.00 36.27 ? 77  ASN B N   1 
ATOM   1038 C  CA  . ASN B 1 70 ? -10.537 -9.714  7.323   1.00 36.25 ? 77  ASN B CA  1 
ATOM   1039 C  C   . ASN B 1 70 ? -9.594  -9.284  6.189   1.00 33.63 ? 77  ASN B C   1 
ATOM   1040 O  O   . ASN B 1 70 ? -10.046 -8.940  5.102   1.00 30.89 ? 77  ASN B O   1 
ATOM   1041 C  CB  . ASN B 1 70 ? -10.742 -8.551  8.300   1.00 40.39 ? 77  ASN B CB  1 
ATOM   1042 C  CG  . ASN B 1 70 ? -11.648 -7.477  7.740   1.00 43.74 ? 77  ASN B CG  1 
ATOM   1043 O  OD1 . ASN B 1 70 ? -11.330 -6.838  6.737   1.00 47.11 ? 77  ASN B OD1 1 
ATOM   1044 N  ND2 . ASN B 1 70 ? -12.794 -7.273  8.389   1.00 47.40 ? 77  ASN B ND2 1 
ATOM   1045 N  N   . LEU B 1 71 ? -8.290  -9.307  6.442   1.00 31.85 ? 78  LEU B N   1 
ATOM   1046 C  CA  . LEU B 1 71 ? -7.324  -8.926  5.411   1.00 30.41 ? 78  LEU B CA  1 
ATOM   1047 C  C   . LEU B 1 71 ? -7.376  -9.917  4.254   1.00 29.65 ? 78  LEU B C   1 
ATOM   1048 O  O   . LEU B 1 71 ? -7.297  -9.536  3.086   1.00 27.65 ? 78  LEU B O   1 
ATOM   1049 C  CB  . LEU B 1 71 ? -5.915  -8.890  5.992   1.00 30.60 ? 78  LEU B CB  1 
ATOM   1050 C  CG  . LEU B 1 71 ? -5.687  -7.828  7.066   1.00 30.41 ? 78  LEU B CG  1 
ATOM   1051 C  CD1 . LEU B 1 71 ? -4.293  -7.972  7.637   1.00 31.93 ? 78  LEU B CD1 1 
ATOM   1052 C  CD2 . LEU B 1 71 ? -5.888  -6.447  6.469   1.00 30.76 ? 78  LEU B CD2 1 
ATOM   1053 N  N   . LYS B 1 72 ? -7.512  -11.194 4.588   1.00 29.26 ? 79  LYS B N   1 
ATOM   1054 C  CA  . LYS B 1 72 ? -7.586  -12.243 3.580   1.00 29.27 ? 79  LYS B CA  1 
ATOM   1055 C  C   . LYS B 1 72 ? -8.725  -11.942 2.612   1.00 29.13 ? 79  LYS B C   1 
ATOM   1056 O  O   . LYS B 1 72 ? -8.544  -11.925 1.390   1.00 25.97 ? 79  LYS B O   1 
ATOM   1057 C  CB  . LYS B 1 72 ? -7.837  -13.593 4.257   1.00 30.80 ? 79  LYS B CB  1 
ATOM   1058 C  CG  . LYS B 1 72 ? -7.575  -14.790 3.367   1.00 33.27 ? 79  LYS B CG  1 
ATOM   1059 C  CD  . LYS B 1 72 ? -8.781  -15.704 3.251   1.00 37.06 ? 79  LYS B CD  1 
ATOM   1060 C  CE  . LYS B 1 72 ? -9.888  -15.056 2.442   1.00 40.85 ? 79  LYS B CE  1 
ATOM   1061 N  NZ  . LYS B 1 72 ? -11.043 -15.996 2.254   1.00 43.50 ? 79  LYS B NZ  1 
ATOM   1062 N  N   . THR B 1 73 ? -9.904  -11.689 3.171   1.00 29.33 ? 80  THR B N   1 
ATOM   1063 C  CA  . THR B 1 73 ? -11.079 -11.405 2.371   1.00 28.61 ? 80  THR B CA  1 
ATOM   1064 C  C   . THR B 1 73 ? -10.910 -10.168 1.492   1.00 28.47 ? 80  THR B C   1 
ATOM   1065 O  O   . THR B 1 73 ? -11.294 -10.181 0.329   1.00 28.68 ? 80  THR B O   1 
ATOM   1066 C  CB  . THR B 1 73 ? -12.327 -11.249 3.269   1.00 32.51 ? 80  THR B CB  1 
ATOM   1067 O  OG1 . THR B 1 73 ? -12.535 -12.468 3.996   1.00 33.90 ? 80  THR B OG1 1 
ATOM   1068 C  CG2 . THR B 1 73 ? -13.553 -10.960 2.432   1.00 31.72 ? 80  THR B CG2 1 
ATOM   1069 N  N   . GLU B 1 74 ? -10.337 -9.106  2.049   1.00 28.22 ? 81  GLU B N   1 
ATOM   1070 C  CA  . GLU B 1 74 ? -10.113 -7.878  1.289   1.00 26.16 ? 81  GLU B CA  1 
ATOM   1071 C  C   . GLU B 1 74 ? -9.124  -8.122  0.150   1.00 24.05 ? 81  GLU B C   1 
ATOM   1072 O  O   . GLU B 1 74 ? -9.266  -7.559  -0.930  1.00 24.84 ? 81  GLU B O   1 
ATOM   1073 C  CB  . GLU B 1 74 ? -9.568  -6.774  2.205   1.00 29.94 ? 81  GLU B CB  1 
ATOM   1074 C  CG  . GLU B 1 74 ? -10.581 -6.263  3.224   1.00 34.55 ? 81  GLU B CG  1 
ATOM   1075 C  CD  . GLU B 1 74 ? -10.035 -5.134  4.095   1.00 39.38 ? 81  GLU B CD  1 
ATOM   1076 O  OE1 . GLU B 1 74 ? -10.771 -4.668  4.998   1.00 40.94 ? 81  GLU B OE1 1 
ATOM   1077 O  OE2 . GLU B 1 74 ? -8.877  -4.712  3.880   1.00 38.92 ? 81  GLU B OE2 1 
HETATM 1078 N  N   . MSE B 1 75 ? -8.124  -8.959  0.399   1.00 25.08 ? 82  MSE B N   1 
HETATM 1079 C  CA  . MSE B 1 75 ? -7.124  -9.265  -0.623  1.00 23.66 ? 82  MSE B CA  1 
HETATM 1080 C  C   . MSE B 1 75 ? -7.792  -9.972  -1.797  1.00 25.47 ? 82  MSE B C   1 
HETATM 1081 O  O   . MSE B 1 75 ? -7.613  -9.581  -2.955  1.00 24.68 ? 82  MSE B O   1 
HETATM 1082 C  CB  . MSE B 1 75 ? -6.013  -10.154 -0.053  1.00 20.55 ? 82  MSE B CB  1 
HETATM 1083 C  CG  . MSE B 1 75 ? -5.114  -9.467  0.955   1.00 19.28 ? 82  MSE B CG  1 
HETATM 1084 SE SE  . MSE B 1 75 ? -3.710  -10.567 1.619   1.00 28.77 ? 82  MSE B SE  1 
HETATM 1085 C  CE  . MSE B 1 75 ? -2.643  -10.787 0.007   1.00 23.30 ? 82  MSE B CE  1 
ATOM   1086 N  N   . ASP B 1 76 ? -8.569  -11.010 -1.500  1.00 26.46 ? 83  ASP B N   1 
ATOM   1087 C  CA  . ASP B 1 76 ? -9.261  -11.732 -2.563  1.00 28.72 ? 83  ASP B CA  1 
ATOM   1088 C  C   . ASP B 1 76 ? -10.151 -10.784 -3.356  1.00 28.66 ? 83  ASP B C   1 
ATOM   1089 O  O   . ASP B 1 76 ? -10.158 -10.805 -4.582  1.00 28.82 ? 83  ASP B O   1 
ATOM   1090 C  CB  . ASP B 1 76 ? -10.128 -12.853 -2.001  1.00 29.18 ? 83  ASP B CB  1 
ATOM   1091 C  CG  . ASP B 1 76 ? -10.999 -13.485 -3.069  1.00 32.89 ? 83  ASP B CG  1 
ATOM   1092 O  OD1 . ASP B 1 76 ? -10.481 -14.313 -3.848  1.00 32.77 ? 83  ASP B OD1 1 
ATOM   1093 O  OD2 . ASP B 1 76 ? -12.197 -13.128 -3.153  1.00 36.55 ? 83  ASP B OD2 1 
ATOM   1094 N  N   . GLU B 1 77 ? -10.905 -9.943  -2.654  1.00 30.23 ? 84  GLU B N   1 
ATOM   1095 C  CA  . GLU B 1 77 ? -11.786 -8.997  -3.332  1.00 30.44 ? 84  GLU B CA  1 
ATOM   1096 C  C   . GLU B 1 77 ? -11.007 -8.085  -4.283  1.00 30.49 ? 84  GLU B C   1 
ATOM   1097 O  O   . GLU B 1 77 ? -11.418 -7.851  -5.423  1.00 31.21 ? 84  GLU B O   1 
ATOM   1098 C  CB  . GLU B 1 77 ? -12.557 -8.164  -2.307  1.00 30.81 ? 84  GLU B CB  1 
ATOM   1099 N  N   . TYR B 1 78 ? -9.876  -7.569  -3.815  1.00 28.98 ? 85  TYR B N   1 
ATOM   1100 C  CA  . TYR B 1 78 ? -9.043  -6.700  -4.637  1.00 27.43 ? 85  TYR B CA  1 
ATOM   1101 C  C   . TYR B 1 78 ? -8.452  -7.454  -5.836  1.00 27.21 ? 85  TYR B C   1 
ATOM   1102 O  O   . TYR B 1 78 ? -8.367  -6.916  -6.943  1.00 26.29 ? 85  TYR B O   1 
ATOM   1103 C  CB  . TYR B 1 78 ? -7.912  -6.109  -3.795  1.00 27.83 ? 85  TYR B CB  1 
ATOM   1104 C  CG  . TYR B 1 78 ? -6.782  -5.578  -4.643  1.00 30.68 ? 85  TYR B CG  1 
ATOM   1105 C  CD1 . TYR B 1 78 ? -6.990  -4.531  -5.546  1.00 29.37 ? 85  TYR B CD1 1 
ATOM   1106 C  CD2 . TYR B 1 78 ? -5.512  -6.152  -4.578  1.00 29.12 ? 85  TYR B CD2 1 
ATOM   1107 C  CE1 . TYR B 1 78 ? -5.951  -4.070  -6.362  1.00 35.00 ? 85  TYR B CE1 1 
ATOM   1108 C  CE2 . TYR B 1 78 ? -4.476  -5.702  -5.386  1.00 32.07 ? 85  TYR B CE2 1 
ATOM   1109 C  CZ  . TYR B 1 78 ? -4.694  -4.663  -6.270  1.00 32.34 ? 85  TYR B CZ  1 
ATOM   1110 O  OH  . TYR B 1 78 ? -3.641  -4.189  -7.021  1.00 35.75 ? 85  TYR B OH  1 
ATOM   1111 N  N   . ILE B 1 79 ? -8.051  -8.700  -5.617  1.00 25.54 ? 86  ILE B N   1 
ATOM   1112 C  CA  . ILE B 1 79 ? -7.475  -9.505  -6.695  1.00 27.29 ? 86  ILE B CA  1 
ATOM   1113 C  C   . ILE B 1 79 ? -8.505  -9.823  -7.788  1.00 31.48 ? 86  ILE B C   1 
ATOM   1114 O  O   . ILE B 1 79 ? -8.191  -9.789  -8.980  1.00 29.92 ? 86  ILE B O   1 
ATOM   1115 C  CB  . ILE B 1 79 ? -6.912  -10.827 -6.146  1.00 25.99 ? 86  ILE B CB  1 
ATOM   1116 C  CG1 . ILE B 1 79 ? -5.699  -10.534 -5.257  1.00 23.73 ? 86  ILE B CG1 1 
ATOM   1117 C  CG2 . ILE B 1 79 ? -6.555  -11.766 -7.297  1.00 24.02 ? 86  ILE B CG2 1 
ATOM   1118 C  CD1 . ILE B 1 79 ? -5.212  -11.734 -4.473  1.00 24.23 ? 86  ILE B CD1 1 
ATOM   1119 N  N   . ARG B 1 80 ? -9.727  -10.130 -7.368  1.00 34.11 ? 87  ARG B N   1 
ATOM   1120 C  CA  . ARG B 1 80 ? -10.817 -10.478 -8.281  1.00 39.16 ? 87  ARG B CA  1 
ATOM   1121 C  C   . ARG B 1 80 ? -11.361 -9.264  -9.030  1.00 41.86 ? 87  ARG B C   1 
ATOM   1122 O  O   . ARG B 1 80 ? -11.387 -9.243  -10.264 1.00 44.32 ? 87  ARG B O   1 
ATOM   1123 C  CB  . ARG B 1 80 ? -11.957 -11.139 -7.497  1.00 38.49 ? 87  ARG B CB  1 
ATOM   1124 C  CG  . ARG B 1 80 ? -11.573 -12.447 -6.805  1.00 38.38 ? 87  ARG B CG  1 
ATOM   1125 C  CD  . ARG B 1 80 ? -11.662 -13.603 -7.760  1.00 37.57 ? 87  ARG B CD  1 
ATOM   1126 N  NE  . ARG B 1 80 ? -10.919 -14.779 -7.320  1.00 35.92 ? 87  ARG B NE  1 
ATOM   1127 C  CZ  . ARG B 1 80 ? -10.784 -15.876 -8.062  1.00 37.70 ? 87  ARG B CZ  1 
ATOM   1128 N  NH1 . ARG B 1 80 ? -10.093 -16.913 -7.615  1.00 35.95 ? 87  ARG B NH1 1 
ATOM   1129 N  NH2 . ARG B 1 80 ? -11.357 -15.936 -9.260  1.00 37.90 ? 87  ARG B NH2 1 
ATOM   1130 N  N   . ASN B 1 81 ? -11.801 -8.260  -8.278  1.00 43.94 ? 88  ASN B N   1 
ATOM   1131 C  CA  . ASN B 1 81 ? -12.350 -7.039  -8.858  1.00 46.79 ? 88  ASN B CA  1 
ATOM   1132 C  C   . ASN B 1 81 ? -11.232 -6.081  -9.249  1.00 48.62 ? 88  ASN B C   1 
ATOM   1133 O  O   . ASN B 1 81 ? -11.113 -5.032  -8.581  1.00 49.58 ? 88  ASN B O   1 
ATOM   1134 C  CB  . ASN B 1 81 ? -13.291 -6.361  -7.866  1.00 45.79 ? 88  ASN B CB  1 
HETATM 1135 S  S   . SO4 C 2 .  ? -7.767  21.204  4.210   1.00 64.66 ? 1   SO4 A S   1 
HETATM 1136 O  O1  . SO4 C 2 .  ? -7.424  22.638  4.232   1.00 64.26 ? 1   SO4 A O1  1 
HETATM 1137 O  O2  . SO4 C 2 .  ? -7.652  20.647  5.569   1.00 66.35 ? 1   SO4 A O2  1 
HETATM 1138 O  O3  . SO4 C 2 .  ? -9.152  21.026  3.732   1.00 65.18 ? 1   SO4 A O3  1 
HETATM 1139 O  O4  . SO4 C 2 .  ? -6.835  20.495  3.310   1.00 65.73 ? 1   SO4 A O4  1 
HETATM 1140 S  S   . SO4 D 2 .  ? -4.198  -20.177 13.880  1.00 69.00 ? 2   SO4 B S   1 
HETATM 1141 O  O1  . SO4 D 2 .  ? -5.654  -20.403 13.845  1.00 69.14 ? 2   SO4 B O1  1 
HETATM 1142 O  O2  . SO4 D 2 .  ? -3.766  -19.918 15.266  1.00 68.60 ? 2   SO4 B O2  1 
HETATM 1143 O  O3  . SO4 D 2 .  ? -3.514  -21.378 13.365  1.00 69.79 ? 2   SO4 B O3  1 
HETATM 1144 O  O4  . SO4 D 2 .  ? -3.856  -19.016 13.035  1.00 69.12 ? 2   SO4 B O4  1 
HETATM 1145 O  O   . HOH E 3 .  ? -4.992  8.567   4.478   1.00 29.78 ? 90  HOH A O   1 
HETATM 1146 O  O   . HOH E 3 .  ? -2.720  1.947   -14.417 1.00 35.30 ? 91  HOH A O   1 
HETATM 1147 O  O   . HOH E 3 .  ? -1.892  13.086  -26.997 1.00 53.35 ? 92  HOH A O   1 
HETATM 1148 O  O   . HOH E 3 .  ? -8.489  19.379  -3.142  1.00 39.36 ? 93  HOH A O   1 
HETATM 1149 O  O   . HOH E 3 .  ? -12.757 15.548  1.321   1.00 35.58 ? 94  HOH A O   1 
HETATM 1150 O  O   . HOH E 3 .  ? -10.646 2.458   -4.130  1.00 39.05 ? 95  HOH A O   1 
HETATM 1151 O  O   . HOH E 3 .  ? -0.960  -0.864  -9.826  1.00 51.25 ? 96  HOH A O   1 
HETATM 1152 O  O   . HOH E 3 .  ? -5.028  16.178  -14.090 1.00 61.89 ? 97  HOH A O   1 
HETATM 1153 O  O   . HOH E 3 .  ? -8.605  18.410  -7.403  1.00 42.96 ? 98  HOH A O   1 
HETATM 1154 O  O   . HOH E 3 .  ? -6.042  10.601  6.652   1.00 48.75 ? 99  HOH A O   1 
HETATM 1155 O  O   . HOH E 3 .  ? -5.369  5.870   8.323   1.00 49.37 ? 100 HOH A O   1 
HETATM 1156 O  O   . HOH E 3 .  ? -4.491  2.792   7.070   1.00 41.96 ? 101 HOH A O   1 
HETATM 1157 O  O   . HOH E 3 .  ? -1.446  0.463   -1.784  1.00 20.79 ? 102 HOH A O   1 
HETATM 1158 O  O   . HOH E 3 .  ? -2.201  7.348   -18.376 1.00 41.66 ? 103 HOH A O   1 
HETATM 1159 O  O   . HOH E 3 .  ? -1.589  10.146  -13.637 1.00 32.31 ? 104 HOH A O   1 
HETATM 1160 O  O   . HOH E 3 .  ? -0.958  4.681   -19.483 1.00 39.10 ? 105 HOH A O   1 
HETATM 1161 O  O   . HOH E 3 .  ? -4.825  10.978  -18.038 1.00 55.11 ? 106 HOH A O   1 
HETATM 1162 O  O   . HOH E 3 .  ? -4.235  11.654  -15.629 1.00 50.86 ? 107 HOH A O   1 
HETATM 1163 O  O   . HOH E 3 .  ? 7.808   16.652  8.711   1.00 35.88 ? 108 HOH A O   1 
HETATM 1164 O  O   . HOH E 3 .  ? 10.584  10.475  4.615   1.00 32.07 ? 109 HOH A O   1 
HETATM 1165 O  O   . HOH E 3 .  ? 6.824   4.942   9.575   1.00 28.60 ? 110 HOH A O   1 
HETATM 1166 O  O   . HOH E 3 .  ? 5.379   -1.748  -3.675  1.00 29.32 ? 111 HOH A O   1 
HETATM 1167 O  O   . HOH E 3 .  ? 5.167   -2.290  3.549   1.00 22.38 ? 112 HOH A O   1 
HETATM 1168 O  O   . HOH E 3 .  ? 6.986   -0.411  3.366   1.00 29.00 ? 113 HOH A O   1 
HETATM 1169 O  O   . HOH E 3 .  ? 0.861   -5.581  -6.867  1.00 26.83 ? 114 HOH A O   1 
HETATM 1170 O  O   . HOH E 3 .  ? 6.121   2.351   -7.147  1.00 27.18 ? 115 HOH A O   1 
HETATM 1171 O  O   . HOH E 3 .  ? 5.093   0.150   -6.251  1.00 28.31 ? 116 HOH A O   1 
HETATM 1172 O  O   . HOH E 3 .  ? 10.211  6.948   -2.181  1.00 32.12 ? 117 HOH A O   1 
HETATM 1173 O  O   . HOH E 3 .  ? 9.462   4.127   -4.497  1.00 42.37 ? 118 HOH A O   1 
HETATM 1174 O  O   . HOH E 3 .  ? 3.522   -0.109  -8.200  1.00 54.36 ? 119 HOH A O   1 
HETATM 1175 O  O   . HOH E 3 .  ? 4.187   5.117   9.688   1.00 40.41 ? 120 HOH A O   1 
HETATM 1176 O  O   . HOH E 3 .  ? 12.594  12.758  2.618   1.00 39.58 ? 121 HOH A O   1 
HETATM 1177 O  O   . HOH E 3 .  ? 13.371  19.981  -0.834  1.00 48.40 ? 122 HOH A O   1 
HETATM 1178 O  O   . HOH E 3 .  ? -2.924  10.670  -19.683 1.00 40.42 ? 123 HOH A O   1 
HETATM 1179 O  O   . HOH E 3 .  ? -3.112  14.790  -12.673 1.00 44.51 ? 124 HOH A O   1 
HETATM 1180 O  O   . HOH E 3 .  ? -2.960  8.074   -14.367 1.00 41.32 ? 125 HOH A O   1 
HETATM 1181 O  O   . HOH E 3 .  ? -4.558  7.014   -12.748 1.00 27.66 ? 126 HOH A O   1 
HETATM 1182 O  O   . HOH E 3 .  ? -2.913  25.286  -0.968  1.00 36.82 ? 127 HOH A O   1 
HETATM 1183 O  O   . HOH E 3 .  ? -4.271  25.440  -5.294  1.00 67.37 ? 128 HOH A O   1 
HETATM 1184 O  O   . HOH E 3 .  ? -0.850  25.622  -2.981  1.00 50.41 ? 129 HOH A O   1 
HETATM 1185 O  O   . HOH E 3 .  ? -4.180  14.356  -26.739 1.00 59.74 ? 130 HOH A O   1 
HETATM 1186 O  O   . HOH E 3 .  ? 4.869   0.460   10.384  1.00 39.81 ? 131 HOH A O   1 
HETATM 1187 O  O   . HOH E 3 .  ? 13.481  14.346  4.574   1.00 63.18 ? 132 HOH A O   1 
HETATM 1188 O  O   . HOH E 3 .  ? 11.439  23.628  -1.673  1.00 57.84 ? 133 HOH A O   1 
HETATM 1189 O  O   . HOH E 3 .  ? 0.360   21.213  -7.571  1.00 54.47 ? 134 HOH A O   1 
HETATM 1190 O  O   . HOH E 3 .  ? 5.864   21.672  -10.211 1.00 49.74 ? 135 HOH A O   1 
HETATM 1191 O  O   . HOH E 3 .  ? -9.366  17.934  -12.568 1.00 54.81 ? 136 HOH A O   1 
HETATM 1192 O  O   . HOH E 3 .  ? -7.646  6.878   -13.269 1.00 46.14 ? 137 HOH A O   1 
HETATM 1193 O  O   . HOH E 3 .  ? 13.230  17.266  1.788   1.00 47.07 ? 138 HOH A O   1 
HETATM 1194 O  O   . HOH E 3 .  ? -9.178  2.416   6.656   1.00 53.72 ? 139 HOH A O   1 
HETATM 1195 O  O   . HOH E 3 .  ? -4.726  22.799  5.368   1.00 38.40 ? 140 HOH A O   1 
HETATM 1196 O  O   . HOH E 3 .  ? 12.534  19.323  -3.473  1.00 35.44 ? 141 HOH A O   1 
HETATM 1197 O  O   . HOH E 3 .  ? -9.697  7.522   -11.735 1.00 47.14 ? 142 HOH A O   1 
HETATM 1198 O  O   . HOH E 3 .  ? -10.236 -3.081  -6.231  1.00 37.85 ? 143 HOH A O   1 
HETATM 1199 O  O   . HOH E 3 .  ? -9.861  -2.655  -0.206  1.00 37.84 ? 144 HOH A O   1 
HETATM 1200 O  O   . HOH E 3 .  ? 9.294   4.919   9.738   1.00 55.12 ? 145 HOH A O   1 
HETATM 1201 O  O   . HOH E 3 .  ? 3.345   13.460  15.594  1.00 46.57 ? 146 HOH A O   1 
HETATM 1202 O  O   . HOH E 3 .  ? 0.901   23.270  -4.422  1.00 46.95 ? 147 HOH A O   1 
HETATM 1203 O  O   . HOH E 3 .  ? -0.995  15.693  -18.585 1.00 51.76 ? 148 HOH A O   1 
HETATM 1204 O  O   . HOH E 3 .  ? 4.554   17.914  -12.068 1.00 46.82 ? 149 HOH A O   1 
HETATM 1205 O  O   . HOH E 3 .  ? 4.882   3.723   -8.871  1.00 38.65 ? 150 HOH A O   1 
HETATM 1206 O  O   . HOH E 3 .  ? -2.313  8.172   8.999   1.00 56.61 ? 151 HOH A O   1 
HETATM 1207 O  O   . HOH E 3 .  ? 4.841   13.330  13.532  1.00 57.41 ? 152 HOH A O   1 
HETATM 1208 O  O   . HOH E 3 .  ? 5.416   10.238  15.687  1.00 54.48 ? 153 HOH A O   1 
HETATM 1209 O  O   . HOH E 3 .  ? -7.677  2.944   -13.329 1.00 56.71 ? 154 HOH A O   1 
HETATM 1210 O  O   . HOH E 3 .  ? -1.617  -0.968  -13.177 1.00 52.83 ? 155 HOH A O   1 
HETATM 1211 O  O   . HOH E 3 .  ? 12.590  0.538   4.919   1.00 45.82 ? 156 HOH A O   1 
HETATM 1212 O  O   . HOH E 3 .  ? 13.615  2.932   3.912   1.00 48.42 ? 157 HOH A O   1 
HETATM 1213 O  O   . HOH E 3 .  ? -1.074  9.492   11.343  1.00 55.02 ? 158 HOH A O   1 
HETATM 1214 O  O   . HOH E 3 .  ? -6.594  1.699   6.033   1.00 49.28 ? 159 HOH A O   1 
HETATM 1215 O  O   . HOH E 3 .  ? -2.173  17.540  -22.006 1.00 59.40 ? 160 HOH A O   1 
HETATM 1216 O  O   . HOH E 3 .  ? -2.381  13.592  -14.471 1.00 37.34 ? 161 HOH A O   1 
HETATM 1217 O  O   . HOH E 3 .  ? 10.375  18.168  3.957   1.00 43.58 ? 162 HOH A O   1 
HETATM 1218 O  O   . HOH E 3 .  ? -16.105 25.737  -9.235  1.00 50.27 ? 163 HOH A O   1 
HETATM 1219 O  O   . HOH E 3 .  ? 14.214  13.493  -4.605  1.00 43.84 ? 164 HOH A O   1 
HETATM 1220 O  O   . HOH E 3 .  ? -5.282  23.553  -15.274 1.00 49.33 ? 165 HOH A O   1 
HETATM 1221 O  O   . HOH E 3 .  ? -7.073  22.668  -9.444  1.00 49.65 ? 166 HOH A O   1 
HETATM 1222 O  O   . HOH E 3 .  ? -7.424  16.007  -14.722 1.00 52.72 ? 167 HOH A O   1 
HETATM 1223 O  O   . HOH E 3 .  ? -9.020  -0.089  -11.291 1.00 49.54 ? 168 HOH A O   1 
HETATM 1224 O  O   . HOH E 3 .  ? -2.120  3.144   16.351  1.00 45.72 ? 169 HOH A O   1 
HETATM 1225 O  O   . HOH E 3 .  ? -3.845  22.535  -20.493 1.00 50.03 ? 170 HOH A O   1 
HETATM 1226 O  O   . HOH E 3 .  ? -1.384  13.777  -20.650 1.00 44.54 ? 171 HOH A O   1 
HETATM 1227 O  O   . HOH E 3 .  ? 13.826  20.907  -9.768  1.00 49.91 ? 172 HOH A O   1 
HETATM 1228 O  O   . HOH E 3 .  ? -10.255 23.075  -4.559  1.00 44.40 ? 173 HOH A O   1 
HETATM 1229 O  O   . HOH E 3 .  ? 14.148  13.499  0.685   1.00 48.39 ? 174 HOH A O   1 
HETATM 1230 O  O   . HOH F 3 .  ? -8.499  -3.709  6.265   1.00 51.33 ? 91  HOH B O   1 
HETATM 1231 O  O   . HOH F 3 .  ? 0.091   -8.390  14.450  1.00 40.84 ? 92  HOH B O   1 
HETATM 1232 O  O   . HOH F 3 .  ? -10.513 -10.526 10.930  1.00 40.80 ? 93  HOH B O   1 
HETATM 1233 O  O   . HOH F 3 .  ? 7.343   -22.063 -8.272  1.00 43.74 ? 94  HOH B O   1 
HETATM 1234 O  O   . HOH F 3 .  ? 6.026   -14.852 -9.541  1.00 25.55 ? 95  HOH B O   1 
HETATM 1235 O  O   . HOH F 3 .  ? -3.649  -13.850 -7.718  1.00 20.86 ? 96  HOH B O   1 
HETATM 1236 O  O   . HOH F 3 .  ? -2.940  -20.385 1.092   1.00 32.58 ? 97  HOH B O   1 
HETATM 1237 O  O   . HOH F 3 .  ? -8.335  -13.979 12.026  1.00 36.86 ? 98  HOH B O   1 
HETATM 1238 O  O   . HOH F 3 .  ? 4.303   -15.834 -11.213 1.00 21.38 ? 99  HOH B O   1 
HETATM 1239 O  O   . HOH F 3 .  ? 1.078   -1.235  11.518  1.00 46.47 ? 100 HOH B O   1 
HETATM 1240 O  O   . HOH F 3 .  ? -1.594  -0.537  8.910   1.00 55.78 ? 101 HOH B O   1 
HETATM 1241 O  O   . HOH F 3 .  ? -7.992  -2.455  1.606   1.00 33.93 ? 102 HOH B O   1 
HETATM 1242 O  O   . HOH F 3 .  ? -10.575 -4.929  -1.127  1.00 31.45 ? 103 HOH B O   1 
HETATM 1243 O  O   . HOH F 3 .  ? 7.249   -7.729  -2.886  1.00 38.06 ? 104 HOH B O   1 
HETATM 1244 O  O   . HOH F 3 .  ? 11.077  -13.469 0.841   1.00 35.49 ? 105 HOH B O   1 
HETATM 1245 O  O   . HOH F 3 .  ? 9.367   -19.941 -4.002  1.00 30.84 ? 106 HOH B O   1 
HETATM 1246 O  O   . HOH F 3 .  ? 0.014   -6.951  -8.978  1.00 30.02 ? 107 HOH B O   1 
HETATM 1247 O  O   . HOH F 3 .  ? 10.861  -17.830 7.537   1.00 42.59 ? 108 HOH B O   1 
HETATM 1248 O  O   . HOH F 3 .  ? 12.117  -10.407 2.897   1.00 38.76 ? 109 HOH B O   1 
HETATM 1249 O  O   . HOH F 3 .  ? -10.900 1.183   -0.613  1.00 38.73 ? 110 HOH B O   1 
HETATM 1250 O  O   . HOH F 3 .  ? -12.037 2.257   2.122   1.00 40.61 ? 111 HOH B O   1 
HETATM 1251 O  O   . HOH F 3 .  ? -12.860 -0.041  2.761   1.00 46.95 ? 112 HOH B O   1 
HETATM 1252 O  O   . HOH F 3 .  ? -13.958 9.590   3.925   1.00 47.67 ? 113 HOH B O   1 
HETATM 1253 O  O   . HOH F 3 .  ? 5.332   -6.348  -5.540  1.00 35.96 ? 114 HOH B O   1 
HETATM 1254 O  O   . HOH F 3 .  ? -4.114  0.203   8.500   1.00 57.07 ? 115 HOH B O   1 
HETATM 1255 O  O   . HOH F 3 .  ? -6.885  -6.591  -9.230  1.00 60.48 ? 116 HOH B O   1 
HETATM 1256 O  O   . HOH F 3 .  ? -2.229  -5.957  -9.415  1.00 38.27 ? 117 HOH B O   1 
HETATM 1257 O  O   . HOH F 3 .  ? 3.715   -24.722 1.335   1.00 60.86 ? 118 HOH B O   1 
HETATM 1258 O  O   . HOH F 3 .  ? 10.123  -4.538  9.179   1.00 37.35 ? 119 HOH B O   1 
HETATM 1259 O  O   . HOH F 3 .  ? 11.966  -6.364  9.711   1.00 45.64 ? 120 HOH B O   1 
HETATM 1260 O  O   . HOH F 3 .  ? 8.560   -3.795  11.621  1.00 51.31 ? 121 HOH B O   1 
HETATM 1261 O  O   . HOH F 3 .  ? 12.765  -8.990  7.191   1.00 43.42 ? 122 HOH B O   1 
HETATM 1262 O  O   . HOH F 3 .  ? -2.511  -5.319  12.325  1.00 65.67 ? 123 HOH B O   1 
HETATM 1263 O  O   . HOH F 3 .  ? 13.144  -19.427 8.889   1.00 46.76 ? 124 HOH B O   1 
HETATM 1264 O  O   . HOH F 3 .  ? -2.072  -24.110 -1.399  1.00 54.13 ? 125 HOH B O   1 
HETATM 1265 O  O   . HOH F 3 .  ? -2.683  -22.793 3.270   1.00 52.17 ? 126 HOH B O   1 
HETATM 1266 O  O   . HOH F 3 .  ? -4.967  -9.479  17.225  1.00 57.02 ? 127 HOH B O   1 
HETATM 1267 O  O   . HOH F 3 .  ? -7.661  -21.618 12.043  1.00 33.91 ? 128 HOH B O   1 
HETATM 1268 O  O   . HOH F 3 .  ? -0.752  -19.752 15.131  1.00 44.49 ? 129 HOH B O   1 
HETATM 1269 O  O   . HOH F 3 .  ? 1.354   -9.385  -10.910 1.00 30.79 ? 130 HOH B O   1 
HETATM 1270 O  O   . HOH F 3 .  ? 11.648  -19.300 -4.347  1.00 50.27 ? 131 HOH B O   1 
HETATM 1271 O  O   . HOH F 3 .  ? 5.947   -9.650  17.139  1.00 39.17 ? 132 HOH B O   1 
HETATM 1272 O  O   . HOH F 3 .  ? -0.751  -10.107 17.110  1.00 55.34 ? 133 HOH B O   1 
HETATM 1273 O  O   . HOH F 3 .  ? 0.950   0.148   9.007   1.00 50.02 ? 134 HOH B O   1 
HETATM 1274 O  O   . HOH F 3 .  ? -2.820  -7.477  13.673  1.00 58.62 ? 135 HOH B O   1 
HETATM 1275 O  O   . HOH F 3 .  ? 9.919   -26.410 4.911   1.00 44.30 ? 136 HOH B O   1 
HETATM 1276 O  O   . HOH F 3 .  ? -9.074  -3.825  -9.293  1.00 52.93 ? 137 HOH B O   1 
HETATM 1277 O  O   . HOH F 3 .  ? 11.410  -25.764 1.576   1.00 60.99 ? 138 HOH B O   1 
HETATM 1278 O  O   . HOH F 3 .  ? -12.421 -12.288 12.404  1.00 61.35 ? 139 HOH B O   1 
HETATM 1279 O  O   . HOH F 3 .  ? 7.041   -21.202 -3.544  1.00 45.03 ? 140 HOH B O   1 
HETATM 1280 O  O   . HOH F 3 .  ? 11.055  -12.275 8.296   1.00 52.89 ? 141 HOH B O   1 
HETATM 1281 O  O   . HOH F 3 .  ? 10.176  -6.242  13.526  1.00 52.58 ? 142 HOH B O   1 
HETATM 1282 O  O   . HOH F 3 .  ? 10.199  -23.924 4.346   1.00 55.15 ? 143 HOH B O   1 
HETATM 1283 O  O   . HOH F 3 .  ? 13.796  -11.509 4.256   1.00 51.43 ? 144 HOH B O   1 
HETATM 1284 O  O   . HOH F 3 .  ? 12.852  -7.808  2.918   1.00 41.53 ? 145 HOH B O   1 
HETATM 1285 O  O   . HOH F 3 .  ? -11.169 -2.042  3.356   1.00 51.45 ? 146 HOH B O   1 
HETATM 1286 O  O   . HOH F 3 .  ? 10.383  -3.341  3.022   1.00 47.74 ? 147 HOH B O   1 
HETATM 1287 O  O   . HOH F 3 .  ? -0.943  -4.391  -5.415  1.00 37.85 ? 148 HOH B O   1 
HETATM 1288 O  O   . HOH F 3 .  ? -2.642  -4.253  9.931   1.00 51.48 ? 149 HOH B O   1 
HETATM 1289 O  O   . HOH F 3 .  ? -14.921 -8.323  20.477  0.50 47.40 ? 150 HOH B O   1 
HETATM 1290 O  O   . HOH F 3 .  ? -7.195  -1.679  22.277  1.00 50.96 ? 151 HOH B O   1 
HETATM 1291 O  O   . HOH F 3 .  ? -4.093  -1.107  26.531  1.00 62.75 ? 152 HOH B O   1 
HETATM 1292 O  O   . HOH F 3 .  ? -8.632  -1.589  5.353   1.00 45.86 ? 153 HOH B O   1 
HETATM 1293 O  O   . HOH F 3 .  ? 8.405   1.625   10.249  1.00 49.60 ? 154 HOH B O   1 
HETATM 1294 O  O   . HOH F 3 .  ? -14.952 -8.677  -7.559  1.00 50.29 ? 155 HOH B O   1 
HETATM 1295 O  O   . HOH F 3 .  ? 0.003   -0.623  25.860  1.00 53.65 ? 169 HOH B O   1 
HETATM 1296 O  O   . HOH F 3 .  ? -13.207 -3.979  4.509   1.00 52.86 ? 173 HOH B O   1 
HETATM 1297 O  O   . HOH F 3 .  ? -2.523  -22.874 -4.635  1.00 41.45 ? 176 HOH B O   1 
# 
